data_7C5Z
# 
_entry.id   7C5Z 
# 
_audit_conform.dict_name       mmcif_pdbx.dic 
_audit_conform.dict_version    5.398 
_audit_conform.dict_location   http://mmcif.pdb.org/dictionaries/ascii/mmcif_pdbx.dic 
# 
loop_
_database_2.database_id 
_database_2.database_code 
_database_2.pdbx_database_accession 
_database_2.pdbx_DOI 
PDB   7C5Z         pdb_00007c5z 10.2210/pdb7c5z/pdb 
WWPDB D_1300017066 ?            ?                   
# 
loop_
_pdbx_audit_revision_history.ordinal 
_pdbx_audit_revision_history.data_content_type 
_pdbx_audit_revision_history.major_revision 
_pdbx_audit_revision_history.minor_revision 
_pdbx_audit_revision_history.revision_date 
1 'Structure model' 1 0 2020-08-05 
2 'Structure model' 1 1 2024-11-20 
# 
_pdbx_audit_revision_details.ordinal             1 
_pdbx_audit_revision_details.revision_ordinal    1 
_pdbx_audit_revision_details.data_content_type   'Structure model' 
_pdbx_audit_revision_details.provider            repository 
_pdbx_audit_revision_details.type                'Initial release' 
_pdbx_audit_revision_details.description         ? 
_pdbx_audit_revision_details.details             ? 
# 
loop_
_pdbx_audit_revision_group.ordinal 
_pdbx_audit_revision_group.revision_ordinal 
_pdbx_audit_revision_group.data_content_type 
_pdbx_audit_revision_group.group 
1 2 'Structure model' 'Data collection'     
2 2 'Structure model' 'Database references' 
3 2 'Structure model' 'Structure summary'   
# 
loop_
_pdbx_audit_revision_category.ordinal 
_pdbx_audit_revision_category.revision_ordinal 
_pdbx_audit_revision_category.data_content_type 
_pdbx_audit_revision_category.category 
1 2 'Structure model' chem_comp_atom            
2 2 'Structure model' chem_comp_bond            
3 2 'Structure model' database_2                
4 2 'Structure model' pdbx_entry_details        
5 2 'Structure model' pdbx_modification_feature 
# 
loop_
_pdbx_audit_revision_item.ordinal 
_pdbx_audit_revision_item.revision_ordinal 
_pdbx_audit_revision_item.data_content_type 
_pdbx_audit_revision_item.item 
1 2 'Structure model' '_database_2.pdbx_DOI'                         
2 2 'Structure model' '_database_2.pdbx_database_accession'          
3 2 'Structure model' '_pdbx_entry_details.has_protein_modification' 
# 
_pdbx_database_status.status_code                     REL 
_pdbx_database_status.status_code_sf                  REL 
_pdbx_database_status.status_code_mr                  ? 
_pdbx_database_status.entry_id                        7C5Z 
_pdbx_database_status.recvd_initial_deposition_date   2020-05-21 
_pdbx_database_status.SG_entry                        N 
_pdbx_database_status.deposit_site                    PDBJ 
_pdbx_database_status.process_site                    PDBJ 
_pdbx_database_status.status_code_cs                  ? 
_pdbx_database_status.status_code_nmr_data            ? 
_pdbx_database_status.methods_development_category    ? 
_pdbx_database_status.pdb_format_compatible           Y 
# 
loop_
_audit_author.name 
_audit_author.pdbx_ordinal 
_audit_author.identifier_ORCID 
'Wang, Z.X.'   1 ? 
'Guan, H.X.'   2 ? 
'Ouyang, S.Y.' 3 ? 
'Zhang, Y.A.'  4 ? 
# 
_citation.abstract                  ? 
_citation.abstract_id_CAS           ? 
_citation.book_id_ISBN              ? 
_citation.book_publisher            ? 
_citation.book_publisher_city       ? 
_citation.book_title                ? 
_citation.coordinate_linkage        ? 
_citation.country                   US 
_citation.database_id_Medline       ? 
_citation.details                   ? 
_citation.id                        primary 
_citation.journal_abbrev            J.Virol. 
_citation.journal_id_ASTM           JOVIAM 
_citation.journal_id_CSD            0825 
_citation.journal_id_ISSN           1098-5514 
_citation.journal_full              ? 
_citation.journal_issue             ? 
_citation.journal_volume            94 
_citation.language                  ? 
_citation.page_first                ? 
_citation.page_last                 ? 
_citation.title                     
'Structural and Functional Characterization of the Phosphoprotein Central Domain of Spring Viremia of Carp Virus.' 
_citation.year                      2020 
_citation.database_id_CSD           ? 
_citation.pdbx_database_id_DOI      10.1128/JVI.00855-20 
_citation.pdbx_database_id_PubMed   32434890 
_citation.unpublished_flag          ? 
# 
loop_
_citation_author.citation_id 
_citation_author.name 
_citation_author.ordinal 
_citation_author.identifier_ORCID 
primary 'Wang, Z.X.'  1 ?                   
primary 'Liu, S.B.'   2 ?                   
primary 'Guan, H.'    3 ?                   
primary 'Lu, L.F.'    4 ?                   
primary 'Tu, J.G.'    5 0000-0001-5447-4699 
primary 'Ouyang, S.'  6 0000-0002-1120-1524 
primary 'Zhang, Y.A.' 7 ?                   
# 
loop_
_entity.id 
_entity.type 
_entity.src_method 
_entity.pdbx_description 
_entity.formula_weight 
_entity.pdbx_number_of_molecules 
_entity.pdbx_ec 
_entity.pdbx_mutation 
_entity.pdbx_fragment 
_entity.details 
1 polymer man Phosphoprotein 9768.437 2  ? ? 'central domain' ? 
2 water   nat water          18.015   62 ? ? ?                ? 
# 
_entity_poly.entity_id                      1 
_entity_poly.type                           'polypeptide(L)' 
_entity_poly.nstd_linkage                   no 
_entity_poly.nstd_monomer                   yes 
_entity_poly.pdbx_seq_one_letter_code       
;SWEEESTGIDLGFGPGIV(MSE)PSVSNHEGGTYVRYNGLGNVDPNYKNLISK(MSE)(MSE)RSLIGQIGNKYGYDIDL
FDYQGDFLEVFLPHKPSK
;
_entity_poly.pdbx_seq_one_letter_code_can   
;SWEEESTGIDLGFGPGIVMPSVSNHEGGTYVRYNGLGNVDPNYKNLISKMMRSLIGQIGNKYGYDIDLFDYQGDFLEVFL
PHKPSK
;
_entity_poly.pdbx_strand_id                 A,B 
_entity_poly.pdbx_target_identifier         ? 
# 
_pdbx_entity_nonpoly.entity_id   2 
_pdbx_entity_nonpoly.name        water 
_pdbx_entity_nonpoly.comp_id     HOH 
# 
loop_
_entity_poly_seq.entity_id 
_entity_poly_seq.num 
_entity_poly_seq.mon_id 
_entity_poly_seq.hetero 
1 1  SER n 
1 2  TRP n 
1 3  GLU n 
1 4  GLU n 
1 5  GLU n 
1 6  SER n 
1 7  THR n 
1 8  GLY n 
1 9  ILE n 
1 10 ASP n 
1 11 LEU n 
1 12 GLY n 
1 13 PHE n 
1 14 GLY n 
1 15 PRO n 
1 16 GLY n 
1 17 ILE n 
1 18 VAL n 
1 19 MSE n 
1 20 PRO n 
1 21 SER n 
1 22 VAL n 
1 23 SER n 
1 24 ASN n 
1 25 HIS n 
1 26 GLU n 
1 27 GLY n 
1 28 GLY n 
1 29 THR n 
1 30 TYR n 
1 31 VAL n 
1 32 ARG n 
1 33 TYR n 
1 34 ASN n 
1 35 GLY n 
1 36 LEU n 
1 37 GLY n 
1 38 ASN n 
1 39 VAL n 
1 40 ASP n 
1 41 PRO n 
1 42 ASN n 
1 43 TYR n 
1 44 LYS n 
1 45 ASN n 
1 46 LEU n 
1 47 ILE n 
1 48 SER n 
1 49 LYS n 
1 50 MSE n 
1 51 MSE n 
1 52 ARG n 
1 53 SER n 
1 54 LEU n 
1 55 ILE n 
1 56 GLY n 
1 57 GLN n 
1 58 ILE n 
1 59 GLY n 
1 60 ASN n 
1 61 LYS n 
1 62 TYR n 
1 63 GLY n 
1 64 TYR n 
1 65 ASP n 
1 66 ILE n 
1 67 ASP n 
1 68 LEU n 
1 69 PHE n 
1 70 ASP n 
1 71 TYR n 
1 72 GLN n 
1 73 GLY n 
1 74 ASP n 
1 75 PHE n 
1 76 LEU n 
1 77 GLU n 
1 78 VAL n 
1 79 PHE n 
1 80 LEU n 
1 81 PRO n 
1 82 HIS n 
1 83 LYS n 
1 84 PRO n 
1 85 SER n 
1 86 LYS n 
# 
_entity_src_gen.entity_id                          1 
_entity_src_gen.pdbx_src_id                        1 
_entity_src_gen.pdbx_alt_source_flag               sample 
_entity_src_gen.pdbx_seq_type                      'Biological sequence' 
_entity_src_gen.pdbx_beg_seq_num                   1 
_entity_src_gen.pdbx_end_seq_num                   86 
_entity_src_gen.gene_src_common_name               ? 
_entity_src_gen.gene_src_genus                     ? 
_entity_src_gen.pdbx_gene_src_gene                 ? 
_entity_src_gen.gene_src_species                   ? 
_entity_src_gen.gene_src_strain                    ? 
_entity_src_gen.gene_src_tissue                    ? 
_entity_src_gen.gene_src_tissue_fraction           ? 
_entity_src_gen.gene_src_details                   ? 
_entity_src_gen.pdbx_gene_src_fragment             ? 
_entity_src_gen.pdbx_gene_src_scientific_name      'Spring viremia of carp virus' 
_entity_src_gen.pdbx_gene_src_ncbi_taxonomy_id     696863 
_entity_src_gen.pdbx_gene_src_variant              ? 
_entity_src_gen.pdbx_gene_src_cell_line            ? 
_entity_src_gen.pdbx_gene_src_atcc                 ? 
_entity_src_gen.pdbx_gene_src_organ                ? 
_entity_src_gen.pdbx_gene_src_organelle            ? 
_entity_src_gen.pdbx_gene_src_cell                 ? 
_entity_src_gen.pdbx_gene_src_cellular_location    ? 
_entity_src_gen.host_org_common_name               ? 
_entity_src_gen.pdbx_host_org_scientific_name      'Escherichia coli BL21(DE3)' 
_entity_src_gen.pdbx_host_org_ncbi_taxonomy_id     469008 
_entity_src_gen.host_org_genus                     ? 
_entity_src_gen.pdbx_host_org_gene                 ? 
_entity_src_gen.pdbx_host_org_organ                ? 
_entity_src_gen.host_org_species                   ? 
_entity_src_gen.pdbx_host_org_tissue               ? 
_entity_src_gen.pdbx_host_org_tissue_fraction      ? 
_entity_src_gen.pdbx_host_org_strain               'BL21(DE3)' 
_entity_src_gen.pdbx_host_org_variant              ? 
_entity_src_gen.pdbx_host_org_cell_line            ? 
_entity_src_gen.pdbx_host_org_atcc                 ? 
_entity_src_gen.pdbx_host_org_culture_collection   ? 
_entity_src_gen.pdbx_host_org_cell                 ? 
_entity_src_gen.pdbx_host_org_organelle            ? 
_entity_src_gen.pdbx_host_org_cellular_location    ? 
_entity_src_gen.pdbx_host_org_vector_type          ? 
_entity_src_gen.pdbx_host_org_vector               ? 
_entity_src_gen.host_org_details                   ? 
_entity_src_gen.expression_system_id               ? 
_entity_src_gen.plasmid_name                       ? 
_entity_src_gen.plasmid_details                    ? 
_entity_src_gen.pdbx_description                   ? 
# 
loop_
_chem_comp.id 
_chem_comp.type 
_chem_comp.mon_nstd_flag 
_chem_comp.name 
_chem_comp.pdbx_synonyms 
_chem_comp.formula 
_chem_comp.formula_weight 
ARG 'L-peptide linking' y ARGININE         ? 'C6 H15 N4 O2 1' 175.209 
ASN 'L-peptide linking' y ASPARAGINE       ? 'C4 H8 N2 O3'    132.118 
ASP 'L-peptide linking' y 'ASPARTIC ACID'  ? 'C4 H7 N O4'     133.103 
GLN 'L-peptide linking' y GLUTAMINE        ? 'C5 H10 N2 O3'   146.144 
GLU 'L-peptide linking' y 'GLUTAMIC ACID'  ? 'C5 H9 N O4'     147.129 
GLY 'peptide linking'   y GLYCINE          ? 'C2 H5 N O2'     75.067  
HIS 'L-peptide linking' y HISTIDINE        ? 'C6 H10 N3 O2 1' 156.162 
HOH non-polymer         . WATER            ? 'H2 O'           18.015  
ILE 'L-peptide linking' y ISOLEUCINE       ? 'C6 H13 N O2'    131.173 
LEU 'L-peptide linking' y LEUCINE          ? 'C6 H13 N O2'    131.173 
LYS 'L-peptide linking' y LYSINE           ? 'C6 H15 N2 O2 1' 147.195 
MSE 'L-peptide linking' n SELENOMETHIONINE ? 'C5 H11 N O2 Se' 196.106 
PHE 'L-peptide linking' y PHENYLALANINE    ? 'C9 H11 N O2'    165.189 
PRO 'L-peptide linking' y PROLINE          ? 'C5 H9 N O2'     115.130 
SER 'L-peptide linking' y SERINE           ? 'C3 H7 N O3'     105.093 
THR 'L-peptide linking' y THREONINE        ? 'C4 H9 N O3'     119.119 
TRP 'L-peptide linking' y TRYPTOPHAN       ? 'C11 H12 N2 O2'  204.225 
TYR 'L-peptide linking' y TYROSINE         ? 'C9 H11 N O3'    181.189 
VAL 'L-peptide linking' y VALINE           ? 'C5 H11 N O2'    117.146 
# 
loop_
_pdbx_poly_seq_scheme.asym_id 
_pdbx_poly_seq_scheme.entity_id 
_pdbx_poly_seq_scheme.seq_id 
_pdbx_poly_seq_scheme.mon_id 
_pdbx_poly_seq_scheme.ndb_seq_num 
_pdbx_poly_seq_scheme.pdb_seq_num 
_pdbx_poly_seq_scheme.auth_seq_num 
_pdbx_poly_seq_scheme.pdb_mon_id 
_pdbx_poly_seq_scheme.auth_mon_id 
_pdbx_poly_seq_scheme.pdb_strand_id 
_pdbx_poly_seq_scheme.pdb_ins_code 
_pdbx_poly_seq_scheme.hetero 
A 1 1  SER 1  1  1  SER SER A . n 
A 1 2  TRP 2  2  2  TRP TRP A . n 
A 1 3  GLU 3  3  3  GLU GLU A . n 
A 1 4  GLU 4  4  4  GLU GLU A . n 
A 1 5  GLU 5  5  5  GLU GLU A . n 
A 1 6  SER 6  6  6  SER SER A . n 
A 1 7  THR 7  7  7  THR THR A . n 
A 1 8  GLY 8  8  8  GLY GLY A . n 
A 1 9  ILE 9  9  9  ILE ILE A . n 
A 1 10 ASP 10 10 10 ASP ASP A . n 
A 1 11 LEU 11 11 11 LEU LEU A . n 
A 1 12 GLY 12 12 12 GLY GLY A . n 
A 1 13 PHE 13 13 13 PHE PHE A . n 
A 1 14 GLY 14 14 14 GLY GLY A . n 
A 1 15 PRO 15 15 15 PRO PRO A . n 
A 1 16 GLY 16 16 16 GLY GLY A . n 
A 1 17 ILE 17 17 17 ILE ILE A . n 
A 1 18 VAL 18 18 18 VAL VAL A . n 
A 1 19 MSE 19 19 19 MSE MSE A . n 
A 1 20 PRO 20 20 20 PRO PRO A . n 
A 1 21 SER 21 21 21 SER SER A . n 
A 1 22 VAL 22 22 22 VAL VAL A . n 
A 1 23 SER 23 23 23 SER SER A . n 
A 1 24 ASN 24 24 24 ASN ASN A . n 
A 1 25 HIS 25 25 25 HIS HIS A . n 
A 1 26 GLU 26 26 26 GLU GLU A . n 
A 1 27 GLY 27 27 27 GLY GLY A . n 
A 1 28 GLY 28 28 28 GLY GLY A . n 
A 1 29 THR 29 29 29 THR THR A . n 
A 1 30 TYR 30 30 30 TYR TYR A . n 
A 1 31 VAL 31 31 31 VAL VAL A . n 
A 1 32 ARG 32 32 32 ARG ARG A . n 
A 1 33 TYR 33 33 33 TYR TYR A . n 
A 1 34 ASN 34 34 34 ASN ASN A . n 
A 1 35 GLY 35 35 35 GLY GLY A . n 
A 1 36 LEU 36 36 36 LEU LEU A . n 
A 1 37 GLY 37 37 37 GLY GLY A . n 
A 1 38 ASN 38 38 38 ASN ASN A . n 
A 1 39 VAL 39 39 39 VAL VAL A . n 
A 1 40 ASP 40 40 40 ASP ASP A . n 
A 1 41 PRO 41 41 41 PRO PRO A . n 
A 1 42 ASN 42 42 42 ASN ASN A . n 
A 1 43 TYR 43 43 43 TYR TYR A . n 
A 1 44 LYS 44 44 44 LYS LYS A . n 
A 1 45 ASN 45 45 45 ASN ASN A . n 
A 1 46 LEU 46 46 46 LEU LEU A . n 
A 1 47 ILE 47 47 47 ILE ILE A . n 
A 1 48 SER 48 48 48 SER SER A . n 
A 1 49 LYS 49 49 49 LYS LYS A . n 
A 1 50 MSE 50 50 50 MSE MSE A . n 
A 1 51 MSE 51 51 51 MSE MSE A . n 
A 1 52 ARG 52 52 52 ARG ARG A . n 
A 1 53 SER 53 53 53 SER SER A . n 
A 1 54 LEU 54 54 54 LEU LEU A . n 
A 1 55 ILE 55 55 55 ILE ILE A . n 
A 1 56 GLY 56 56 56 GLY GLY A . n 
A 1 57 GLN 57 57 57 GLN GLN A . n 
A 1 58 ILE 58 58 58 ILE ILE A . n 
A 1 59 GLY 59 59 59 GLY GLY A . n 
A 1 60 ASN 60 60 60 ASN ASN A . n 
A 1 61 LYS 61 61 61 LYS LYS A . n 
A 1 62 TYR 62 62 62 TYR TYR A . n 
A 1 63 GLY 63 63 63 GLY GLY A . n 
A 1 64 TYR 64 64 64 TYR TYR A . n 
A 1 65 ASP 65 65 65 ASP ASP A . n 
A 1 66 ILE 66 66 66 ILE ILE A . n 
A 1 67 ASP 67 67 67 ASP ASP A . n 
A 1 68 LEU 68 68 68 LEU LEU A . n 
A 1 69 PHE 69 69 69 PHE PHE A . n 
A 1 70 ASP 70 70 70 ASP ASP A . n 
A 1 71 TYR 71 71 71 TYR TYR A . n 
A 1 72 GLN 72 72 72 GLN GLN A . n 
A 1 73 GLY 73 73 73 GLY GLY A . n 
A 1 74 ASP 74 74 74 ASP ASP A . n 
A 1 75 PHE 75 75 75 PHE PHE A . n 
A 1 76 LEU 76 76 76 LEU LEU A . n 
A 1 77 GLU 77 77 77 GLU GLU A . n 
A 1 78 VAL 78 78 78 VAL VAL A . n 
A 1 79 PHE 79 79 79 PHE PHE A . n 
A 1 80 LEU 80 80 80 LEU LEU A . n 
A 1 81 PRO 81 81 81 PRO PRO A . n 
A 1 82 HIS 82 82 82 HIS HIS A . n 
A 1 83 LYS 83 83 83 LYS LYS A . n 
A 1 84 PRO 84 84 84 PRO PRO A . n 
A 1 85 SER 85 85 85 SER SER A . n 
A 1 86 LYS 86 86 ?  ?   ?   A . n 
B 1 1  SER 1  1  ?  ?   ?   B . n 
B 1 2  TRP 2  2  ?  ?   ?   B . n 
B 1 3  GLU 3  3  ?  ?   ?   B . n 
B 1 4  GLU 4  4  ?  ?   ?   B . n 
B 1 5  GLU 5  5  ?  ?   ?   B . n 
B 1 6  SER 6  6  6  SER SER B . n 
B 1 7  THR 7  7  7  THR THR B . n 
B 1 8  GLY 8  8  8  GLY GLY B . n 
B 1 9  ILE 9  9  9  ILE ILE B . n 
B 1 10 ASP 10 10 10 ASP ASP B . n 
B 1 11 LEU 11 11 11 LEU LEU B . n 
B 1 12 GLY 12 12 12 GLY GLY B . n 
B 1 13 PHE 13 13 13 PHE PHE B . n 
B 1 14 GLY 14 14 14 GLY GLY B . n 
B 1 15 PRO 15 15 15 PRO PRO B . n 
B 1 16 GLY 16 16 16 GLY GLY B . n 
B 1 17 ILE 17 17 17 ILE ILE B . n 
B 1 18 VAL 18 18 18 VAL VAL B . n 
B 1 19 MSE 19 19 19 MSE MSE B . n 
B 1 20 PRO 20 20 20 PRO PRO B . n 
B 1 21 SER 21 21 21 SER SER B . n 
B 1 22 VAL 22 22 22 VAL VAL B . n 
B 1 23 SER 23 23 23 SER SER B . n 
B 1 24 ASN 24 24 24 ASN ASN B . n 
B 1 25 HIS 25 25 25 HIS HIS B . n 
B 1 26 GLU 26 26 26 GLU GLU B . n 
B 1 27 GLY 27 27 27 GLY GLY B . n 
B 1 28 GLY 28 28 28 GLY GLY B . n 
B 1 29 THR 29 29 29 THR THR B . n 
B 1 30 TYR 30 30 30 TYR TYR B . n 
B 1 31 VAL 31 31 31 VAL VAL B . n 
B 1 32 ARG 32 32 32 ARG ARG B . n 
B 1 33 TYR 33 33 33 TYR TYR B . n 
B 1 34 ASN 34 34 34 ASN ASN B . n 
B 1 35 GLY 35 35 35 GLY GLY B . n 
B 1 36 LEU 36 36 36 LEU LEU B . n 
B 1 37 GLY 37 37 37 GLY GLY B . n 
B 1 38 ASN 38 38 38 ASN ASN B . n 
B 1 39 VAL 39 39 39 VAL VAL B . n 
B 1 40 ASP 40 40 40 ASP ASP B . n 
B 1 41 PRO 41 41 41 PRO PRO B . n 
B 1 42 ASN 42 42 42 ASN ASN B . n 
B 1 43 TYR 43 43 43 TYR TYR B . n 
B 1 44 LYS 44 44 44 LYS LYS B . n 
B 1 45 ASN 45 45 45 ASN ASN B . n 
B 1 46 LEU 46 46 46 LEU LEU B . n 
B 1 47 ILE 47 47 47 ILE ILE B . n 
B 1 48 SER 48 48 48 SER SER B . n 
B 1 49 LYS 49 49 49 LYS LYS B . n 
B 1 50 MSE 50 50 50 MSE MSE B . n 
B 1 51 MSE 51 51 51 MSE MSE B . n 
B 1 52 ARG 52 52 52 ARG ARG B . n 
B 1 53 SER 53 53 53 SER SER B . n 
B 1 54 LEU 54 54 54 LEU LEU B . n 
B 1 55 ILE 55 55 55 ILE ILE B . n 
B 1 56 GLY 56 56 56 GLY GLY B . n 
B 1 57 GLN 57 57 57 GLN GLN B . n 
B 1 58 ILE 58 58 58 ILE ILE B . n 
B 1 59 GLY 59 59 59 GLY GLY B . n 
B 1 60 ASN 60 60 60 ASN ASN B . n 
B 1 61 LYS 61 61 61 LYS LYS B . n 
B 1 62 TYR 62 62 62 TYR TYR B . n 
B 1 63 GLY 63 63 63 GLY GLY B . n 
B 1 64 TYR 64 64 64 TYR TYR B . n 
B 1 65 ASP 65 65 65 ASP ASP B . n 
B 1 66 ILE 66 66 66 ILE ILE B . n 
B 1 67 ASP 67 67 67 ASP ASP B . n 
B 1 68 LEU 68 68 68 LEU LEU B . n 
B 1 69 PHE 69 69 69 PHE PHE B . n 
B 1 70 ASP 70 70 70 ASP ASP B . n 
B 1 71 TYR 71 71 71 TYR TYR B . n 
B 1 72 GLN 72 72 72 GLN GLN B . n 
B 1 73 GLY 73 73 73 GLY GLY B . n 
B 1 74 ASP 74 74 74 ASP ASP B . n 
B 1 75 PHE 75 75 75 PHE PHE B . n 
B 1 76 LEU 76 76 76 LEU LEU B . n 
B 1 77 GLU 77 77 77 GLU GLU B . n 
B 1 78 VAL 78 78 78 VAL VAL B . n 
B 1 79 PHE 79 79 79 PHE PHE B . n 
B 1 80 LEU 80 80 80 LEU LEU B . n 
B 1 81 PRO 81 81 81 PRO PRO B . n 
B 1 82 HIS 82 82 82 HIS HIS B . n 
B 1 83 LYS 83 83 83 LYS LYS B . n 
B 1 84 PRO 84 84 84 PRO PRO B . n 
B 1 85 SER 85 85 85 SER SER B . n 
B 1 86 LYS 86 86 86 LYS LYS B . n 
# 
loop_
_pdbx_nonpoly_scheme.asym_id 
_pdbx_nonpoly_scheme.entity_id 
_pdbx_nonpoly_scheme.mon_id 
_pdbx_nonpoly_scheme.ndb_seq_num 
_pdbx_nonpoly_scheme.pdb_seq_num 
_pdbx_nonpoly_scheme.auth_seq_num 
_pdbx_nonpoly_scheme.pdb_mon_id 
_pdbx_nonpoly_scheme.auth_mon_id 
_pdbx_nonpoly_scheme.pdb_strand_id 
_pdbx_nonpoly_scheme.pdb_ins_code 
C 2 HOH 1  101 47 HOH HOH A . 
C 2 HOH 2  102 6  HOH HOH A . 
C 2 HOH 3  103 65 HOH HOH A . 
C 2 HOH 4  104 14 HOH HOH A . 
C 2 HOH 5  105 19 HOH HOH A . 
C 2 HOH 6  106 58 HOH HOH A . 
C 2 HOH 7  107 21 HOH HOH A . 
C 2 HOH 8  108 23 HOH HOH A . 
C 2 HOH 9  109 35 HOH HOH A . 
C 2 HOH 10 110 3  HOH HOH A . 
C 2 HOH 11 111 25 HOH HOH A . 
C 2 HOH 12 112 39 HOH HOH A . 
C 2 HOH 13 113 18 HOH HOH A . 
C 2 HOH 14 114 16 HOH HOH A . 
C 2 HOH 15 115 49 HOH HOH A . 
C 2 HOH 16 116 2  HOH HOH A . 
C 2 HOH 17 117 10 HOH HOH A . 
C 2 HOH 18 118 8  HOH HOH A . 
C 2 HOH 19 119 22 HOH HOH A . 
C 2 HOH 20 120 12 HOH HOH A . 
C 2 HOH 21 121 43 HOH HOH A . 
C 2 HOH 22 122 24 HOH HOH A . 
C 2 HOH 23 123 1  HOH HOH A . 
C 2 HOH 24 124 26 HOH HOH A . 
C 2 HOH 25 125 36 HOH HOH A . 
C 2 HOH 26 126 57 HOH HOH A . 
C 2 HOH 27 127 17 HOH HOH A . 
C 2 HOH 28 128 38 HOH HOH A . 
C 2 HOH 29 129 52 HOH HOH A . 
C 2 HOH 30 130 48 HOH HOH A . 
C 2 HOH 31 131 31 HOH HOH A . 
C 2 HOH 32 132 27 HOH HOH A . 
C 2 HOH 33 133 50 HOH HOH A . 
C 2 HOH 34 134 44 HOH HOH A . 
C 2 HOH 35 135 55 HOH HOH A . 
C 2 HOH 36 136 46 HOH HOH A . 
C 2 HOH 37 137 59 HOH HOH A . 
C 2 HOH 38 138 62 HOH HOH A . 
D 2 HOH 1  101 20 HOH HOH B . 
D 2 HOH 2  102 41 HOH HOH B . 
D 2 HOH 3  103 4  HOH HOH B . 
D 2 HOH 4  104 29 HOH HOH B . 
D 2 HOH 5  105 56 HOH HOH B . 
D 2 HOH 6  106 37 HOH HOH B . 
D 2 HOH 7  107 13 HOH HOH B . 
D 2 HOH 8  108 32 HOH HOH B . 
D 2 HOH 9  109 28 HOH HOH B . 
D 2 HOH 10 110 42 HOH HOH B . 
D 2 HOH 11 111 5  HOH HOH B . 
D 2 HOH 12 112 30 HOH HOH B . 
D 2 HOH 13 113 9  HOH HOH B . 
D 2 HOH 14 114 7  HOH HOH B . 
D 2 HOH 15 115 11 HOH HOH B . 
D 2 HOH 16 116 54 HOH HOH B . 
D 2 HOH 17 117 15 HOH HOH B . 
D 2 HOH 18 118 33 HOH HOH B . 
D 2 HOH 19 119 60 HOH HOH B . 
D 2 HOH 20 120 45 HOH HOH B . 
D 2 HOH 21 121 53 HOH HOH B . 
D 2 HOH 22 122 51 HOH HOH B . 
D 2 HOH 23 123 34 HOH HOH B . 
D 2 HOH 24 124 40 HOH HOH B . 
# 
loop_
_software.citation_id 
_software.classification 
_software.compiler_name 
_software.compiler_version 
_software.contact_author 
_software.contact_author_email 
_software.date 
_software.description 
_software.dependencies 
_software.hardware 
_software.language 
_software.location 
_software.mods 
_software.name 
_software.os 
_software.os_version 
_software.type 
_software.version 
_software.pdbx_ordinal 
? refinement       ? ? ? ? ? ? ? ? ? ? ? PHENIX   ? ? ? 1.15.2_3472 1 
? 'data reduction' ? ? ? ? ? ? ? ? ? ? ? HKL-2000 ? ? ? .           2 
? 'data scaling'   ? ? ? ? ? ? ? ? ? ? ? HKL-2000 ? ? ? .           3 
? phasing          ? ? ? ? ? ? ? ? ? ? ? PHENIX   ? ? ? .           4 
# 
_cell.angle_alpha                  90.000 
_cell.angle_alpha_esd              ? 
_cell.angle_beta                   90.000 
_cell.angle_beta_esd               ? 
_cell.angle_gamma                  90.000 
_cell.angle_gamma_esd              ? 
_cell.entry_id                     7C5Z 
_cell.details                      ? 
_cell.formula_units_Z              ? 
_cell.length_a                     37.900 
_cell.length_a_esd                 ? 
_cell.length_b                     54.110 
_cell.length_b_esd                 ? 
_cell.length_c                     89.890 
_cell.length_c_esd                 ? 
_cell.volume                       184343.625 
_cell.volume_esd                   ? 
_cell.Z_PDB                        8 
_cell.reciprocal_angle_alpha       ? 
_cell.reciprocal_angle_beta        ? 
_cell.reciprocal_angle_gamma       ? 
_cell.reciprocal_angle_alpha_esd   ? 
_cell.reciprocal_angle_beta_esd    ? 
_cell.reciprocal_angle_gamma_esd   ? 
_cell.reciprocal_length_a          ? 
_cell.reciprocal_length_b          ? 
_cell.reciprocal_length_c          ? 
_cell.reciprocal_length_a_esd      ? 
_cell.reciprocal_length_b_esd      ? 
_cell.reciprocal_length_c_esd      ? 
_cell.pdbx_unique_axis             ? 
# 
_symmetry.entry_id                         7C5Z 
_symmetry.cell_setting                     ? 
_symmetry.Int_Tables_number                19 
_symmetry.space_group_name_Hall            'P 2ac 2ab' 
_symmetry.space_group_name_H-M             'P 21 21 21' 
_symmetry.pdbx_full_space_group_name_H-M   ? 
# 
_exptl.absorpt_coefficient_mu     ? 
_exptl.absorpt_correction_T_max   ? 
_exptl.absorpt_correction_T_min   ? 
_exptl.absorpt_correction_type    ? 
_exptl.absorpt_process_details    ? 
_exptl.entry_id                   7C5Z 
_exptl.crystals_number            1 
_exptl.details                    ? 
_exptl.method                     'X-RAY DIFFRACTION' 
_exptl.method_details             ? 
# 
_exptl_crystal.colour                      ? 
_exptl_crystal.density_diffrn              ? 
_exptl_crystal.density_Matthews            2.40 
_exptl_crystal.density_method              ? 
_exptl_crystal.density_percent_sol         48.70 
_exptl_crystal.description                 ? 
_exptl_crystal.F_000                       ? 
_exptl_crystal.id                          1 
_exptl_crystal.preparation                 ? 
_exptl_crystal.size_max                    ? 
_exptl_crystal.size_mid                    ? 
_exptl_crystal.size_min                    ? 
_exptl_crystal.size_rad                    ? 
_exptl_crystal.colour_lustre               ? 
_exptl_crystal.colour_modifier             ? 
_exptl_crystal.colour_primary              ? 
_exptl_crystal.density_meas                ? 
_exptl_crystal.density_meas_esd            ? 
_exptl_crystal.density_meas_gt             ? 
_exptl_crystal.density_meas_lt             ? 
_exptl_crystal.density_meas_temp           ? 
_exptl_crystal.density_meas_temp_esd       ? 
_exptl_crystal.density_meas_temp_gt        ? 
_exptl_crystal.density_meas_temp_lt        ? 
_exptl_crystal.pdbx_crystal_image_url      ? 
_exptl_crystal.pdbx_crystal_image_format   ? 
_exptl_crystal.pdbx_mosaicity              ? 
_exptl_crystal.pdbx_mosaicity_esd          ? 
# 
_exptl_crystal_grow.apparatus       ? 
_exptl_crystal_grow.atmosphere      ? 
_exptl_crystal_grow.crystal_id      1 
_exptl_crystal_grow.details         ? 
_exptl_crystal_grow.method          'VAPOR DIFFUSION, SITTING DROP' 
_exptl_crystal_grow.method_ref      ? 
_exptl_crystal_grow.pH              5.5 
_exptl_crystal_grow.pressure        ? 
_exptl_crystal_grow.pressure_esd    ? 
_exptl_crystal_grow.seeding         ? 
_exptl_crystal_grow.seeding_ref     ? 
_exptl_crystal_grow.temp            289.15 
_exptl_crystal_grow.temp_details    ? 
_exptl_crystal_grow.temp_esd        ? 
_exptl_crystal_grow.time            ? 
_exptl_crystal_grow.pdbx_details    '0.1 M Ammonium acetate, 0.1 M Bis-Tris pH 5.5, 17% PEG 10000' 
_exptl_crystal_grow.pdbx_pH_range   ? 
# 
_diffrn.ambient_environment              ? 
_diffrn.ambient_temp                     293 
_diffrn.ambient_temp_details             ? 
_diffrn.ambient_temp_esd                 ? 
_diffrn.crystal_id                       1 
_diffrn.crystal_support                  ? 
_diffrn.crystal_treatment                ? 
_diffrn.details                          ? 
_diffrn.id                               1 
_diffrn.ambient_pressure                 ? 
_diffrn.ambient_pressure_esd             ? 
_diffrn.ambient_pressure_gt              ? 
_diffrn.ambient_pressure_lt              ? 
_diffrn.ambient_temp_gt                  ? 
_diffrn.ambient_temp_lt                  ? 
_diffrn.pdbx_serial_crystal_experiment   N 
# 
_diffrn_detector.details                      ? 
_diffrn_detector.detector                     CCD 
_diffrn_detector.diffrn_id                    1 
_diffrn_detector.type                         'ADSC QUANTUM 315r' 
_diffrn_detector.area_resol_mean              ? 
_diffrn_detector.dtime                        ? 
_diffrn_detector.pdbx_frames_total            ? 
_diffrn_detector.pdbx_collection_time_total   ? 
_diffrn_detector.pdbx_collection_date         2018-01-18 
_diffrn_detector.pdbx_frequency               ? 
# 
_diffrn_radiation.collimation                      ? 
_diffrn_radiation.diffrn_id                        1 
_diffrn_radiation.filter_edge                      ? 
_diffrn_radiation.inhomogeneity                    ? 
_diffrn_radiation.monochromator                    ? 
_diffrn_radiation.polarisn_norm                    ? 
_diffrn_radiation.polarisn_ratio                   ? 
_diffrn_radiation.probe                            ? 
_diffrn_radiation.type                             ? 
_diffrn_radiation.xray_symbol                      ? 
_diffrn_radiation.wavelength_id                    1 
_diffrn_radiation.pdbx_monochromatic_or_laue_m_l   M 
_diffrn_radiation.pdbx_wavelength_list             ? 
_diffrn_radiation.pdbx_wavelength                  ? 
_diffrn_radiation.pdbx_diffrn_protocol             'SINGLE WAVELENGTH' 
_diffrn_radiation.pdbx_analyzer                    ? 
_diffrn_radiation.pdbx_scattering_type             x-ray 
# 
_diffrn_radiation_wavelength.id           1 
_diffrn_radiation_wavelength.wavelength   0.979 
_diffrn_radiation_wavelength.wt           1.0 
# 
_diffrn_source.current                     ? 
_diffrn_source.details                     ? 
_diffrn_source.diffrn_id                   1 
_diffrn_source.power                       ? 
_diffrn_source.size                        ? 
_diffrn_source.source                      SYNCHROTRON 
_diffrn_source.target                      ? 
_diffrn_source.type                        'SSRF BEAMLINE BL17U1' 
_diffrn_source.voltage                     ? 
_diffrn_source.take-off_angle              ? 
_diffrn_source.pdbx_wavelength_list        0.979 
_diffrn_source.pdbx_wavelength             ? 
_diffrn_source.pdbx_synchrotron_beamline   BL17U1 
_diffrn_source.pdbx_synchrotron_site       SSRF 
# 
_reflns.B_iso_Wilson_estimate            22.56 
_reflns.entry_id                         7C5Z 
_reflns.data_reduction_details           ? 
_reflns.data_reduction_method            ? 
_reflns.d_resolution_high                1.5 
_reflns.d_resolution_low                 34.93 
_reflns.details                          ? 
_reflns.limit_h_max                      ? 
_reflns.limit_h_min                      ? 
_reflns.limit_k_max                      ? 
_reflns.limit_k_min                      ? 
_reflns.limit_l_max                      ? 
_reflns.limit_l_min                      ? 
_reflns.number_all                       ? 
_reflns.number_obs                       30365 
_reflns.observed_criterion               ? 
_reflns.observed_criterion_F_max         ? 
_reflns.observed_criterion_F_min         ? 
_reflns.observed_criterion_I_max         ? 
_reflns.observed_criterion_I_min         ? 
_reflns.observed_criterion_sigma_F       ? 
_reflns.observed_criterion_sigma_I       ? 
_reflns.percent_possible_obs             99.9 
_reflns.R_free_details                   ? 
_reflns.Rmerge_F_all                     ? 
_reflns.Rmerge_F_obs                     ? 
_reflns.Friedel_coverage                 ? 
_reflns.number_gt                        ? 
_reflns.threshold_expression             ? 
_reflns.pdbx_redundancy                  12.7 
_reflns.pdbx_Rmerge_I_obs                ? 
_reflns.pdbx_Rmerge_I_all                ? 
_reflns.pdbx_Rsym_value                  ? 
_reflns.pdbx_netI_over_av_sigmaI         ? 
_reflns.pdbx_netI_over_sigmaI            13.7 
_reflns.pdbx_res_netI_over_av_sigmaI_2   ? 
_reflns.pdbx_res_netI_over_sigmaI_2      ? 
_reflns.pdbx_chi_squared                 ? 
_reflns.pdbx_scaling_rejects             ? 
_reflns.pdbx_d_res_high_opt              ? 
_reflns.pdbx_d_res_low_opt               ? 
_reflns.pdbx_d_res_opt_method            ? 
_reflns.phase_calculation_details        ? 
_reflns.pdbx_Rrim_I_all                  ? 
_reflns.pdbx_Rpim_I_all                  ? 
_reflns.pdbx_d_opt                       ? 
_reflns.pdbx_number_measured_all         ? 
_reflns.pdbx_diffrn_id                   1 
_reflns.pdbx_ordinal                     1 
_reflns.pdbx_CC_half                     0.998 
_reflns.pdbx_CC_star                     ? 
_reflns.pdbx_R_split                     ? 
# 
_reflns_shell.d_res_high                  1.50 
_reflns_shell.d_res_low                   1.54 
_reflns_shell.meanI_over_sigI_all         ? 
_reflns_shell.meanI_over_sigI_obs         ? 
_reflns_shell.number_measured_all         ? 
_reflns_shell.number_measured_obs         ? 
_reflns_shell.number_possible             ? 
_reflns_shell.number_unique_all           ? 
_reflns_shell.number_unique_obs           2184 
_reflns_shell.percent_possible_all        100.0 
_reflns_shell.percent_possible_obs        ? 
_reflns_shell.Rmerge_F_all                ? 
_reflns_shell.Rmerge_F_obs                ? 
_reflns_shell.Rmerge_I_all                ? 
_reflns_shell.Rmerge_I_obs                ? 
_reflns_shell.meanI_over_sigI_gt          ? 
_reflns_shell.meanI_over_uI_all           ? 
_reflns_shell.meanI_over_uI_gt            ? 
_reflns_shell.number_measured_gt          ? 
_reflns_shell.number_unique_gt            ? 
_reflns_shell.percent_possible_gt         ? 
_reflns_shell.Rmerge_F_gt                 ? 
_reflns_shell.Rmerge_I_gt                 ? 
_reflns_shell.pdbx_redundancy             ? 
_reflns_shell.pdbx_Rsym_value             ? 
_reflns_shell.pdbx_chi_squared            ? 
_reflns_shell.pdbx_netI_over_sigmaI_all   ? 
_reflns_shell.pdbx_netI_over_sigmaI_obs   ? 
_reflns_shell.pdbx_Rrim_I_all             ? 
_reflns_shell.pdbx_Rpim_I_all             ? 
_reflns_shell.pdbx_rejects                ? 
_reflns_shell.pdbx_ordinal                1 
_reflns_shell.pdbx_diffrn_id              1 
_reflns_shell.pdbx_CC_half                0.673 
_reflns_shell.pdbx_CC_star                ? 
_reflns_shell.pdbx_R_split                ? 
# 
_refine.aniso_B[1][1]                            ? 
_refine.aniso_B[1][2]                            ? 
_refine.aniso_B[1][3]                            ? 
_refine.aniso_B[2][2]                            ? 
_refine.aniso_B[2][3]                            ? 
_refine.aniso_B[3][3]                            ? 
_refine.B_iso_max                                ? 
_refine.B_iso_mean                               30.19 
_refine.B_iso_min                                ? 
_refine.correlation_coeff_Fo_to_Fc               ? 
_refine.correlation_coeff_Fo_to_Fc_free          ? 
_refine.details                                  ? 
_refine.diff_density_max                         ? 
_refine.diff_density_max_esd                     ? 
_refine.diff_density_min                         ? 
_refine.diff_density_min_esd                     ? 
_refine.diff_density_rms                         ? 
_refine.diff_density_rms_esd                     ? 
_refine.entry_id                                 7C5Z 
_refine.pdbx_refine_id                           'X-RAY DIFFRACTION' 
_refine.ls_abs_structure_details                 ? 
_refine.ls_abs_structure_Flack                   ? 
_refine.ls_abs_structure_Flack_esd               ? 
_refine.ls_abs_structure_Rogers                  ? 
_refine.ls_abs_structure_Rogers_esd              ? 
_refine.ls_d_res_high                            1.50 
_refine.ls_d_res_low                             34.92 
_refine.ls_extinction_coef                       ? 
_refine.ls_extinction_coef_esd                   ? 
_refine.ls_extinction_expression                 ? 
_refine.ls_extinction_method                     ? 
_refine.ls_goodness_of_fit_all                   ? 
_refine.ls_goodness_of_fit_all_esd               ? 
_refine.ls_goodness_of_fit_obs                   ? 
_refine.ls_goodness_of_fit_obs_esd               ? 
_refine.ls_hydrogen_treatment                    ? 
_refine.ls_matrix_type                           ? 
_refine.ls_number_constraints                    ? 
_refine.ls_number_parameters                     ? 
_refine.ls_number_reflns_all                     ? 
_refine.ls_number_reflns_obs                     30304 
_refine.ls_number_reflns_R_free                  1473 
_refine.ls_number_reflns_R_work                  28831 
_refine.ls_number_restraints                     ? 
_refine.ls_percent_reflns_obs                    99.82 
_refine.ls_percent_reflns_R_free                 4.86 
_refine.ls_R_factor_all                          ? 
_refine.ls_R_factor_obs                          0.2079 
_refine.ls_R_factor_R_free                       0.2256 
_refine.ls_R_factor_R_free_error                 ? 
_refine.ls_R_factor_R_free_error_details         ? 
_refine.ls_R_factor_R_work                       0.2070 
_refine.ls_R_Fsqd_factor_obs                     ? 
_refine.ls_R_I_factor_obs                        ? 
_refine.ls_redundancy_reflns_all                 ? 
_refine.ls_redundancy_reflns_obs                 ? 
_refine.ls_restrained_S_all                      ? 
_refine.ls_restrained_S_obs                      ? 
_refine.ls_shift_over_esd_max                    ? 
_refine.ls_shift_over_esd_mean                   ? 
_refine.ls_structure_factor_coef                 ? 
_refine.ls_weighting_details                     ? 
_refine.ls_weighting_scheme                      ? 
_refine.ls_wR_factor_all                         ? 
_refine.ls_wR_factor_obs                         ? 
_refine.ls_wR_factor_R_free                      ? 
_refine.ls_wR_factor_R_work                      ? 
_refine.occupancy_max                            ? 
_refine.occupancy_min                            ? 
_refine.solvent_model_details                    'FLAT BULK SOLVENT MODEL' 
_refine.solvent_model_param_bsol                 ? 
_refine.solvent_model_param_ksol                 ? 
_refine.pdbx_R_complete                          ? 
_refine.ls_R_factor_gt                           ? 
_refine.ls_goodness_of_fit_gt                    ? 
_refine.ls_goodness_of_fit_ref                   ? 
_refine.ls_shift_over_su_max                     ? 
_refine.ls_shift_over_su_max_lt                  ? 
_refine.ls_shift_over_su_mean                    ? 
_refine.ls_shift_over_su_mean_lt                 ? 
_refine.pdbx_ls_sigma_I                          ? 
_refine.pdbx_ls_sigma_F                          1.36 
_refine.pdbx_ls_sigma_Fsqd                       ? 
_refine.pdbx_data_cutoff_high_absF               ? 
_refine.pdbx_data_cutoff_high_rms_absF           ? 
_refine.pdbx_data_cutoff_low_absF                ? 
_refine.pdbx_isotropic_thermal_model             ? 
_refine.pdbx_ls_cross_valid_method               'FREE R-VALUE' 
_refine.pdbx_method_to_determine_struct          SAD 
_refine.pdbx_starting_model                      ? 
_refine.pdbx_stereochemistry_target_values       'GeoStd + Monomer Library + CDL v1.2' 
_refine.pdbx_R_Free_selection_details            ? 
_refine.pdbx_stereochem_target_val_spec_case     ? 
_refine.pdbx_overall_ESU_R                       ? 
_refine.pdbx_overall_ESU_R_Free                  ? 
_refine.pdbx_solvent_vdw_probe_radii             1.1100 
_refine.pdbx_solvent_ion_probe_radii             ? 
_refine.pdbx_solvent_shrinkage_radii             0.9000 
_refine.pdbx_real_space_R                        ? 
_refine.pdbx_density_correlation                 ? 
_refine.pdbx_pd_number_of_powder_patterns        ? 
_refine.pdbx_pd_number_of_points                 ? 
_refine.pdbx_pd_meas_number_of_points            ? 
_refine.pdbx_pd_proc_ls_prof_R_factor            ? 
_refine.pdbx_pd_proc_ls_prof_wR_factor           ? 
_refine.pdbx_pd_Marquardt_correlation_coeff      ? 
_refine.pdbx_pd_Fsqrd_R_factor                   ? 
_refine.pdbx_pd_ls_matrix_band_width             ? 
_refine.pdbx_overall_phase_error                 22.9390 
_refine.pdbx_overall_SU_R_free_Cruickshank_DPI   ? 
_refine.pdbx_overall_SU_R_free_Blow_DPI          ? 
_refine.pdbx_overall_SU_R_Blow_DPI               ? 
_refine.pdbx_TLS_residual_ADP_flag               ? 
_refine.pdbx_diffrn_id                           1 
_refine.overall_SU_B                             ? 
_refine.overall_SU_ML                            0.1747 
_refine.overall_SU_R_Cruickshank_DPI             ? 
_refine.overall_SU_R_free                        ? 
_refine.overall_FOM_free_R_set                   ? 
_refine.overall_FOM_work_R_set                   ? 
_refine.pdbx_average_fsc_overall                 ? 
_refine.pdbx_average_fsc_work                    ? 
_refine.pdbx_average_fsc_free                    ? 
# 
_refine_hist.pdbx_refine_id                   'X-RAY DIFFRACTION' 
_refine_hist.cycle_id                         LAST 
_refine_hist.details                          ? 
_refine_hist.d_res_high                       1.50 
_refine_hist.d_res_low                        34.92 
_refine_hist.number_atoms_solvent             62 
_refine_hist.number_atoms_total               1362 
_refine_hist.number_reflns_all                ? 
_refine_hist.number_reflns_obs                ? 
_refine_hist.number_reflns_R_free             ? 
_refine_hist.number_reflns_R_work             ? 
_refine_hist.R_factor_all                     ? 
_refine_hist.R_factor_obs                     ? 
_refine_hist.R_factor_R_free                  ? 
_refine_hist.R_factor_R_work                  ? 
_refine_hist.pdbx_number_residues_total       ? 
_refine_hist.pdbx_B_iso_mean_ligand           ? 
_refine_hist.pdbx_B_iso_mean_solvent          ? 
_refine_hist.pdbx_number_atoms_protein        1300 
_refine_hist.pdbx_number_atoms_nucleic_acid   0 
_refine_hist.pdbx_number_atoms_ligand         0 
_refine_hist.pdbx_number_atoms_lipid          ? 
_refine_hist.pdbx_number_atoms_carb           ? 
_refine_hist.pdbx_pseudo_atom_details         ? 
# 
loop_
_refine_ls_restr.pdbx_refine_id 
_refine_ls_restr.criterion 
_refine_ls_restr.dev_ideal 
_refine_ls_restr.dev_ideal_target 
_refine_ls_restr.number 
_refine_ls_restr.rejects 
_refine_ls_restr.type 
_refine_ls_restr.weight 
_refine_ls_restr.pdbx_restraint_function 
'X-RAY DIFFRACTION' ? 0.0057 ? 1334 ? f_bond_d           ? ? 
'X-RAY DIFFRACTION' ? 0.7994 ? 1802 ? f_angle_d          ? ? 
'X-RAY DIFFRACTION' ? 0.0567 ? 182  ? f_chiral_restr     ? ? 
'X-RAY DIFFRACTION' ? 0.0046 ? 238  ? f_plane_restr      ? ? 
'X-RAY DIFFRACTION' ? 2.6532 ? 774  ? f_dihedral_angle_d ? ? 
# 
loop_
_refine_ls_shell.pdbx_refine_id 
_refine_ls_shell.d_res_high 
_refine_ls_shell.d_res_low 
_refine_ls_shell.number_reflns_all 
_refine_ls_shell.number_reflns_obs 
_refine_ls_shell.number_reflns_R_free 
_refine_ls_shell.number_reflns_R_work 
_refine_ls_shell.percent_reflns_obs 
_refine_ls_shell.percent_reflns_R_free 
_refine_ls_shell.R_factor_all 
_refine_ls_shell.R_factor_obs 
_refine_ls_shell.R_factor_R_free 
_refine_ls_shell.R_factor_R_free_error 
_refine_ls_shell.R_factor_R_work 
_refine_ls_shell.redundancy_reflns_all 
_refine_ls_shell.redundancy_reflns_obs 
_refine_ls_shell.wR_factor_all 
_refine_ls_shell.wR_factor_obs 
_refine_ls_shell.wR_factor_R_free 
_refine_ls_shell.wR_factor_R_work 
_refine_ls_shell.pdbx_R_complete 
_refine_ls_shell.pdbx_total_number_of_bins_used 
_refine_ls_shell.pdbx_phase_error 
_refine_ls_shell.pdbx_fsc_work 
_refine_ls_shell.pdbx_fsc_free 
'X-RAY DIFFRACTION' 1.50 1.55  . . 148 2559 100 . . . 0.3139 . 0.2453 . . . . . . . . . . . 
'X-RAY DIFFRACTION' 1.55 1.60  . . 128 2577 100 . . . 0.2608 . 0.2377 . . . . . . . . . . . 
'X-RAY DIFFRACTION' 1.60 1.67  . . 112 2588 100 . . . 0.2813 . 0.2465 . . . . . . . . . . . 
'X-RAY DIFFRACTION' 1.67 1.74  . . 132 2598 100 . . . 0.2676 . 0.2565 . . . . . . . . . . . 
'X-RAY DIFFRACTION' 1.74 1.84  . . 148 2569 100 . . . 0.2615 . 0.2313 . . . . . . . . . . . 
'X-RAY DIFFRACTION' 1.84 1.95  . . 130 2607 100 . . . 0.2193 . 0.2044 . . . . . . . . . . . 
'X-RAY DIFFRACTION' 1.95 2.10  . . 141 2606 100 . . . 0.2149 . 0.1983 . . . . . . . . . . . 
'X-RAY DIFFRACTION' 2.10 2.31  . . 127 2612 100 . . . 0.2289 . 0.1983 . . . . . . . . . . . 
'X-RAY DIFFRACTION' 2.31 2.65  . . 137 2638 100 . . . 0.1985 . 0.2036 . . . . . . . . . . . 
'X-RAY DIFFRACTION' 2.65 3.34  . . 133 2678 100 . . . 0.2153 . 0.2141 . . . . . . . . . . . 
'X-RAY DIFFRACTION' 3.34 34.92 . . 137 2799 100 . . . 0.2224 . 0.1951 . . . . . . . . . . . 
# 
_struct.entry_id                     7C5Z 
_struct.title                        'Crystal structure of spring viremia of carp virus phosphoprotein central domain' 
_struct.pdbx_model_details           ? 
_struct.pdbx_formula_weight          ? 
_struct.pdbx_formula_weight_method   ? 
_struct.pdbx_model_type_details      ? 
_struct.pdbx_CASP_flag               N 
# 
_struct_keywords.entry_id        7C5Z 
_struct_keywords.text            'SVCV, P protein, Central domain, dimer, VIRAL PROTEIN' 
_struct_keywords.pdbx_keywords   'VIRAL PROTEIN' 
# 
loop_
_struct_asym.id 
_struct_asym.pdbx_blank_PDB_chainid_flag 
_struct_asym.pdbx_modified 
_struct_asym.entity_id 
_struct_asym.details 
A N N 1 ? 
B N N 1 ? 
C N N 2 ? 
D N N 2 ? 
# 
_struct_ref.id                         1 
_struct_ref.db_name                    UNP 
_struct_ref.db_code                    A7J936_SVCV 
_struct_ref.pdbx_db_accession          A7J936 
_struct_ref.pdbx_db_isoform            ? 
_struct_ref.entity_id                  1 
_struct_ref.pdbx_seq_one_letter_code   
;SWEEESTGIDLGFGPGIVMPSVSNHEGGTYVRYNGLGNVDPNYKNLISKMMRSLIGQIGNKYGYDIDLFDYQGDFLEVFL
PHKPSK
;
_struct_ref.pdbx_align_begin           101 
# 
loop_
_struct_ref_seq.align_id 
_struct_ref_seq.ref_id 
_struct_ref_seq.pdbx_PDB_id_code 
_struct_ref_seq.pdbx_strand_id 
_struct_ref_seq.seq_align_beg 
_struct_ref_seq.pdbx_seq_align_beg_ins_code 
_struct_ref_seq.seq_align_end 
_struct_ref_seq.pdbx_seq_align_end_ins_code 
_struct_ref_seq.pdbx_db_accession 
_struct_ref_seq.db_align_beg 
_struct_ref_seq.pdbx_db_align_beg_ins_code 
_struct_ref_seq.db_align_end 
_struct_ref_seq.pdbx_db_align_end_ins_code 
_struct_ref_seq.pdbx_auth_seq_align_beg 
_struct_ref_seq.pdbx_auth_seq_align_end 
1 1 7C5Z A 1 ? 86 ? A7J936 101 ? 186 ? 1 86 
2 1 7C5Z B 1 ? 86 ? A7J936 101 ? 186 ? 1 86 
# 
_pdbx_struct_assembly.id                   1 
_pdbx_struct_assembly.details              author_and_software_defined_assembly 
_pdbx_struct_assembly.method_details       PISA 
_pdbx_struct_assembly.oligomeric_details   dimeric 
_pdbx_struct_assembly.oligomeric_count     2 
# 
loop_
_pdbx_struct_assembly_prop.biol_id 
_pdbx_struct_assembly_prop.type 
_pdbx_struct_assembly_prop.value 
_pdbx_struct_assembly_prop.details 
1 'ABSA (A^2)' 3240 ? 
1 MORE         -32  ? 
1 'SSA (A^2)'  9220 ? 
# 
_pdbx_struct_assembly_gen.assembly_id       1 
_pdbx_struct_assembly_gen.oper_expression   1 
_pdbx_struct_assembly_gen.asym_id_list      A,B,C,D 
# 
_pdbx_struct_assembly_auth_evidence.id                     1 
_pdbx_struct_assembly_auth_evidence.assembly_id            1 
_pdbx_struct_assembly_auth_evidence.experimental_support   immunoprecipitation 
_pdbx_struct_assembly_auth_evidence.details                ? 
# 
_pdbx_struct_oper_list.id                   1 
_pdbx_struct_oper_list.type                 'identity operation' 
_pdbx_struct_oper_list.name                 1_555 
_pdbx_struct_oper_list.symmetry_operation   x,y,z 
_pdbx_struct_oper_list.matrix[1][1]         1.0000000000 
_pdbx_struct_oper_list.matrix[1][2]         0.0000000000 
_pdbx_struct_oper_list.matrix[1][3]         0.0000000000 
_pdbx_struct_oper_list.vector[1]            0.0000000000 
_pdbx_struct_oper_list.matrix[2][1]         0.0000000000 
_pdbx_struct_oper_list.matrix[2][2]         1.0000000000 
_pdbx_struct_oper_list.matrix[2][3]         0.0000000000 
_pdbx_struct_oper_list.vector[2]            0.0000000000 
_pdbx_struct_oper_list.matrix[3][1]         0.0000000000 
_pdbx_struct_oper_list.matrix[3][2]         0.0000000000 
_pdbx_struct_oper_list.matrix[3][3]         1.0000000000 
_pdbx_struct_oper_list.vector[3]            0.0000000000 
# 
loop_
_struct_conf.conf_type_id 
_struct_conf.id 
_struct_conf.pdbx_PDB_helix_id 
_struct_conf.beg_label_comp_id 
_struct_conf.beg_label_asym_id 
_struct_conf.beg_label_seq_id 
_struct_conf.pdbx_beg_PDB_ins_code 
_struct_conf.end_label_comp_id 
_struct_conf.end_label_asym_id 
_struct_conf.end_label_seq_id 
_struct_conf.pdbx_end_PDB_ins_code 
_struct_conf.beg_auth_comp_id 
_struct_conf.beg_auth_asym_id 
_struct_conf.beg_auth_seq_id 
_struct_conf.end_auth_comp_id 
_struct_conf.end_auth_asym_id 
_struct_conf.end_auth_seq_id 
_struct_conf.pdbx_PDB_helix_class 
_struct_conf.details 
_struct_conf.pdbx_PDB_helix_length 
HELX_P HELX_P1 AA1 ASP A 40 ? GLY A 63 ? ASP A 40 GLY A 63 1 ? 24 
HELX_P HELX_P2 AA2 ASP B 40 ? GLY B 63 ? ASP B 40 GLY B 63 1 ? 24 
# 
_struct_conf_type.id          HELX_P 
_struct_conf_type.criteria    ? 
_struct_conf_type.reference   ? 
# 
loop_
_struct_conn.id 
_struct_conn.conn_type_id 
_struct_conn.pdbx_leaving_atom_flag 
_struct_conn.pdbx_PDB_id 
_struct_conn.ptnr1_label_asym_id 
_struct_conn.ptnr1_label_comp_id 
_struct_conn.ptnr1_label_seq_id 
_struct_conn.ptnr1_label_atom_id 
_struct_conn.pdbx_ptnr1_label_alt_id 
_struct_conn.pdbx_ptnr1_PDB_ins_code 
_struct_conn.pdbx_ptnr1_standard_comp_id 
_struct_conn.ptnr1_symmetry 
_struct_conn.ptnr2_label_asym_id 
_struct_conn.ptnr2_label_comp_id 
_struct_conn.ptnr2_label_seq_id 
_struct_conn.ptnr2_label_atom_id 
_struct_conn.pdbx_ptnr2_label_alt_id 
_struct_conn.pdbx_ptnr2_PDB_ins_code 
_struct_conn.ptnr1_auth_asym_id 
_struct_conn.ptnr1_auth_comp_id 
_struct_conn.ptnr1_auth_seq_id 
_struct_conn.ptnr2_auth_asym_id 
_struct_conn.ptnr2_auth_comp_id 
_struct_conn.ptnr2_auth_seq_id 
_struct_conn.ptnr2_symmetry 
_struct_conn.pdbx_ptnr3_label_atom_id 
_struct_conn.pdbx_ptnr3_label_seq_id 
_struct_conn.pdbx_ptnr3_label_comp_id 
_struct_conn.pdbx_ptnr3_label_asym_id 
_struct_conn.pdbx_ptnr3_label_alt_id 
_struct_conn.pdbx_ptnr3_PDB_ins_code 
_struct_conn.details 
_struct_conn.pdbx_dist_value 
_struct_conn.pdbx_value_order 
_struct_conn.pdbx_role 
covale1  covale both ? A VAL 18 C ? ? ? 1_555 A MSE 19 N ? ? A VAL 18 A MSE 19 1_555 ? ? ? ? ? ? ? 1.329 ? ? 
covale2  covale both ? A MSE 19 C ? ? ? 1_555 A PRO 20 N ? ? A MSE 19 A PRO 20 1_555 ? ? ? ? ? ? ? 1.326 ? ? 
covale3  covale both ? A LYS 49 C ? ? ? 1_555 A MSE 50 N ? ? A LYS 49 A MSE 50 1_555 ? ? ? ? ? ? ? 1.326 ? ? 
covale4  covale both ? A MSE 50 C ? ? ? 1_555 A MSE 51 N ? ? A MSE 50 A MSE 51 1_555 ? ? ? ? ? ? ? 1.331 ? ? 
covale5  covale both ? A MSE 51 C ? ? ? 1_555 A ARG 52 N ? ? A MSE 51 A ARG 52 1_555 ? ? ? ? ? ? ? 1.334 ? ? 
covale6  covale both ? B VAL 18 C ? ? ? 1_555 B MSE 19 N ? ? B VAL 18 B MSE 19 1_555 ? ? ? ? ? ? ? 1.324 ? ? 
covale7  covale both ? B MSE 19 C ? ? ? 1_555 B PRO 20 N ? ? B MSE 19 B PRO 20 1_555 ? ? ? ? ? ? ? 1.332 ? ? 
covale8  covale both ? B LYS 49 C ? ? ? 1_555 B MSE 50 N ? ? B LYS 49 B MSE 50 1_555 ? ? ? ? ? ? ? 1.327 ? ? 
covale9  covale both ? B MSE 50 C ? ? ? 1_555 B MSE 51 N ? ? B MSE 50 B MSE 51 1_555 ? ? ? ? ? ? ? 1.338 ? ? 
covale10 covale both ? B MSE 51 C ? ? ? 1_555 B ARG 52 N ? ? B MSE 51 B ARG 52 1_555 ? ? ? ? ? ? ? 1.336 ? ? 
# 
_struct_conn_type.id          covale 
_struct_conn_type.criteria    ? 
_struct_conn_type.reference   ? 
# 
loop_
_pdbx_modification_feature.ordinal 
_pdbx_modification_feature.label_comp_id 
_pdbx_modification_feature.label_asym_id 
_pdbx_modification_feature.label_seq_id 
_pdbx_modification_feature.label_alt_id 
_pdbx_modification_feature.modified_residue_label_comp_id 
_pdbx_modification_feature.modified_residue_label_asym_id 
_pdbx_modification_feature.modified_residue_label_seq_id 
_pdbx_modification_feature.modified_residue_label_alt_id 
_pdbx_modification_feature.auth_comp_id 
_pdbx_modification_feature.auth_asym_id 
_pdbx_modification_feature.auth_seq_id 
_pdbx_modification_feature.PDB_ins_code 
_pdbx_modification_feature.symmetry 
_pdbx_modification_feature.modified_residue_auth_comp_id 
_pdbx_modification_feature.modified_residue_auth_asym_id 
_pdbx_modification_feature.modified_residue_auth_seq_id 
_pdbx_modification_feature.modified_residue_PDB_ins_code 
_pdbx_modification_feature.modified_residue_symmetry 
_pdbx_modification_feature.comp_id_linking_atom 
_pdbx_modification_feature.modified_residue_id_linking_atom 
_pdbx_modification_feature.modified_residue_id 
_pdbx_modification_feature.ref_pcm_id 
_pdbx_modification_feature.ref_comp_id 
_pdbx_modification_feature.type 
_pdbx_modification_feature.category 
1 MSE A 19 ? . . . . MSE A 19 ? 1_555 . . . . . . . MET 1 MSE Selenomethionine 'Named protein modification' 
2 MSE A 50 ? . . . . MSE A 50 ? 1_555 . . . . . . . MET 1 MSE Selenomethionine 'Named protein modification' 
3 MSE A 51 ? . . . . MSE A 51 ? 1_555 . . . . . . . MET 1 MSE Selenomethionine 'Named protein modification' 
4 MSE B 19 ? . . . . MSE B 19 ? 1_555 . . . . . . . MET 1 MSE Selenomethionine 'Named protein modification' 
5 MSE B 50 ? . . . . MSE B 50 ? 1_555 . . . . . . . MET 1 MSE Selenomethionine 'Named protein modification' 
6 MSE B 51 ? . . . . MSE B 51 ? 1_555 . . . . . . . MET 1 MSE Selenomethionine 'Named protein modification' 
# 
loop_
_struct_sheet.id 
_struct_sheet.type 
_struct_sheet.number_strands 
_struct_sheet.details 
AA1 ? 4 ? 
AA2 ? 4 ? 
# 
loop_
_struct_sheet_order.sheet_id 
_struct_sheet_order.range_id_1 
_struct_sheet_order.range_id_2 
_struct_sheet_order.offset 
_struct_sheet_order.sense 
AA1 1 2 ? anti-parallel 
AA1 2 3 ? anti-parallel 
AA1 3 4 ? anti-parallel 
AA2 1 2 ? anti-parallel 
AA2 2 3 ? anti-parallel 
AA2 3 4 ? anti-parallel 
# 
loop_
_struct_sheet_range.sheet_id 
_struct_sheet_range.id 
_struct_sheet_range.beg_label_comp_id 
_struct_sheet_range.beg_label_asym_id 
_struct_sheet_range.beg_label_seq_id 
_struct_sheet_range.pdbx_beg_PDB_ins_code 
_struct_sheet_range.end_label_comp_id 
_struct_sheet_range.end_label_asym_id 
_struct_sheet_range.end_label_seq_id 
_struct_sheet_range.pdbx_end_PDB_ins_code 
_struct_sheet_range.beg_auth_comp_id 
_struct_sheet_range.beg_auth_asym_id 
_struct_sheet_range.beg_auth_seq_id 
_struct_sheet_range.end_auth_comp_id 
_struct_sheet_range.end_auth_asym_id 
_struct_sheet_range.end_auth_seq_id 
AA1 1 SER A 21 ? HIS A 25 ? SER A 21 HIS A 25 
AA1 2 GLY A 28 ? TYR A 33 ? GLY A 28 TYR A 33 
AA1 3 LEU A 76 ? PRO A 81 ? LEU A 76 PRO A 81 
AA1 4 ASP A 67 ? ASP A 70 ? ASP A 67 ASP A 70 
AA2 1 SER B 21 ? ASN B 24 ? SER B 21 ASN B 24 
AA2 2 GLY B 28 ? TYR B 33 ? GLY B 28 TYR B 33 
AA2 3 LEU B 76 ? PRO B 81 ? LEU B 76 PRO B 81 
AA2 4 ASP B 67 ? PHE B 69 ? ASP B 67 PHE B 69 
# 
loop_
_pdbx_struct_sheet_hbond.sheet_id 
_pdbx_struct_sheet_hbond.range_id_1 
_pdbx_struct_sheet_hbond.range_id_2 
_pdbx_struct_sheet_hbond.range_1_label_atom_id 
_pdbx_struct_sheet_hbond.range_1_label_comp_id 
_pdbx_struct_sheet_hbond.range_1_label_asym_id 
_pdbx_struct_sheet_hbond.range_1_label_seq_id 
_pdbx_struct_sheet_hbond.range_1_PDB_ins_code 
_pdbx_struct_sheet_hbond.range_1_auth_atom_id 
_pdbx_struct_sheet_hbond.range_1_auth_comp_id 
_pdbx_struct_sheet_hbond.range_1_auth_asym_id 
_pdbx_struct_sheet_hbond.range_1_auth_seq_id 
_pdbx_struct_sheet_hbond.range_2_label_atom_id 
_pdbx_struct_sheet_hbond.range_2_label_comp_id 
_pdbx_struct_sheet_hbond.range_2_label_asym_id 
_pdbx_struct_sheet_hbond.range_2_label_seq_id 
_pdbx_struct_sheet_hbond.range_2_PDB_ins_code 
_pdbx_struct_sheet_hbond.range_2_auth_atom_id 
_pdbx_struct_sheet_hbond.range_2_auth_comp_id 
_pdbx_struct_sheet_hbond.range_2_auth_asym_id 
_pdbx_struct_sheet_hbond.range_2_auth_seq_id 
AA1 1 2 N SER A 21 ? N SER A 21 O ARG A 32 ? O ARG A 32 
AA1 2 3 N TYR A 33 ? N TYR A 33 O LEU A 76 ? O LEU A 76 
AA1 3 4 O GLU A 77 ? O GLU A 77 N PHE A 69 ? N PHE A 69 
AA2 1 2 N SER B 21 ? N SER B 21 O ARG B 32 ? O ARG B 32 
AA2 2 3 N THR B 29 ? N THR B 29 O LEU B 80 ? O LEU B 80 
AA2 3 4 O GLU B 77 ? O GLU B 77 N PHE B 69 ? N PHE B 69 
# 
_pdbx_entry_details.entry_id                   7C5Z 
_pdbx_entry_details.nonpolymer_details         ? 
_pdbx_entry_details.sequence_details           ? 
_pdbx_entry_details.compound_details           ? 
_pdbx_entry_details.source_details             ? 
_pdbx_entry_details.has_ligand_of_interest     N 
_pdbx_entry_details.has_protein_modification   Y 
# 
loop_
_pdbx_validate_torsion.id 
_pdbx_validate_torsion.PDB_model_num 
_pdbx_validate_torsion.auth_comp_id 
_pdbx_validate_torsion.auth_asym_id 
_pdbx_validate_torsion.auth_seq_id 
_pdbx_validate_torsion.PDB_ins_code 
_pdbx_validate_torsion.label_alt_id 
_pdbx_validate_torsion.phi 
_pdbx_validate_torsion.psi 
1 1 HIS A 25 ? ? -141.96 -150.41 
2 1 GLU A 26 ? ? -48.32  88.31   
# 
loop_
_pdbx_struct_mod_residue.id 
_pdbx_struct_mod_residue.label_asym_id 
_pdbx_struct_mod_residue.label_comp_id 
_pdbx_struct_mod_residue.label_seq_id 
_pdbx_struct_mod_residue.auth_asym_id 
_pdbx_struct_mod_residue.auth_comp_id 
_pdbx_struct_mod_residue.auth_seq_id 
_pdbx_struct_mod_residue.PDB_ins_code 
_pdbx_struct_mod_residue.parent_comp_id 
_pdbx_struct_mod_residue.details 
1 A MSE 19 A MSE 19 ? MET 'modified residue' 
2 A MSE 50 A MSE 50 ? MET 'modified residue' 
3 A MSE 51 A MSE 51 ? MET 'modified residue' 
4 B MSE 19 B MSE 19 ? MET 'modified residue' 
5 B MSE 50 B MSE 50 ? MET 'modified residue' 
6 B MSE 51 B MSE 51 ? MET 'modified residue' 
# 
loop_
_space_group_symop.id 
_space_group_symop.operation_xyz 
1 x,y,z           
2 x+1/2,-y+1/2,-z 
3 -x,y+1/2,-z+1/2 
4 -x+1/2,-y,z+1/2 
# 
loop_
_pdbx_unobs_or_zero_occ_residues.id 
_pdbx_unobs_or_zero_occ_residues.PDB_model_num 
_pdbx_unobs_or_zero_occ_residues.polymer_flag 
_pdbx_unobs_or_zero_occ_residues.occupancy_flag 
_pdbx_unobs_or_zero_occ_residues.auth_asym_id 
_pdbx_unobs_or_zero_occ_residues.auth_comp_id 
_pdbx_unobs_or_zero_occ_residues.auth_seq_id 
_pdbx_unobs_or_zero_occ_residues.PDB_ins_code 
_pdbx_unobs_or_zero_occ_residues.label_asym_id 
_pdbx_unobs_or_zero_occ_residues.label_comp_id 
_pdbx_unobs_or_zero_occ_residues.label_seq_id 
1 1 Y 1 A LYS 86 ? A LYS 86 
2 1 Y 1 B SER 1  ? B SER 1  
3 1 Y 1 B TRP 2  ? B TRP 2  
4 1 Y 1 B GLU 3  ? B GLU 3  
5 1 Y 1 B GLU 4  ? B GLU 4  
6 1 Y 1 B GLU 5  ? B GLU 5  
# 
loop_
_chem_comp_atom.comp_id 
_chem_comp_atom.atom_id 
_chem_comp_atom.type_symbol 
_chem_comp_atom.pdbx_aromatic_flag 
_chem_comp_atom.pdbx_stereo_config 
_chem_comp_atom.pdbx_ordinal 
ARG N    N  N N 1   
ARG CA   C  N S 2   
ARG C    C  N N 3   
ARG O    O  N N 4   
ARG CB   C  N N 5   
ARG CG   C  N N 6   
ARG CD   C  N N 7   
ARG NE   N  N N 8   
ARG CZ   C  N N 9   
ARG NH1  N  N N 10  
ARG NH2  N  N N 11  
ARG OXT  O  N N 12  
ARG H    H  N N 13  
ARG H2   H  N N 14  
ARG HA   H  N N 15  
ARG HB2  H  N N 16  
ARG HB3  H  N N 17  
ARG HG2  H  N N 18  
ARG HG3  H  N N 19  
ARG HD2  H  N N 20  
ARG HD3  H  N N 21  
ARG HE   H  N N 22  
ARG HH11 H  N N 23  
ARG HH12 H  N N 24  
ARG HH21 H  N N 25  
ARG HH22 H  N N 26  
ARG HXT  H  N N 27  
ASN N    N  N N 28  
ASN CA   C  N S 29  
ASN C    C  N N 30  
ASN O    O  N N 31  
ASN CB   C  N N 32  
ASN CG   C  N N 33  
ASN OD1  O  N N 34  
ASN ND2  N  N N 35  
ASN OXT  O  N N 36  
ASN H    H  N N 37  
ASN H2   H  N N 38  
ASN HA   H  N N 39  
ASN HB2  H  N N 40  
ASN HB3  H  N N 41  
ASN HD21 H  N N 42  
ASN HD22 H  N N 43  
ASN HXT  H  N N 44  
ASP N    N  N N 45  
ASP CA   C  N S 46  
ASP C    C  N N 47  
ASP O    O  N N 48  
ASP CB   C  N N 49  
ASP CG   C  N N 50  
ASP OD1  O  N N 51  
ASP OD2  O  N N 52  
ASP OXT  O  N N 53  
ASP H    H  N N 54  
ASP H2   H  N N 55  
ASP HA   H  N N 56  
ASP HB2  H  N N 57  
ASP HB3  H  N N 58  
ASP HD2  H  N N 59  
ASP HXT  H  N N 60  
GLN N    N  N N 61  
GLN CA   C  N S 62  
GLN C    C  N N 63  
GLN O    O  N N 64  
GLN CB   C  N N 65  
GLN CG   C  N N 66  
GLN CD   C  N N 67  
GLN OE1  O  N N 68  
GLN NE2  N  N N 69  
GLN OXT  O  N N 70  
GLN H    H  N N 71  
GLN H2   H  N N 72  
GLN HA   H  N N 73  
GLN HB2  H  N N 74  
GLN HB3  H  N N 75  
GLN HG2  H  N N 76  
GLN HG3  H  N N 77  
GLN HE21 H  N N 78  
GLN HE22 H  N N 79  
GLN HXT  H  N N 80  
GLU N    N  N N 81  
GLU CA   C  N S 82  
GLU C    C  N N 83  
GLU O    O  N N 84  
GLU CB   C  N N 85  
GLU CG   C  N N 86  
GLU CD   C  N N 87  
GLU OE1  O  N N 88  
GLU OE2  O  N N 89  
GLU OXT  O  N N 90  
GLU H    H  N N 91  
GLU H2   H  N N 92  
GLU HA   H  N N 93  
GLU HB2  H  N N 94  
GLU HB3  H  N N 95  
GLU HG2  H  N N 96  
GLU HG3  H  N N 97  
GLU HE2  H  N N 98  
GLU HXT  H  N N 99  
GLY N    N  N N 100 
GLY CA   C  N N 101 
GLY C    C  N N 102 
GLY O    O  N N 103 
GLY OXT  O  N N 104 
GLY H    H  N N 105 
GLY H2   H  N N 106 
GLY HA2  H  N N 107 
GLY HA3  H  N N 108 
GLY HXT  H  N N 109 
HIS N    N  N N 110 
HIS CA   C  N S 111 
HIS C    C  N N 112 
HIS O    O  N N 113 
HIS CB   C  N N 114 
HIS CG   C  Y N 115 
HIS ND1  N  Y N 116 
HIS CD2  C  Y N 117 
HIS CE1  C  Y N 118 
HIS NE2  N  Y N 119 
HIS OXT  O  N N 120 
HIS H    H  N N 121 
HIS H2   H  N N 122 
HIS HA   H  N N 123 
HIS HB2  H  N N 124 
HIS HB3  H  N N 125 
HIS HD1  H  N N 126 
HIS HD2  H  N N 127 
HIS HE1  H  N N 128 
HIS HE2  H  N N 129 
HIS HXT  H  N N 130 
HOH O    O  N N 131 
HOH H1   H  N N 132 
HOH H2   H  N N 133 
ILE N    N  N N 134 
ILE CA   C  N S 135 
ILE C    C  N N 136 
ILE O    O  N N 137 
ILE CB   C  N S 138 
ILE CG1  C  N N 139 
ILE CG2  C  N N 140 
ILE CD1  C  N N 141 
ILE OXT  O  N N 142 
ILE H    H  N N 143 
ILE H2   H  N N 144 
ILE HA   H  N N 145 
ILE HB   H  N N 146 
ILE HG12 H  N N 147 
ILE HG13 H  N N 148 
ILE HG21 H  N N 149 
ILE HG22 H  N N 150 
ILE HG23 H  N N 151 
ILE HD11 H  N N 152 
ILE HD12 H  N N 153 
ILE HD13 H  N N 154 
ILE HXT  H  N N 155 
LEU N    N  N N 156 
LEU CA   C  N S 157 
LEU C    C  N N 158 
LEU O    O  N N 159 
LEU CB   C  N N 160 
LEU CG   C  N N 161 
LEU CD1  C  N N 162 
LEU CD2  C  N N 163 
LEU OXT  O  N N 164 
LEU H    H  N N 165 
LEU H2   H  N N 166 
LEU HA   H  N N 167 
LEU HB2  H  N N 168 
LEU HB3  H  N N 169 
LEU HG   H  N N 170 
LEU HD11 H  N N 171 
LEU HD12 H  N N 172 
LEU HD13 H  N N 173 
LEU HD21 H  N N 174 
LEU HD22 H  N N 175 
LEU HD23 H  N N 176 
LEU HXT  H  N N 177 
LYS N    N  N N 178 
LYS CA   C  N S 179 
LYS C    C  N N 180 
LYS O    O  N N 181 
LYS CB   C  N N 182 
LYS CG   C  N N 183 
LYS CD   C  N N 184 
LYS CE   C  N N 185 
LYS NZ   N  N N 186 
LYS OXT  O  N N 187 
LYS H    H  N N 188 
LYS H2   H  N N 189 
LYS HA   H  N N 190 
LYS HB2  H  N N 191 
LYS HB3  H  N N 192 
LYS HG2  H  N N 193 
LYS HG3  H  N N 194 
LYS HD2  H  N N 195 
LYS HD3  H  N N 196 
LYS HE2  H  N N 197 
LYS HE3  H  N N 198 
LYS HZ1  H  N N 199 
LYS HZ2  H  N N 200 
LYS HZ3  H  N N 201 
LYS HXT  H  N N 202 
MSE N    N  N N 203 
MSE CA   C  N S 204 
MSE C    C  N N 205 
MSE O    O  N N 206 
MSE OXT  O  N N 207 
MSE CB   C  N N 208 
MSE CG   C  N N 209 
MSE SE   SE N N 210 
MSE CE   C  N N 211 
MSE H    H  N N 212 
MSE H2   H  N N 213 
MSE HA   H  N N 214 
MSE HXT  H  N N 215 
MSE HB2  H  N N 216 
MSE HB3  H  N N 217 
MSE HG2  H  N N 218 
MSE HG3  H  N N 219 
MSE HE1  H  N N 220 
MSE HE2  H  N N 221 
MSE HE3  H  N N 222 
PHE N    N  N N 223 
PHE CA   C  N S 224 
PHE C    C  N N 225 
PHE O    O  N N 226 
PHE CB   C  N N 227 
PHE CG   C  Y N 228 
PHE CD1  C  Y N 229 
PHE CD2  C  Y N 230 
PHE CE1  C  Y N 231 
PHE CE2  C  Y N 232 
PHE CZ   C  Y N 233 
PHE OXT  O  N N 234 
PHE H    H  N N 235 
PHE H2   H  N N 236 
PHE HA   H  N N 237 
PHE HB2  H  N N 238 
PHE HB3  H  N N 239 
PHE HD1  H  N N 240 
PHE HD2  H  N N 241 
PHE HE1  H  N N 242 
PHE HE2  H  N N 243 
PHE HZ   H  N N 244 
PHE HXT  H  N N 245 
PRO N    N  N N 246 
PRO CA   C  N S 247 
PRO C    C  N N 248 
PRO O    O  N N 249 
PRO CB   C  N N 250 
PRO CG   C  N N 251 
PRO CD   C  N N 252 
PRO OXT  O  N N 253 
PRO H    H  N N 254 
PRO HA   H  N N 255 
PRO HB2  H  N N 256 
PRO HB3  H  N N 257 
PRO HG2  H  N N 258 
PRO HG3  H  N N 259 
PRO HD2  H  N N 260 
PRO HD3  H  N N 261 
PRO HXT  H  N N 262 
SER N    N  N N 263 
SER CA   C  N S 264 
SER C    C  N N 265 
SER O    O  N N 266 
SER CB   C  N N 267 
SER OG   O  N N 268 
SER OXT  O  N N 269 
SER H    H  N N 270 
SER H2   H  N N 271 
SER HA   H  N N 272 
SER HB2  H  N N 273 
SER HB3  H  N N 274 
SER HG   H  N N 275 
SER HXT  H  N N 276 
THR N    N  N N 277 
THR CA   C  N S 278 
THR C    C  N N 279 
THR O    O  N N 280 
THR CB   C  N R 281 
THR OG1  O  N N 282 
THR CG2  C  N N 283 
THR OXT  O  N N 284 
THR H    H  N N 285 
THR H2   H  N N 286 
THR HA   H  N N 287 
THR HB   H  N N 288 
THR HG1  H  N N 289 
THR HG21 H  N N 290 
THR HG22 H  N N 291 
THR HG23 H  N N 292 
THR HXT  H  N N 293 
TRP N    N  N N 294 
TRP CA   C  N S 295 
TRP C    C  N N 296 
TRP O    O  N N 297 
TRP CB   C  N N 298 
TRP CG   C  Y N 299 
TRP CD1  C  Y N 300 
TRP CD2  C  Y N 301 
TRP NE1  N  Y N 302 
TRP CE2  C  Y N 303 
TRP CE3  C  Y N 304 
TRP CZ2  C  Y N 305 
TRP CZ3  C  Y N 306 
TRP CH2  C  Y N 307 
TRP OXT  O  N N 308 
TRP H    H  N N 309 
TRP H2   H  N N 310 
TRP HA   H  N N 311 
TRP HB2  H  N N 312 
TRP HB3  H  N N 313 
TRP HD1  H  N N 314 
TRP HE1  H  N N 315 
TRP HE3  H  N N 316 
TRP HZ2  H  N N 317 
TRP HZ3  H  N N 318 
TRP HH2  H  N N 319 
TRP HXT  H  N N 320 
TYR N    N  N N 321 
TYR CA   C  N S 322 
TYR C    C  N N 323 
TYR O    O  N N 324 
TYR CB   C  N N 325 
TYR CG   C  Y N 326 
TYR CD1  C  Y N 327 
TYR CD2  C  Y N 328 
TYR CE1  C  Y N 329 
TYR CE2  C  Y N 330 
TYR CZ   C  Y N 331 
TYR OH   O  N N 332 
TYR OXT  O  N N 333 
TYR H    H  N N 334 
TYR H2   H  N N 335 
TYR HA   H  N N 336 
TYR HB2  H  N N 337 
TYR HB3  H  N N 338 
TYR HD1  H  N N 339 
TYR HD2  H  N N 340 
TYR HE1  H  N N 341 
TYR HE2  H  N N 342 
TYR HH   H  N N 343 
TYR HXT  H  N N 344 
VAL N    N  N N 345 
VAL CA   C  N S 346 
VAL C    C  N N 347 
VAL O    O  N N 348 
VAL CB   C  N N 349 
VAL CG1  C  N N 350 
VAL CG2  C  N N 351 
VAL OXT  O  N N 352 
VAL H    H  N N 353 
VAL H2   H  N N 354 
VAL HA   H  N N 355 
VAL HB   H  N N 356 
VAL HG11 H  N N 357 
VAL HG12 H  N N 358 
VAL HG13 H  N N 359 
VAL HG21 H  N N 360 
VAL HG22 H  N N 361 
VAL HG23 H  N N 362 
VAL HXT  H  N N 363 
# 
loop_
_chem_comp_bond.comp_id 
_chem_comp_bond.atom_id_1 
_chem_comp_bond.atom_id_2 
_chem_comp_bond.value_order 
_chem_comp_bond.pdbx_aromatic_flag 
_chem_comp_bond.pdbx_stereo_config 
_chem_comp_bond.pdbx_ordinal 
ARG N   CA   sing N N 1   
ARG N   H    sing N N 2   
ARG N   H2   sing N N 3   
ARG CA  C    sing N N 4   
ARG CA  CB   sing N N 5   
ARG CA  HA   sing N N 6   
ARG C   O    doub N N 7   
ARG C   OXT  sing N N 8   
ARG CB  CG   sing N N 9   
ARG CB  HB2  sing N N 10  
ARG CB  HB3  sing N N 11  
ARG CG  CD   sing N N 12  
ARG CG  HG2  sing N N 13  
ARG CG  HG3  sing N N 14  
ARG CD  NE   sing N N 15  
ARG CD  HD2  sing N N 16  
ARG CD  HD3  sing N N 17  
ARG NE  CZ   sing N N 18  
ARG NE  HE   sing N N 19  
ARG CZ  NH1  sing N N 20  
ARG CZ  NH2  doub N N 21  
ARG NH1 HH11 sing N N 22  
ARG NH1 HH12 sing N N 23  
ARG NH2 HH21 sing N N 24  
ARG NH2 HH22 sing N N 25  
ARG OXT HXT  sing N N 26  
ASN N   CA   sing N N 27  
ASN N   H    sing N N 28  
ASN N   H2   sing N N 29  
ASN CA  C    sing N N 30  
ASN CA  CB   sing N N 31  
ASN CA  HA   sing N N 32  
ASN C   O    doub N N 33  
ASN C   OXT  sing N N 34  
ASN CB  CG   sing N N 35  
ASN CB  HB2  sing N N 36  
ASN CB  HB3  sing N N 37  
ASN CG  OD1  doub N N 38  
ASN CG  ND2  sing N N 39  
ASN ND2 HD21 sing N N 40  
ASN ND2 HD22 sing N N 41  
ASN OXT HXT  sing N N 42  
ASP N   CA   sing N N 43  
ASP N   H    sing N N 44  
ASP N   H2   sing N N 45  
ASP CA  C    sing N N 46  
ASP CA  CB   sing N N 47  
ASP CA  HA   sing N N 48  
ASP C   O    doub N N 49  
ASP C   OXT  sing N N 50  
ASP CB  CG   sing N N 51  
ASP CB  HB2  sing N N 52  
ASP CB  HB3  sing N N 53  
ASP CG  OD1  doub N N 54  
ASP CG  OD2  sing N N 55  
ASP OD2 HD2  sing N N 56  
ASP OXT HXT  sing N N 57  
GLN N   CA   sing N N 58  
GLN N   H    sing N N 59  
GLN N   H2   sing N N 60  
GLN CA  C    sing N N 61  
GLN CA  CB   sing N N 62  
GLN CA  HA   sing N N 63  
GLN C   O    doub N N 64  
GLN C   OXT  sing N N 65  
GLN CB  CG   sing N N 66  
GLN CB  HB2  sing N N 67  
GLN CB  HB3  sing N N 68  
GLN CG  CD   sing N N 69  
GLN CG  HG2  sing N N 70  
GLN CG  HG3  sing N N 71  
GLN CD  OE1  doub N N 72  
GLN CD  NE2  sing N N 73  
GLN NE2 HE21 sing N N 74  
GLN NE2 HE22 sing N N 75  
GLN OXT HXT  sing N N 76  
GLU N   CA   sing N N 77  
GLU N   H    sing N N 78  
GLU N   H2   sing N N 79  
GLU CA  C    sing N N 80  
GLU CA  CB   sing N N 81  
GLU CA  HA   sing N N 82  
GLU C   O    doub N N 83  
GLU C   OXT  sing N N 84  
GLU CB  CG   sing N N 85  
GLU CB  HB2  sing N N 86  
GLU CB  HB3  sing N N 87  
GLU CG  CD   sing N N 88  
GLU CG  HG2  sing N N 89  
GLU CG  HG3  sing N N 90  
GLU CD  OE1  doub N N 91  
GLU CD  OE2  sing N N 92  
GLU OE2 HE2  sing N N 93  
GLU OXT HXT  sing N N 94  
GLY N   CA   sing N N 95  
GLY N   H    sing N N 96  
GLY N   H2   sing N N 97  
GLY CA  C    sing N N 98  
GLY CA  HA2  sing N N 99  
GLY CA  HA3  sing N N 100 
GLY C   O    doub N N 101 
GLY C   OXT  sing N N 102 
GLY OXT HXT  sing N N 103 
HIS N   CA   sing N N 104 
HIS N   H    sing N N 105 
HIS N   H2   sing N N 106 
HIS CA  C    sing N N 107 
HIS CA  CB   sing N N 108 
HIS CA  HA   sing N N 109 
HIS C   O    doub N N 110 
HIS C   OXT  sing N N 111 
HIS CB  CG   sing N N 112 
HIS CB  HB2  sing N N 113 
HIS CB  HB3  sing N N 114 
HIS CG  ND1  sing Y N 115 
HIS CG  CD2  doub Y N 116 
HIS ND1 CE1  doub Y N 117 
HIS ND1 HD1  sing N N 118 
HIS CD2 NE2  sing Y N 119 
HIS CD2 HD2  sing N N 120 
HIS CE1 NE2  sing Y N 121 
HIS CE1 HE1  sing N N 122 
HIS NE2 HE2  sing N N 123 
HIS OXT HXT  sing N N 124 
HOH O   H1   sing N N 125 
HOH O   H2   sing N N 126 
ILE N   CA   sing N N 127 
ILE N   H    sing N N 128 
ILE N   H2   sing N N 129 
ILE CA  C    sing N N 130 
ILE CA  CB   sing N N 131 
ILE CA  HA   sing N N 132 
ILE C   O    doub N N 133 
ILE C   OXT  sing N N 134 
ILE CB  CG1  sing N N 135 
ILE CB  CG2  sing N N 136 
ILE CB  HB   sing N N 137 
ILE CG1 CD1  sing N N 138 
ILE CG1 HG12 sing N N 139 
ILE CG1 HG13 sing N N 140 
ILE CG2 HG21 sing N N 141 
ILE CG2 HG22 sing N N 142 
ILE CG2 HG23 sing N N 143 
ILE CD1 HD11 sing N N 144 
ILE CD1 HD12 sing N N 145 
ILE CD1 HD13 sing N N 146 
ILE OXT HXT  sing N N 147 
LEU N   CA   sing N N 148 
LEU N   H    sing N N 149 
LEU N   H2   sing N N 150 
LEU CA  C    sing N N 151 
LEU CA  CB   sing N N 152 
LEU CA  HA   sing N N 153 
LEU C   O    doub N N 154 
LEU C   OXT  sing N N 155 
LEU CB  CG   sing N N 156 
LEU CB  HB2  sing N N 157 
LEU CB  HB3  sing N N 158 
LEU CG  CD1  sing N N 159 
LEU CG  CD2  sing N N 160 
LEU CG  HG   sing N N 161 
LEU CD1 HD11 sing N N 162 
LEU CD1 HD12 sing N N 163 
LEU CD1 HD13 sing N N 164 
LEU CD2 HD21 sing N N 165 
LEU CD2 HD22 sing N N 166 
LEU CD2 HD23 sing N N 167 
LEU OXT HXT  sing N N 168 
LYS N   CA   sing N N 169 
LYS N   H    sing N N 170 
LYS N   H2   sing N N 171 
LYS CA  C    sing N N 172 
LYS CA  CB   sing N N 173 
LYS CA  HA   sing N N 174 
LYS C   O    doub N N 175 
LYS C   OXT  sing N N 176 
LYS CB  CG   sing N N 177 
LYS CB  HB2  sing N N 178 
LYS CB  HB3  sing N N 179 
LYS CG  CD   sing N N 180 
LYS CG  HG2  sing N N 181 
LYS CG  HG3  sing N N 182 
LYS CD  CE   sing N N 183 
LYS CD  HD2  sing N N 184 
LYS CD  HD3  sing N N 185 
LYS CE  NZ   sing N N 186 
LYS CE  HE2  sing N N 187 
LYS CE  HE3  sing N N 188 
LYS NZ  HZ1  sing N N 189 
LYS NZ  HZ2  sing N N 190 
LYS NZ  HZ3  sing N N 191 
LYS OXT HXT  sing N N 192 
MSE N   CA   sing N N 193 
MSE N   H    sing N N 194 
MSE N   H2   sing N N 195 
MSE CA  C    sing N N 196 
MSE CA  CB   sing N N 197 
MSE CA  HA   sing N N 198 
MSE C   O    doub N N 199 
MSE C   OXT  sing N N 200 
MSE OXT HXT  sing N N 201 
MSE CB  CG   sing N N 202 
MSE CB  HB2  sing N N 203 
MSE CB  HB3  sing N N 204 
MSE CG  SE   sing N N 205 
MSE CG  HG2  sing N N 206 
MSE CG  HG3  sing N N 207 
MSE SE  CE   sing N N 208 
MSE CE  HE1  sing N N 209 
MSE CE  HE2  sing N N 210 
MSE CE  HE3  sing N N 211 
PHE N   CA   sing N N 212 
PHE N   H    sing N N 213 
PHE N   H2   sing N N 214 
PHE CA  C    sing N N 215 
PHE CA  CB   sing N N 216 
PHE CA  HA   sing N N 217 
PHE C   O    doub N N 218 
PHE C   OXT  sing N N 219 
PHE CB  CG   sing N N 220 
PHE CB  HB2  sing N N 221 
PHE CB  HB3  sing N N 222 
PHE CG  CD1  doub Y N 223 
PHE CG  CD2  sing Y N 224 
PHE CD1 CE1  sing Y N 225 
PHE CD1 HD1  sing N N 226 
PHE CD2 CE2  doub Y N 227 
PHE CD2 HD2  sing N N 228 
PHE CE1 CZ   doub Y N 229 
PHE CE1 HE1  sing N N 230 
PHE CE2 CZ   sing Y N 231 
PHE CE2 HE2  sing N N 232 
PHE CZ  HZ   sing N N 233 
PHE OXT HXT  sing N N 234 
PRO N   CA   sing N N 235 
PRO N   CD   sing N N 236 
PRO N   H    sing N N 237 
PRO CA  C    sing N N 238 
PRO CA  CB   sing N N 239 
PRO CA  HA   sing N N 240 
PRO C   O    doub N N 241 
PRO C   OXT  sing N N 242 
PRO CB  CG   sing N N 243 
PRO CB  HB2  sing N N 244 
PRO CB  HB3  sing N N 245 
PRO CG  CD   sing N N 246 
PRO CG  HG2  sing N N 247 
PRO CG  HG3  sing N N 248 
PRO CD  HD2  sing N N 249 
PRO CD  HD3  sing N N 250 
PRO OXT HXT  sing N N 251 
SER N   CA   sing N N 252 
SER N   H    sing N N 253 
SER N   H2   sing N N 254 
SER CA  C    sing N N 255 
SER CA  CB   sing N N 256 
SER CA  HA   sing N N 257 
SER C   O    doub N N 258 
SER C   OXT  sing N N 259 
SER CB  OG   sing N N 260 
SER CB  HB2  sing N N 261 
SER CB  HB3  sing N N 262 
SER OG  HG   sing N N 263 
SER OXT HXT  sing N N 264 
THR N   CA   sing N N 265 
THR N   H    sing N N 266 
THR N   H2   sing N N 267 
THR CA  C    sing N N 268 
THR CA  CB   sing N N 269 
THR CA  HA   sing N N 270 
THR C   O    doub N N 271 
THR C   OXT  sing N N 272 
THR CB  OG1  sing N N 273 
THR CB  CG2  sing N N 274 
THR CB  HB   sing N N 275 
THR OG1 HG1  sing N N 276 
THR CG2 HG21 sing N N 277 
THR CG2 HG22 sing N N 278 
THR CG2 HG23 sing N N 279 
THR OXT HXT  sing N N 280 
TRP N   CA   sing N N 281 
TRP N   H    sing N N 282 
TRP N   H2   sing N N 283 
TRP CA  C    sing N N 284 
TRP CA  CB   sing N N 285 
TRP CA  HA   sing N N 286 
TRP C   O    doub N N 287 
TRP C   OXT  sing N N 288 
TRP CB  CG   sing N N 289 
TRP CB  HB2  sing N N 290 
TRP CB  HB3  sing N N 291 
TRP CG  CD1  doub Y N 292 
TRP CG  CD2  sing Y N 293 
TRP CD1 NE1  sing Y N 294 
TRP CD1 HD1  sing N N 295 
TRP CD2 CE2  doub Y N 296 
TRP CD2 CE3  sing Y N 297 
TRP NE1 CE2  sing Y N 298 
TRP NE1 HE1  sing N N 299 
TRP CE2 CZ2  sing Y N 300 
TRP CE3 CZ3  doub Y N 301 
TRP CE3 HE3  sing N N 302 
TRP CZ2 CH2  doub Y N 303 
TRP CZ2 HZ2  sing N N 304 
TRP CZ3 CH2  sing Y N 305 
TRP CZ3 HZ3  sing N N 306 
TRP CH2 HH2  sing N N 307 
TRP OXT HXT  sing N N 308 
TYR N   CA   sing N N 309 
TYR N   H    sing N N 310 
TYR N   H2   sing N N 311 
TYR CA  C    sing N N 312 
TYR CA  CB   sing N N 313 
TYR CA  HA   sing N N 314 
TYR C   O    doub N N 315 
TYR C   OXT  sing N N 316 
TYR CB  CG   sing N N 317 
TYR CB  HB2  sing N N 318 
TYR CB  HB3  sing N N 319 
TYR CG  CD1  doub Y N 320 
TYR CG  CD2  sing Y N 321 
TYR CD1 CE1  sing Y N 322 
TYR CD1 HD1  sing N N 323 
TYR CD2 CE2  doub Y N 324 
TYR CD2 HD2  sing N N 325 
TYR CE1 CZ   doub Y N 326 
TYR CE1 HE1  sing N N 327 
TYR CE2 CZ   sing Y N 328 
TYR CE2 HE2  sing N N 329 
TYR CZ  OH   sing N N 330 
TYR OH  HH   sing N N 331 
TYR OXT HXT  sing N N 332 
VAL N   CA   sing N N 333 
VAL N   H    sing N N 334 
VAL N   H2   sing N N 335 
VAL CA  C    sing N N 336 
VAL CA  CB   sing N N 337 
VAL CA  HA   sing N N 338 
VAL C   O    doub N N 339 
VAL C   OXT  sing N N 340 
VAL CB  CG1  sing N N 341 
VAL CB  CG2  sing N N 342 
VAL CB  HB   sing N N 343 
VAL CG1 HG11 sing N N 344 
VAL CG1 HG12 sing N N 345 
VAL CG1 HG13 sing N N 346 
VAL CG2 HG21 sing N N 347 
VAL CG2 HG22 sing N N 348 
VAL CG2 HG23 sing N N 349 
VAL OXT HXT  sing N N 350 
# 
loop_
_pdbx_audit_support.funding_organization 
_pdbx_audit_support.country 
_pdbx_audit_support.grant_number 
_pdbx_audit_support.ordinal 
'National Science Foundation (NSF, United States)' China 31725026 1 
'National Science Foundation (NSF, United States)' China 31770948 2 
'National Science Foundation (NSF, United States)' China 31570875 3 
# 
_space_group.name_H-M_alt     'P 21 21 21' 
_space_group.name_Hall        'P 2ac 2ab' 
_space_group.IT_number        19 
_space_group.crystal_system   orthorhombic 
_space_group.id               1 
# 
_atom_sites.entry_id                    7C5Z 
_atom_sites.Cartn_transf_matrix[1][1]   ? 
_atom_sites.Cartn_transf_matrix[1][2]   ? 
_atom_sites.Cartn_transf_matrix[1][3]   ? 
_atom_sites.Cartn_transf_matrix[2][1]   ? 
_atom_sites.Cartn_transf_matrix[2][2]   ? 
_atom_sites.Cartn_transf_matrix[2][3]   ? 
_atom_sites.Cartn_transf_matrix[3][1]   ? 
_atom_sites.Cartn_transf_matrix[3][2]   ? 
_atom_sites.Cartn_transf_matrix[3][3]   ? 
_atom_sites.Cartn_transf_vector[1]      ? 
_atom_sites.Cartn_transf_vector[2]      ? 
_atom_sites.Cartn_transf_vector[3]      ? 
_atom_sites.fract_transf_matrix[1][1]   0.01058895 
_atom_sites.fract_transf_matrix[1][2]   -0.02282854 
_atom_sites.fract_transf_matrix[1][3]   0.00793094 
_atom_sites.fract_transf_matrix[2][1]   0.00302279 
_atom_sites.fract_transf_matrix[2][2]   -0.00471637 
_atom_sites.fract_transf_matrix[2][3]   -0.01761153 
_atom_sites.fract_transf_matrix[3][1]   0.01002600 
_atom_sites.fract_transf_matrix[3][2]   0.00480164 
_atom_sites.fract_transf_matrix[3][3]   0.00043495 
_atom_sites.fract_transf_vector[1]      0.600151 
_atom_sites.fract_transf_vector[2]      0.683302 
_atom_sites.fract_transf_vector[3]      0.361972 
_atom_sites.solution_primary            ? 
_atom_sites.solution_secondary          ? 
_atom_sites.solution_hydrogens          ? 
_atom_sites.special_details             ? 
# 
loop_
_atom_type.symbol 
_atom_type.scat_dispersion_real 
_atom_type.scat_dispersion_imag 
_atom_type.scat_Cromer_Mann_a1 
_atom_type.scat_Cromer_Mann_a2 
_atom_type.scat_Cromer_Mann_a3 
_atom_type.scat_Cromer_Mann_a4 
_atom_type.scat_Cromer_Mann_b1 
_atom_type.scat_Cromer_Mann_b2 
_atom_type.scat_Cromer_Mann_b3 
_atom_type.scat_Cromer_Mann_b4 
_atom_type.scat_Cromer_Mann_c 
_atom_type.scat_source 
_atom_type.scat_dispersion_source 
C  ? ? 3.54356  2.42580 ? ? 25.62398 1.50364  ? ? 0.0 
;2-Gaussian fit: Grosse-Kunstleve RW, Sauter NK, Adams PD: Newsletter of the IUCr Commission on Crystallographic Computing 2004, 3, 22-31.
;
? 
N  ? ? 4.01032  2.96436 ? ? 19.97189 1.75589  ? ? 0.0 
;2-Gaussian fit: Grosse-Kunstleve RW, Sauter NK, Adams PD: Newsletter of the IUCr Commission on Crystallographic Computing 2004, 3, 22-31.
;
? 
O  ? ? 4.49882  3.47563 ? ? 15.80542 1.70748  ? ? 0.0 
;2-Gaussian fit: Grosse-Kunstleve RW, Sauter NK, Adams PD: Newsletter of the IUCr Commission on Crystallographic Computing 2004, 3, 22-31.
;
? 
S  ? ? 9.55732  6.39887 ? ? 1.23737  29.19336 ? ? 0.0 
;2-Gaussian fit: Grosse-Kunstleve RW, Sauter NK, Adams PD: Newsletter of the IUCr Commission on Crystallographic Computing 2004, 3, 22-31.
;
? 
SE ? ? 26.02326 7.89457 ? ? 1.54240  29.12501 ? ? 0.0 
;2-Gaussian fit: Grosse-Kunstleve RW, Sauter NK, Adams PD: Newsletter of the IUCr Commission on Crystallographic Computing 2004, 3, 22-31.
;
? 
# 
loop_
_atom_site.group_PDB 
_atom_site.id 
_atom_site.type_symbol 
_atom_site.label_atom_id 
_atom_site.label_alt_id 
_atom_site.label_comp_id 
_atom_site.label_asym_id 
_atom_site.label_entity_id 
_atom_site.label_seq_id 
_atom_site.pdbx_PDB_ins_code 
_atom_site.Cartn_x 
_atom_site.Cartn_y 
_atom_site.Cartn_z 
_atom_site.occupancy 
_atom_site.B_iso_or_equiv 
_atom_site.pdbx_formal_charge 
_atom_site.auth_seq_id 
_atom_site.auth_comp_id 
_atom_site.auth_asym_id 
_atom_site.auth_atom_id 
_atom_site.pdbx_PDB_model_num 
ATOM   1    N  N   . SER A 1 1  ? -21.40324 -17.91722 -12.93412 1.000 85.95468  ? 1   SER A N   1 
ATOM   2    C  CA  . SER A 1 1  ? -21.14152 -19.06543 -13.79350 1.000 88.83044  ? 1   SER A CA  1 
ATOM   3    C  C   . SER A 1 1  ? -19.80374 -18.92466 -14.51471 1.000 82.31391  ? 1   SER A C   1 
ATOM   4    O  O   . SER A 1 1  ? -19.20995 -19.91762 -14.93504 1.000 87.45639  ? 1   SER A O   1 
ATOM   5    C  CB  . SER A 1 1  ? -22.26796 -19.24092 -14.81590 1.000 92.76588  ? 1   SER A CB  1 
ATOM   6    O  OG  . SER A 1 1  ? -23.48352 -19.60198 -14.18653 1.000 93.72938  ? 1   SER A OG  1 
ATOM   7    N  N   . TRP A 1 2  ? -19.33400 -17.68697 -14.65508 1.000 71.85798  ? 2   TRP A N   1 
ATOM   8    C  CA  . TRP A 1 2  ? -18.11406 -17.38386 -15.38907 1.000 65.82462  ? 2   TRP A CA  1 
ATOM   9    C  C   . TRP A 1 2  ? -17.04722 -16.86082 -14.43810 1.000 66.41098  ? 2   TRP A C   1 
ATOM   10   O  O   . TRP A 1 2  ? -17.34727 -16.12572 -13.49178 1.000 64.49659  ? 2   TRP A O   1 
ATOM   11   C  CB  . TRP A 1 2  ? -18.37623 -16.35613 -16.49698 1.000 52.71209  ? 2   TRP A CB  1 
ATOM   12   C  CG  . TRP A 1 2  ? -17.13227 -15.89275 -17.19619 1.000 49.38828  ? 2   TRP A CG  1 
ATOM   13   C  CD1 . TRP A 1 2  ? -16.45697 -14.72408 -16.98136 1.000 46.70307  ? 2   TRP A CD1 1 
ATOM   14   C  CD2 . TRP A 1 2  ? -16.41034 -16.59037 -18.22055 1.000 46.79079  ? 2   TRP A CD2 1 
ATOM   15   N  NE1 . TRP A 1 2  ? -15.36366 -14.64750 -17.81459 1.000 42.48327  ? 2   TRP A NE1 1 
ATOM   16   C  CE2 . TRP A 1 2  ? -15.30943 -15.78288 -18.58051 1.000 45.32903  ? 2   TRP A CE2 1 
ATOM   17   C  CE3 . TRP A 1 2  ? -16.58829 -17.81666 -18.86999 1.000 45.48720  ? 2   TRP A CE3 1 
ATOM   18   C  CZ2 . TRP A 1 2  ? -14.39156 -16.16298 -19.55944 1.000 40.79185  ? 2   TRP A CZ2 1 
ATOM   19   C  CZ3 . TRP A 1 2  ? -15.67405 -18.19160 -19.84169 1.000 44.99863  ? 2   TRP A CZ3 1 
ATOM   20   C  CH2 . TRP A 1 2  ? -14.58973 -17.36634 -20.17632 1.000 39.63607  ? 2   TRP A CH2 1 
ATOM   21   N  N   . GLU A 1 3  ? -15.79944 -17.23982 -14.70403 1.000 69.79122  ? 3   GLU A N   1 
ATOM   22   C  CA  . GLU A 1 3  ? -14.66740 -16.83569 -13.88135 1.000 75.28343  ? 3   GLU A CA  1 
ATOM   23   C  C   . GLU A 1 3  ? -13.41878 -16.82862 -14.75082 1.000 70.62206  ? 3   GLU A C   1 
ATOM   24   O  O   . GLU A 1 3  ? -13.18195 -17.77694 -15.50547 1.000 68.78374  ? 3   GLU A O   1 
ATOM   25   C  CB  . GLU A 1 3  ? -14.49404 -17.77892 -12.68421 1.000 84.72830  ? 3   GLU A CB  1 
ATOM   26   C  CG  . GLU A 1 3  ? -13.34660 -17.42771 -11.75955 1.000 90.82804  ? 3   GLU A CG  1 
ATOM   27   C  CD  . GLU A 1 3  ? -12.83298 -18.63226 -10.99549 1.000 98.38013  ? 3   GLU A CD  1 
ATOM   28   O  OE1 . GLU A 1 3  ? -13.57769 -19.62995 -10.88901 1.000 100.34647 ? 3   GLU A OE1 1 
ATOM   29   O  OE2 . GLU A 1 3  ? -11.68837 -18.57900 -10.49722 1.000 101.74968 ? 3   GLU A OE2 1 
ATOM   30   N  N   . GLU A 1 4  ? -12.63562 -15.75847 -14.65633 1.000 68.87544  ? 4   GLU A N   1 
ATOM   31   C  CA  . GLU A 1 4  ? -11.42893 -15.62714 -15.45937 1.000 68.62593  ? 4   GLU A CA  1 
ATOM   32   C  C   . GLU A 1 4  ? -10.22103 -16.23664 -14.74537 1.000 76.54663  ? 4   GLU A C   1 
ATOM   33   O  O   . GLU A 1 4  ? -10.26770 -16.59075 -13.56812 1.000 76.78182  ? 4   GLU A O   1 
ATOM   34   C  CB  . GLU A 1 4  ? -11.15859 -14.15819 -15.79074 1.000 56.98128  ? 4   GLU A CB  1 
ATOM   35   C  CG  . GLU A 1 4  ? -12.36275 -13.38314 -16.29637 1.000 49.04880  ? 4   GLU A CG  1 
ATOM   36   C  CD  . GLU A 1 4  ? -12.42931 -13.30070 -17.81122 1.000 45.49686  ? 4   GLU A CD  1 
ATOM   37   O  OE1 . GLU A 1 4  ? -13.42058 -12.74092 -18.33308 1.000 31.22224  ? 4   GLU A OE1 1 
ATOM   38   O  OE2 . GLU A 1 4  ? -11.48985 -13.78804 -18.47583 1.000 42.58634  ? 4   GLU A OE2 1 
ATOM   39   N  N   . GLU A 1 5  ? -9.12766  -16.36048 -15.48941 1.000 82.73251  ? 5   GLU A N   1 
ATOM   40   C  CA  . GLU A 1 5  ? -7.86281  -16.82781 -14.94453 1.000 91.66449  ? 5   GLU A CA  1 
ATOM   41   C  C   . GLU A 1 5  ? -7.34752  -15.82956 -13.91593 1.000 86.72872  ? 5   GLU A C   1 
ATOM   42   O  O   . GLU A 1 5  ? -7.29981  -14.62523 -14.17631 1.000 82.69519  ? 5   GLU A O   1 
ATOM   43   C  CB  . GLU A 1 5  ? -6.84980  -16.98907 -16.07699 1.000 100.10250 ? 5   GLU A CB  1 
ATOM   44   C  CG  . GLU A 1 5  ? -6.90102  -18.31066 -16.81498 1.000 109.11507 ? 5   GLU A CG  1 
ATOM   45   C  CD  . GLU A 1 5  ? -5.87090  -18.36976 -17.92678 1.000 115.11753 ? 5   GLU A CD  1 
ATOM   46   O  OE1 . GLU A 1 5  ? -5.01766  -17.45754 -17.97335 1.000 116.91564 ? 5   GLU A OE1 1 
ATOM   47   O  OE2 . GLU A 1 5  ? -5.92148  -19.30647 -18.75522 1.000 117.82693 ? 5   GLU A OE2 1 
ATOM   48   N  N   . SER A 1 6  ? -6.94321  -16.32325 -12.75259 1.000 88.47956  ? 6   SER A N   1 
ATOM   49   C  CA  . SER A 1 6  ? -6.31654  -15.47228 -11.74111 1.000 89.46750  ? 6   SER A CA  1 
ATOM   50   C  C   . SER A 1 6  ? -4.95885  -16.07019 -11.39313 1.000 93.02474  ? 6   SER A C   1 
ATOM   51   O  O   . SER A 1 6  ? -4.78522  -16.69438 -10.34226 1.000 97.58283  ? 6   SER A O   1 
ATOM   52   C  CB  . SER A 1 6  ? -7.21144  -15.29296 -10.46797 1.000 87.31020  ? 6   SER A CB  1 
ATOM   53   O  OG  . SER A 1 6  ? -7.47243  -16.51686 -9.82784  1.000 91.45602  ? 6   SER A OG  1 
ATOM   54   N  N   . THR A 1 7  ? -3.99474  -15.87780 -12.29343 1.000 91.26890  ? 7   THR A N   1 
ATOM   55   C  CA  . THR A 1 7  ? -2.63597  -16.37213 -12.11052 1.000 91.26415  ? 7   THR A CA  1 
ATOM   56   C  C   . THR A 1 7  ? -1.69797  -15.34128 -11.49889 1.000 79.08556  ? 7   THR A C   1 
ATOM   57   O  O   . THR A 1 7  ? -0.81219  -15.71370 -10.72241 1.000 79.60582  ? 7   THR A O   1 
ATOM   58   C  CB  . THR A 1 7  ? -2.05261  -16.84464 -13.44956 1.000 96.61059  ? 7   THR A CB  1 
ATOM   59   O  OG1 . THR A 1 7  ? -2.49814  -15.98082 -14.50091 1.000 95.54560  ? 7   THR A OG1 1 
ATOM   60   C  CG2 . THR A 1 7  ? -2.48897  -18.27165 -13.75443 1.000 93.45450  ? 7   THR A CG2 1 
ATOM   61   N  N   . GLY A 1 8  ? -1.86116  -14.06278 -11.83285 1.000 66.66948  ? 8   GLY A N   1 
ATOM   62   C  CA  . GLY A 1 8  ? -1.03686  -13.02179 -11.24946 1.000 52.57178  ? 8   GLY A CA  1 
ATOM   63   C  C   . GLY A 1 8  ? -0.47029  -12.02809 -12.24551 1.000 45.81512  ? 8   GLY A C   1 
ATOM   64   O  O   . GLY A 1 8  ? 0.09007   -12.41570 -13.27625 1.000 39.22075  ? 8   GLY A O   1 
ATOM   65   N  N   . ILE A 1 9  ? -0.60624  -10.73579 -11.94045 1.000 33.53537  ? 9   ILE A N   1 
ATOM   66   C  CA  . ILE A 1 9  ? -0.05168  -9.69170  -12.79434 1.000 32.87161  ? 9   ILE A CA  1 
ATOM   67   C  C   . ILE A 1 9  ? 1.46800   -9.70746  -12.69062 1.000 32.44176  ? 9   ILE A C   1 
ATOM   68   O  O   . ILE A 1 9  ? 2.03151   -9.76509  -11.58891 1.000 31.60960  ? 9   ILE A O   1 
ATOM   69   C  CB  . ILE A 1 9  ? -0.62222  -8.32314  -12.39635 1.000 31.55521  ? 9   ILE A CB  1 
ATOM   70   C  CG1 . ILE A 1 9  ? -2.11984  -8.26253  -12.70587 1.000 31.62031  ? 9   ILE A CG1 1 
ATOM   71   C  CG2 . ILE A 1 9  ? 0.11070   -7.20366  -13.10917 1.000 32.47900  ? 9   ILE A CG2 1 
ATOM   72   C  CD1 . ILE A 1 9  ? -2.84843  -7.28188  -11.85452 1.000 30.37483  ? 9   ILE A CD1 1 
ATOM   73   N  N   . ASP A 1 10 ? 2.14263   -9.64930  -13.83786 1.000 30.44940  ? 10  ASP A N   1 
ATOM   74   C  CA  . ASP A 1 10 ? 3.60183   -9.63969  -13.88962 1.000 29.09664  ? 10  ASP A CA  1 
ATOM   75   C  C   . ASP A 1 10 ? 4.06587   -8.20971  -14.14969 1.000 31.12665  ? 10  ASP A C   1 
ATOM   76   O  O   . ASP A 1 10 ? 3.80781   -7.64768  -15.21939 1.000 32.41938  ? 10  ASP A O   1 
ATOM   77   C  CB  . ASP A 1 10 ? 4.11723   -10.59959 -14.96078 1.000 32.47562  ? 10  ASP A CB  1 
ATOM   78   C  CG  . ASP A 1 10 ? 5.61418   -10.90034 -14.82812 1.000 37.37758  ? 10  ASP A CG  1 
ATOM   79   O  OD1 . ASP A 1 10 ? 6.34749   -10.15531 -14.13748 1.000 35.20885  ? 10  ASP A OD1 1 
ATOM   80   O  OD2 . ASP A 1 10 ? 6.06342   -11.90255 -15.42647 1.000 44.13800  ? 10  ASP A OD2 1 
ATOM   81   N  N   . LEU A 1 11 ? 4.74325   -7.62627  -13.16385 1.000 24.82690  ? 11  LEU A N   1 
ATOM   82   C  CA  . LEU A 1 11 ? 5.34690   -6.30477  -13.27273 1.000 25.31184  ? 11  LEU A CA  1 
ATOM   83   C  C   . LEU A 1 11 ? 6.78749   -6.35700  -13.74710 1.000 27.40732  ? 11  LEU A C   1 
ATOM   84   O  O   . LEU A 1 11 ? 7.45686   -5.32064  -13.76872 1.000 29.90299  ? 11  LEU A O   1 
ATOM   85   C  CB  . LEU A 1 11 ? 5.30252   -5.59228  -11.92005 1.000 23.92454  ? 11  LEU A CB  1 
ATOM   86   C  CG  . LEU A 1 11 ? 3.97027   -5.57741  -11.17798 1.000 22.18347  ? 11  LEU A CG  1 
ATOM   87   C  CD1 . LEU A 1 11 ? 4.13931   -4.90044  -9.82682  1.000 24.22070  ? 11  LEU A CD1 1 
ATOM   88   C  CD2 . LEU A 1 11 ? 2.93525   -4.86206  -12.02033 1.000 23.27320  ? 11  LEU A CD2 1 
ATOM   89   N  N   . GLY A 1 12 ? 7.28694   -7.53693  -14.09437 1.000 29.46956  ? 12  GLY A N   1 
ATOM   90   C  CA  . GLY A 1 12 ? 8.67945   -7.70806  -14.47343 1.000 29.76061  ? 12  GLY A CA  1 
ATOM   91   C  C   . GLY A 1 12 ? 9.47193   -8.59926  -13.54555 1.000 32.49652  ? 12  GLY A C   1 
ATOM   92   O  O   . GLY A 1 12 ? 10.65299  -8.85676  -13.82165 1.000 33.28243  ? 12  GLY A O   1 
ATOM   93   N  N   . PHE A 1 13 ? 8.87850   -9.10457  -12.46520 1.000 27.44291  ? 13  PHE A N   1 
ATOM   94   C  CA  . PHE A 1 13 ? 9.59161   -9.91812  -11.48727 1.000 29.48440  ? 13  PHE A CA  1 
ATOM   95   C  C   . PHE A 1 13 ? 9.02290   -11.32434 -11.38446 1.000 31.55245  ? 13  PHE A C   1 
ATOM   96   O  O   . PHE A 1 13 ? 9.45535   -12.09712 -10.52002 1.000 35.46267  ? 13  PHE A O   1 
ATOM   97   C  CB  . PHE A 1 13 ? 9.56296   -9.24114  -10.11290 1.000 31.55233  ? 13  PHE A CB  1 
ATOM   98   C  CG  . PHE A 1 13 ? 9.78933   -7.75698  -10.17115 1.000 31.92971  ? 13  PHE A CG  1 
ATOM   99   C  CD1 . PHE A 1 13 ? 11.07088  -7.25078  -10.32992 1.000 38.02392  ? 13  PHE A CD1 1 
ATOM   100  C  CD2 . PHE A 1 13 ? 8.72376   -6.87271  -10.08283 1.000 31.22423  ? 13  PHE A CD2 1 
ATOM   101  C  CE1 . PHE A 1 13 ? 11.29169  -5.88744  -10.39494 1.000 33.84216  ? 13  PHE A CE1 1 
ATOM   102  C  CE2 . PHE A 1 13 ? 8.93585   -5.50155  -10.14932 1.000 33.03846  ? 13  PHE A CE2 1 
ATOM   103  C  CZ  . PHE A 1 13 ? 10.22177  -5.01150  -10.30314 1.000 32.28270  ? 13  PHE A CZ  1 
ATOM   104  N  N   . GLY A 1 14 ? 8.06641   -11.67116 -12.23469 1.000 29.94751  ? 14  GLY A N   1 
ATOM   105  C  CA  . GLY A 1 14 ? 7.35657   -12.92384 -12.13076 1.000 34.86367  ? 14  GLY A CA  1 
ATOM   106  C  C   . GLY A 1 14 ? 5.90544   -12.69141 -11.76479 1.000 35.81066  ? 14  GLY A C   1 
ATOM   107  O  O   . GLY A 1 14 ? 5.55635   -11.69206 -11.12451 1.000 29.00700  ? 14  GLY A O   1 
ATOM   108  N  N   . PRO A 1 15 ? 5.02605   -13.60908 -12.16413 1.000 35.81092  ? 15  PRO A N   1 
ATOM   109  C  CA  . PRO A 1 15 ? 3.58934   -13.40430 -11.92393 1.000 32.06660  ? 15  PRO A CA  1 
ATOM   110  C  C   . PRO A 1 15 ? 3.28088   -13.25965 -10.43932 1.000 34.10425  ? 15  PRO A C   1 
ATOM   111  O  O   . PRO A 1 15 ? 3.71215   -14.06695 -9.61388  1.000 34.04206  ? 15  PRO A O   1 
ATOM   112  C  CB  . PRO A 1 15 ? 2.94496   -14.66453 -12.51810 1.000 38.35045  ? 15  PRO A CB  1 
ATOM   113  C  CG  . PRO A 1 15 ? 3.96102   -15.19482 -13.48911 1.000 38.44796  ? 15  PRO A CG  1 
ATOM   114  C  CD  . PRO A 1 15 ? 5.29673   -14.86273 -12.89104 1.000 41.38061  ? 15  PRO A CD  1 
ATOM   115  N  N   . GLY A 1 16 ? 2.54866   -12.19735 -10.10307 1.000 30.34547  ? 16  GLY A N   1 
ATOM   116  C  CA  . GLY A 1 16 ? 2.10784   -11.94049 -8.74723  1.000 32.21392  ? 16  GLY A CA  1 
ATOM   117  C  C   . GLY A 1 16 ? 3.14406   -11.35952 -7.80232  1.000 29.95144  ? 16  GLY A C   1 
ATOM   118  O  O   . GLY A 1 16 ? 2.83165   -11.16018 -6.62285  1.000 34.20470  ? 16  GLY A O   1 
ATOM   119  N  N   . ILE A 1 17 ? 4.35384   -11.07113 -8.26485  1.000 26.72815  ? 17  ILE A N   1 
ATOM   120  C  CA  . ILE A 1 17 ? 5.42742   -10.61061 -7.38656  1.000 28.60223  ? 17  ILE A CA  1 
ATOM   121  C  C   . ILE A 1 17 ? 5.56057   -9.09608  -7.48378  1.000 24.79808  ? 17  ILE A C   1 
ATOM   122  O  O   . ILE A 1 17 ? 5.50396   -8.51696  -8.57701  1.000 26.01871  ? 17  ILE A O   1 
ATOM   123  C  CB  . ILE A 1 17 ? 6.76054   -11.30432 -7.72703  1.000 30.03758  ? 17  ILE A CB  1 
ATOM   124  C  CG1 . ILE A 1 17 ? 6.65210   -12.80492 -7.45146  1.000 34.36936  ? 17  ILE A CG1 1 
ATOM   125  C  CG2 . ILE A 1 17 ? 7.91768   -10.69746 -6.92565  1.000 28.79325  ? 17  ILE A CG2 1 
ATOM   126  C  CD1 . ILE A 1 17 ? 7.92188   -13.56033 -7.73795  1.000 36.42416  ? 17  ILE A CD1 1 
ATOM   127  N  N   . VAL A 1 18 ? 5.75361   -8.45431  -6.33477  1.000 24.89913  ? 18  VAL A N   1 
ATOM   128  C  CA  . VAL A 1 18 ? 6.01800   -7.02385  -6.24831  1.000 24.45768  ? 18  VAL A CA  1 
ATOM   129  C  C   . VAL A 1 18 ? 7.40358   -6.85304  -5.64619  1.000 23.70508  ? 18  VAL A C   1 
ATOM   130  O  O   . VAL A 1 18 ? 7.68325   -7.39748  -4.57108  1.000 28.87040  ? 18  VAL A O   1 
ATOM   131  C  CB  . VAL A 1 18 ? 4.96801   -6.30264  -5.38507  1.000 23.77025  ? 18  VAL A CB  1 
ATOM   132  C  CG1 . VAL A 1 18 ? 5.39037   -4.84955  -5.14850  1.000 26.10605  ? 18  VAL A CG1 1 
ATOM   133  C  CG2 . VAL A 1 18 ? 3.58627   -6.37777  -6.03332  1.000 25.11134  ? 18  VAL A CG2 1 
HETATM 134  N  N   . MSE A 1 19 ? 8.26220   -6.10294  -6.32978  1.000 24.66305  ? 19  MSE A N   1 
HETATM 135  C  CA  . MSE A 1 19 ? 9.60422   -5.84556  -5.82291  1.000 23.64237  ? 19  MSE A CA  1 
HETATM 136  C  C   . MSE A 1 19 ? 9.87521   -4.34584  -5.80053  1.000 24.07356  ? 19  MSE A C   1 
HETATM 137  O  O   . MSE A 1 19 ? 9.60946   -3.66592  -6.78045  1.000 26.29073  ? 19  MSE A O   1 
HETATM 138  C  CB  . MSE A 1 19 ? 10.66652  -6.53058  -6.69411  1.000 26.89725  ? 19  MSE A CB  1 
HETATM 139  C  CG  . MSE A 1 19 ? 10.73056  -8.04630  -6.59983  1.000 35.14805  ? 19  MSE A CG  1 
HETATM 140  SE SE  . MSE A 1 19 ? 11.27715  -8.73838  -4.85190  1.000 62.87007  ? 19  MSE A SE  1 
HETATM 141  C  CE  . MSE A 1 19 ? 12.94849  -7.78621  -4.69818  1.000 22.93161  ? 19  MSE A CE  1 
ATOM   142  N  N   . PRO A 1 20 ? 10.41038  -3.84893  -4.69339  1.000 19.94248  ? 20  PRO A N   1 
ATOM   143  C  CA  . PRO A 1 20 ? 10.86698  -2.45898  -4.61448  1.000 23.14608  ? 20  PRO A CA  1 
ATOM   144  C  C   . PRO A 1 20 ? 12.32126  -2.32499  -5.04682  1.000 19.93540  ? 20  PRO A C   1 
ATOM   145  O  O   . PRO A 1 20 ? 13.07653  -3.29507  -5.06022  1.000 20.89268  ? 20  PRO A O   1 
ATOM   146  C  CB  . PRO A 1 20 ? 10.72076  -2.14923  -3.11424  1.000 22.66191  ? 20  PRO A CB  1 
ATOM   147  C  CG  . PRO A 1 20 ? 11.02472  -3.47732  -2.45872  1.000 25.49905  ? 20  PRO A CG  1 
ATOM   148  C  CD  . PRO A 1 20 ? 10.52407  -4.55478  -3.40175  1.000 24.50446  ? 20  PRO A CD  1 
ATOM   149  N  N   . SER A 1 21 ? 12.68824  -1.10298  -5.44129  1.000 19.06839  ? 21  SER A N   1 
ATOM   150  C  CA  . SER A 1 21 ? 14.06998  -0.70694  -5.70142  1.000 20.18651  ? 21  SER A CA  1 
ATOM   151  C  C   . SER A 1 21 ? 14.38760  0.41335   -4.72261  1.000 19.84978  ? 21  SER A C   1 
ATOM   152  O  O   . SER A 1 21 ? 13.65575  1.40543   -4.66462  1.000 21.46317  ? 21  SER A O   1 
ATOM   153  C  CB  . SER A 1 21 ? 14.24704  -0.24542  -7.14946  1.000 25.15672  ? 21  SER A CB  1 
ATOM   154  O  OG  . SER A 1 21 ? 15.57319  0.16721   -7.39200  1.000 27.73435  ? 21  SER A OG  1 
ATOM   155  N  N   . VAL A 1 22 ? 15.44879  0.24864   -3.93440  1.000 17.08522  ? 22  VAL A N   1 
ATOM   156  C  CA  . VAL A 1 22 ? 15.70994  1.10699   -2.78390  1.000 17.43582  ? 22  VAL A CA  1 
ATOM   157  C  C   . VAL A 1 22 ? 17.00331  1.88523   -2.99866  1.000 20.12287  ? 22  VAL A C   1 
ATOM   158  O  O   . VAL A 1 22 ? 18.05215  1.29714   -3.29560  1.000 19.98446  ? 22  VAL A O   1 
ATOM   159  C  CB  . VAL A 1 22 ? 15.76987  0.27480   -1.48908  1.000 17.36337  ? 22  VAL A CB  1 
ATOM   160  C  CG1 . VAL A 1 22 ? 16.26901  1.12861   -0.32617  1.000 23.30152  ? 22  VAL A CG1 1 
ATOM   161  C  CG2 . VAL A 1 22 ? 14.38134  -0.29822  -1.18983  1.000 21.53739  ? 22  VAL A CG2 1 
ATOM   162  N  N   . SER A 1 23 ? 16.94460  3.20037   -2.81150  1.000 18.67952  ? 23  SER A N   1 
ATOM   163  C  CA  . SER A 1 23 ? 18.13773  4.03700   -2.89627  1.000 18.52936  ? 23  SER A CA  1 
ATOM   164  C  C   . SER A 1 23 ? 18.10019  5.07516   -1.78638  1.000 21.11379  ? 23  SER A C   1 
ATOM   165  O  O   . SER A 1 23 ? 17.07629  5.27324   -1.12815  1.000 21.52537  ? 23  SER A O   1 
ATOM   166  C  CB  . SER A 1 23 ? 18.24462  4.73155   -4.25922  1.000 25.67875  ? 23  SER A CB  1 
ATOM   167  O  OG  . SER A 1 23 ? 17.14238  5.60760   -4.43432  1.000 25.91644  ? 23  SER A OG  1 
ATOM   168  N  N   . ASN A 1 24 ? 19.23145  5.75234   -1.57717  1.000 21.54791  ? 24  ASN A N   1 
ATOM   169  C  CA  . ASN A 1 24 ? 19.34073  6.76486   -0.53828  1.000 21.44243  ? 24  ASN A CA  1 
ATOM   170  C  C   . ASN A 1 24 ? 19.87458  8.04326   -1.15277  1.000 24.17097  ? 24  ASN A C   1 
ATOM   171  O  O   . ASN A 1 24 ? 20.88020  8.02021   -1.86855  1.000 27.71424  ? 24  ASN A O   1 
ATOM   172  C  CB  . ASN A 1 24 ? 20.24408  6.30567   0.60837   1.000 25.45909  ? 24  ASN A CB  1 
ATOM   173  C  CG  . ASN A 1 24 ? 19.61508  5.18605   1.40534   1.000 21.21133  ? 24  ASN A CG  1 
ATOM   174  O  OD1 . ASN A 1 24 ? 18.74202  5.41911   2.23922   1.000 22.97097  ? 24  ASN A OD1 1 
ATOM   175  N  ND2 . ASN A 1 24 ? 20.04202  3.95289   1.12669   1.000 23.21701  ? 24  ASN A ND2 1 
ATOM   176  N  N   . HIS A 1 25 ? 19.17788  9.14657   -0.89126  1.000 23.70198  ? 25  HIS A N   1 
ATOM   177  C  CA  . HIS A 1 25 ? 19.54885  10.44220  -1.44446  1.000 31.80617  ? 25  HIS A CA  1 
ATOM   178  C  C   . HIS A 1 25 ? 19.31032  11.52217  -0.40075  1.000 40.14263  ? 25  HIS A C   1 
ATOM   179  O  O   . HIS A 1 25 ? 19.39322  11.25444  0.80334   1.000 43.81629  ? 25  HIS A O   1 
ATOM   180  C  CB  . HIS A 1 25 ? 18.75012  10.74103  -2.71919  1.000 31.90585  ? 25  HIS A CB  1 
ATOM   181  C  CG  . HIS A 1 25 ? 18.97801  9.75936   -3.82456  1.000 36.75863  ? 25  HIS A CG  1 
ATOM   182  N  ND1 . HIS A 1 25 ? 20.16274  9.69042   -4.52616  1.000 43.17053  ? 25  HIS A ND1 1 
ATOM   183  C  CD2 . HIS A 1 25 ? 18.17286  8.80521   -4.35114  1.000 37.28302  ? 25  HIS A CD2 1 
ATOM   184  C  CE1 . HIS A 1 25 ? 20.07819  8.73838   -5.43872  1.000 42.07293  ? 25  HIS A CE1 1 
ATOM   185  N  NE2 . HIS A 1 25 ? 18.88065  8.18555   -5.35357  1.000 43.98473  ? 25  HIS A NE2 1 
ATOM   186  N  N   . GLU A 1 26 ? 19.00431  12.73657  -0.86544  1.000 45.92358  ? 26  GLU A N   1 
ATOM   187  C  CA  . GLU A 1 26 ? 18.79396  13.91758  -0.03281  1.000 41.78193  ? 26  GLU A CA  1 
ATOM   188  C  C   . GLU A 1 26 ? 17.85718  13.68062  1.14683   1.000 32.33152  ? 26  GLU A C   1 
ATOM   189  O  O   . GLU A 1 26 ? 16.64774  13.91151  1.04251   1.000 45.23304  ? 26  GLU A O   1 
ATOM   190  C  CB  . GLU A 1 26 ? 18.23542  15.06498  -0.88341  1.000 49.29440  ? 26  GLU A CB  1 
ATOM   191  C  CG  . GLU A 1 26 ? 19.21182  15.66924  -1.88395  1.000 57.19835  ? 26  GLU A CG  1 
ATOM   192  C  CD  . GLU A 1 26 ? 19.38853  17.17194  -1.69613  1.000 56.75068  ? 26  GLU A CD  1 
ATOM   193  O  OE1 . GLU A 1 26 ? 18.43991  17.94493  -1.98962  1.000 50.81097  ? 26  GLU A OE1 1 
ATOM   194  O  OE2 . GLU A 1 26 ? 20.48437  17.57948  -1.25391  1.000 56.52743  ? 26  GLU A OE2 1 
ATOM   195  N  N   . GLY A 1 27 ? 18.40438  13.24445  2.27709   1.000 28.14855  ? 27  GLY A N   1 
ATOM   196  C  CA  . GLY A 1 27 ? 17.63765  13.20731  3.50532   1.000 28.91421  ? 27  GLY A CA  1 
ATOM   197  C  C   . GLY A 1 27 ? 16.72967  12.01170  3.69620   1.000 25.35243  ? 27  GLY A C   1 
ATOM   198  O  O   . GLY A 1 27 ? 15.96868  11.98816  4.67498   1.000 24.11437  ? 27  GLY A O   1 
ATOM   199  N  N   . GLY A 1 28 ? 16.77351  11.01997  2.81023   1.000 25.09319  ? 28  GLY A N   1 
ATOM   200  C  CA  . GLY A 1 28 ? 15.94626  9.85451   3.07006   1.000 20.74930  ? 28  GLY A CA  1 
ATOM   201  C  C   . GLY A 1 28 ? 16.20957  8.70967   2.11386   1.000 20.24915  ? 28  GLY A C   1 
ATOM   202  O  O   . GLY A 1 28 ? 17.08724  8.76254   1.24779   1.000 21.62514  ? 28  GLY A O   1 
ATOM   203  N  N   . THR A 1 29 ? 15.42707  7.65857   2.31005   1.000 19.67572  ? 29  THR A N   1 
ATOM   204  C  CA  . THR A 1 29 ? 15.42229  6.48601   1.45290   1.000 17.24127  ? 29  THR A CA  1 
ATOM   205  C  C   . THR A 1 29 ? 14.25623  6.58975   0.48373   1.000 19.18489  ? 29  THR A C   1 
ATOM   206  O  O   . THR A 1 29 ? 13.12257  6.87209   0.89500   1.000 19.80161  ? 29  THR A O   1 
ATOM   207  C  CB  . THR A 1 29 ? 15.29720  5.21844   2.30435   1.000 19.15848  ? 29  THR A CB  1 
ATOM   208  O  OG1 . THR A 1 29 ? 16.37420  5.18381   3.26123   1.000 21.03344  ? 29  THR A OG1 1 
ATOM   209  C  CG2 . THR A 1 29 ? 15.36798  3.98206   1.44964   1.000 20.93707  ? 29  THR A CG2 1 
ATOM   210  N  N   . TYR A 1 30 ? 14.53042  6.35040   -0.78956  1.000 17.52950  ? 30  TYR A N   1 
ATOM   211  C  CA  . TYR A 1 30 ? 13.49190  6.31589   -1.80712  1.000 16.52626  ? 30  TYR A CA  1 
ATOM   212  C  C   . TYR A 1 30 ? 13.21323  4.87001   -2.18436  1.000 18.92728  ? 30  TYR A C   1 
ATOM   213  O  O   . TYR A 1 30 ? 14.14783  4.11115   -2.48378  1.000 19.78046  ? 30  TYR A O   1 
ATOM   214  C  CB  . TYR A 1 30 ? 13.90802  7.10224   -3.04668  1.000 20.63484  ? 30  TYR A CB  1 
ATOM   215  C  CG  . TYR A 1 30 ? 13.96061  8.60525   -2.85891  1.000 19.02243  ? 30  TYR A CG  1 
ATOM   216  C  CD1 . TYR A 1 30 ? 15.05571  9.21783   -2.25876  1.000 22.51036  ? 30  TYR A CD1 1 
ATOM   217  C  CD2 . TYR A 1 30 ? 12.91917  9.40069   -3.30938  1.000 20.72099  ? 30  TYR A CD2 1 
ATOM   218  C  CE1 . TYR A 1 30 ? 15.09745  10.59895  -2.10175  1.000 24.98471  ? 30  TYR A CE1 1 
ATOM   219  C  CE2 . TYR A 1 30 ? 12.95910  10.77291  -3.16865  1.000 20.85855  ? 30  TYR A CE2 1 
ATOM   220  C  CZ  . TYR A 1 30 ? 14.03871  11.35510  -2.56258  1.000 23.65175  ? 30  TYR A CZ  1 
ATOM   221  O  OH  . TYR A 1 30 ? 14.02977  12.72951  -2.44087  1.000 25.48624  ? 30  TYR A OH  1 
ATOM   222  N  N   . VAL A 1 31 ? 11.93468  4.49794   -2.17351  1.000 16.89932  ? 31  VAL A N   1 
ATOM   223  C  CA  . VAL A 1 31 ? 11.48342  3.14355   -2.48359  1.000 15.85352  ? 31  VAL A CA  1 
ATOM   224  C  C   . VAL A 1 31 ? 10.63005  3.24306   -3.73755  1.000 19.21742  ? 31  VAL A C   1 
ATOM   225  O  O   . VAL A 1 31 ? 9.51842   3.78337   -3.68361  1.000 20.32449  ? 31  VAL A O   1 
ATOM   226  C  CB  . VAL A 1 31 ? 10.67898  2.55331   -1.32322  1.000 17.44375  ? 31  VAL A CB  1 
ATOM   227  C  CG1 . VAL A 1 31 ? 10.22838  1.13233   -1.63451  1.000 23.19685  ? 31  VAL A CG1 1 
ATOM   228  C  CG2 . VAL A 1 31 ? 11.50646  2.63741   -0.02978  1.000 19.97107  ? 31  VAL A CG2 1 
ATOM   229  N  N   . ARG A 1 32 ? 11.13357  2.73169   -4.85738  1.000 16.78688  ? 32  ARG A N   1 
ATOM   230  C  CA  . ARG A 1 32 ? 10.45517  2.86298   -6.13743  1.000 17.38789  ? 32  ARG A CA  1 
ATOM   231  C  C   . ARG A 1 32 ? 9.87503   1.52750   -6.57822  1.000 19.24720  ? 32  ARG A C   1 
ATOM   232  O  O   . ARG A 1 32 ? 10.59089  0.51654   -6.63063  1.000 19.47583  ? 32  ARG A O   1 
ATOM   233  C  CB  . ARG A 1 32 ? 11.38604  3.39519   -7.22071  1.000 16.84411  ? 32  ARG A CB  1 
ATOM   234  C  CG  . ARG A 1 32 ? 10.63410  3.67800   -8.52126  1.000 20.88775  ? 32  ARG A CG  1 
ATOM   235  C  CD  . ARG A 1 32 ? 11.51115  4.40535   -9.53990  1.000 23.96970  ? 32  ARG A CD  1 
ATOM   236  N  NE  . ARG A 1 32 ? 11.78386  5.79060   -9.15577  1.000 23.60989  ? 32  ARG A NE  1 
ATOM   237  C  CZ  . ARG A 1 32 ? 12.16417  6.73237   -10.01414 1.000 23.95285  ? 32  ARG A CZ  1 
ATOM   238  N  NH1 . ARG A 1 32 ? 12.29625  6.44280   -11.30094 1.000 26.89462  ? 32  ARG A NH1 1 
ATOM   239  N  NH2 . ARG A 1 32 ? 12.39714  7.96581   -9.57845  1.000 24.48611  ? 32  ARG A NH2 1 
ATOM   240  N  N   . TYR A 1 33 ? 8.58595   1.53193   -6.90022  1.000 16.69584  ? 33  TYR A N   1 
ATOM   241  C  CA  . TYR A 1 33 ? 7.86302   0.37574   -7.43705  1.000 16.04826  ? 33  TYR A CA  1 
ATOM   242  C  C   . TYR A 1 33 ? 7.73369   0.57149   -8.94480  1.000 18.88975  ? 33  TYR A C   1 
ATOM   243  O  O   . TYR A 1 33 ? 6.88273   1.33276   -9.41014  1.000 19.04931  ? 33  TYR A O   1 
ATOM   244  C  CB  . TYR A 1 33 ? 6.49347   0.23950   -6.76507  1.000 18.46443  ? 33  TYR A CB  1 
ATOM   245  C  CG  . TYR A 1 33 ? 6.64306   -0.21245  -5.32720  1.000 18.93770  ? 33  TYR A CG  1 
ATOM   246  C  CD1 . TYR A 1 33 ? 6.79387   -1.56147  -5.02457  1.000 17.96795  ? 33  TYR A CD1 1 
ATOM   247  C  CD2 . TYR A 1 33 ? 6.75088   0.71957   -4.29217  1.000 18.82849  ? 33  TYR A CD2 1 
ATOM   248  C  CE1 . TYR A 1 33 ? 6.99076   -1.97935  -3.72116  1.000 20.92338  ? 33  TYR A CE1 1 
ATOM   249  C  CE2 . TYR A 1 33 ? 6.94743   0.30396   -2.97733  1.000 19.72589  ? 33  TYR A CE2 1 
ATOM   250  C  CZ  . TYR A 1 33 ? 7.06535   -1.03759  -2.71377  1.000 21.19836  ? 33  TYR A CZ  1 
ATOM   251  O  OH  . TYR A 1 33 ? 7.26766   -1.45936  -1.42428  1.000 19.97734  ? 33  TYR A OH  1 
ATOM   252  N  N   . ASN A 1 34 ? 8.58078   -0.12207  -9.70189  1.000 18.39490  ? 34  ASN A N   1 
ATOM   253  C  CA  . ASN A 1 34 ? 8.61286   -0.03577  -11.15566 1.000 18.63970  ? 34  ASN A CA  1 
ATOM   254  C  C   . ASN A 1 34 ? 7.69839   -1.07526  -11.78953 1.000 19.33372  ? 34  ASN A C   1 
ATOM   255  O  O   . ASN A 1 34 ? 7.15822   -1.96488  -11.12755 1.000 20.70360  ? 34  ASN A O   1 
ATOM   256  C  CB  . ASN A 1 34 ? 10.03179  -0.24672  -11.66817 1.000 20.70359  ? 34  ASN A CB  1 
ATOM   257  C  CG  . ASN A 1 34 ? 10.94096  0.91255   -11.33848 1.000 21.76003  ? 34  ASN A CG  1 
ATOM   258  O  OD1 . ASN A 1 34 ? 10.60896  2.06377   -11.63464 1.000 23.20465  ? 34  ASN A OD1 1 
ATOM   259  N  ND2 . ASN A 1 34 ? 12.08733  0.62632   -10.72230 1.000 23.28707  ? 34  ASN A ND2 1 
ATOM   260  N  N   . GLY A 1 35 ? 7.53081   -0.95206  -13.09790 1.000 21.04433  ? 35  GLY A N   1 
ATOM   261  C  CA  . GLY A 1 35 ? 6.84614   -1.98182  -13.85795 1.000 21.64570  ? 35  GLY A CA  1 
ATOM   262  C  C   . GLY A 1 35 ? 5.34399   -1.85848  -13.92805 1.000 21.82386  ? 35  GLY A C   1 
ATOM   263  O  O   . GLY A 1 35 ? 4.67083   -2.85096  -14.23540 1.000 21.24708  ? 35  GLY A O   1 
ATOM   264  N  N   . LEU A 1 36 ? 4.79453   -0.67181  -13.68164 1.000 20.97145  ? 36  LEU A N   1 
ATOM   265  C  CA  . LEU A 1 36 ? 3.35446   -0.46759  -13.58633 1.000 22.13600  ? 36  LEU A CA  1 
ATOM   266  C  C   . LEU A 1 36 ? 2.73347   0.04007   -14.88122 1.000 22.26249  ? 36  LEU A C   1 
ATOM   267  O  O   . LEU A 1 36 ? 1.55075   0.39299   -14.88372 1.000 22.26709  ? 36  LEU A O   1 
ATOM   268  C  CB  . LEU A 1 36 ? 3.03345   0.51497   -12.45323 1.000 22.05217  ? 36  LEU A CB  1 
ATOM   269  C  CG  . LEU A 1 36 ? 3.73441   0.23261   -11.11997 1.000 23.39675  ? 36  LEU A CG  1 
ATOM   270  C  CD1 . LEU A 1 36 ? 3.26716   1.25112   -10.08281 1.000 23.43797  ? 36  LEU A CD1 1 
ATOM   271  C  CD2 . LEU A 1 36 ? 3.47038   -1.17925  -10.64322 1.000 25.44427  ? 36  LEU A CD2 1 
ATOM   272  N  N   . GLY A 1 37 ? 3.48844   0.05533   -15.98257 1.000 22.07649  ? 37  GLY A N   1 
ATOM   273  C  CA  . GLY A 1 37 ? 2.97890   0.64761   -17.21432 1.000 25.19982  ? 37  GLY A CA  1 
ATOM   274  C  C   . GLY A 1 37 ? 1.74458   -0.03460  -17.78697 1.000 26.46222  ? 37  GLY A C   1 
ATOM   275  O  O   . GLY A 1 37 ? 0.92066   0.61697   -18.43761 1.000 28.14641  ? 37  GLY A O   1 
ATOM   276  N  N   . ASN A 1 38 ? 1.59772   -1.34005  -17.57591 1.000 24.02338  ? 38  ASN A N   1 
ATOM   277  C  CA  . ASN A 1 38 ? 0.46397   -2.07100  -18.13578 1.000 28.43057  ? 38  ASN A CA  1 
ATOM   278  C  C   . ASN A 1 38 ? -0.62198  -2.37519  -17.10567 1.000 27.84568  ? 38  ASN A C   1 
ATOM   279  O  O   . ASN A 1 38 ? -1.59089  -3.07950  -17.41947 1.000 30.62079  ? 38  ASN A O   1 
ATOM   280  C  CB  . ASN A 1 38 ? 0.95372   -3.35014  -18.80940 1.000 29.86444  ? 38  ASN A CB  1 
ATOM   281  C  CG  . ASN A 1 38 ? 1.59121   -3.06744  -20.15651 1.000 39.36910  ? 38  ASN A CG  1 
ATOM   282  O  OD1 . ASN A 1 38 ? 2.72076   -3.47133  -20.42521 1.000 45.47408  ? 38  ASN A OD1 1 
ATOM   283  N  ND2 . ASN A 1 38 ? 0.87204   -2.33461  -21.00206 1.000 40.60826  ? 38  ASN A ND2 1 
ATOM   284  N  N   . VAL A 1 39 ? -0.49167  -1.84203  -15.89312 1.000 24.66808  ? 39  VAL A N   1 
ATOM   285  C  CA  . VAL A 1 39 ? -1.53895  -1.95328  -14.88555 1.000 25.38003  ? 39  VAL A CA  1 
ATOM   286  C  C   . VAL A 1 39 ? -2.73484  -1.11103  -15.31732 1.000 25.59159  ? 39  VAL A C   1 
ATOM   287  O  O   . VAL A 1 39 ? -2.57453  0.02238   -15.79219 1.000 27.51323  ? 39  VAL A O   1 
ATOM   288  C  CB  . VAL A 1 39 ? -0.98110  -1.50188  -13.52094 1.000 23.47351  ? 39  VAL A CB  1 
ATOM   289  C  CG1 . VAL A 1 39 ? -2.08856  -1.22495  -12.50912 1.000 26.72031  ? 39  VAL A CG1 1 
ATOM   290  C  CG2 . VAL A 1 39 ? -0.00785  -2.55124  -12.98279 1.000 32.42161  ? 39  VAL A CG2 1 
ATOM   291  N  N   . ASP A 1 40 ? -3.93993  -1.67161  -15.17941 1.000 22.63357  ? 40  ASP A N   1 
ATOM   292  C  CA  . ASP A 1 40 ? -5.16824  -0.92110  -15.40951 1.000 21.29503  ? 40  ASP A CA  1 
ATOM   293  C  C   . ASP A 1 40 ? -5.08919  0.42033   -14.67563 1.000 23.46638  ? 40  ASP A C   1 
ATOM   294  O  O   . ASP A 1 40 ? -4.90637  0.43663   -13.44961 1.000 21.42754  ? 40  ASP A O   1 
ATOM   295  C  CB  . ASP A 1 40 ? -6.36542  -1.74867  -14.92098 1.000 22.84199  ? 40  ASP A CB  1 
ATOM   296  C  CG  . ASP A 1 40 ? -7.71383  -1.06726  -15.14605 1.000 28.69527  ? 40  ASP A CG  1 
ATOM   297  O  OD1 . ASP A 1 40 ? -7.82103  0.16539   -15.00016 1.000 29.80951  ? 40  ASP A OD1 1 
ATOM   298  O  OD2 . ASP A 1 40 ? -8.69591  -1.78358  -15.44920 1.000 25.94236  ? 40  ASP A OD2 1 
ATOM   299  N  N   . PRO A 1 41 ? -5.20815  1.55217   -15.37665 1.000 22.26149  ? 41  PRO A N   1 
ATOM   300  C  CA  . PRO A 1 41 ? -4.97392  2.84258   -14.70087 1.000 23.52040  ? 41  PRO A CA  1 
ATOM   301  C  C   . PRO A 1 41 ? -5.97897  3.13356   -13.60644 1.000 23.55079  ? 41  PRO A C   1 
ATOM   302  O  O   . PRO A 1 41 ? -5.64917  3.84457   -12.64778 1.000 24.14963  ? 41  PRO A O   1 
ATOM   303  C  CB  . PRO A 1 41 ? -5.05954  3.85890   -15.84848 1.000 28.19683  ? 41  PRO A CB  1 
ATOM   304  C  CG  . PRO A 1 41 ? -5.86899  3.17438   -16.89923 1.000 26.27017  ? 41  PRO A CG  1 
ATOM   305  C  CD  . PRO A 1 41 ? -5.51834  1.71910   -16.80553 1.000 25.96759  ? 41  PRO A CD  1 
ATOM   306  N  N   . ASN A 1 42 ? -7.19870  2.60133   -13.70767 1.000 22.24112  ? 42  ASN A N   1 
ATOM   307  C  CA  . ASN A 1 42 ? -8.15545  2.73772   -12.61500 1.000 23.74783  ? 42  ASN A CA  1 
ATOM   308  C  C   . ASN A 1 42 ? -7.63327  2.08014   -11.34461 1.000 23.22143  ? 42  ASN A C   1 
ATOM   309  O  O   . ASN A 1 42 ? -7.78522  2.62437   -10.24628 1.000 21.08909  ? 42  ASN A O   1 
ATOM   310  C  CB  . ASN A 1 42 ? -9.49562  2.12769   -13.01704 1.000 23.26559  ? 42  ASN A CB  1 
ATOM   311  C  CG  . ASN A 1 42 ? -10.09260 2.80308   -14.22870 1.000 32.66687  ? 42  ASN A CG  1 
ATOM   312  O  OD1 . ASN A 1 42 ? -10.16970 2.21762   -15.31358 1.000 36.39043  ? 42  ASN A OD1 1 
ATOM   313  N  ND2 . ASN A 1 42 ? -10.51194 4.04622   -14.05551 1.000 30.63661  ? 42  ASN A ND2 1 
ATOM   314  N  N   . TYR A 1 43 ? -7.00461  0.91678   -11.47030 1.000 21.82999  ? 43  TYR A N   1 
ATOM   315  C  CA  . TYR A 1 43 ? -6.44697  0.27545   -10.28902 1.000 17.96650  ? 43  TYR A CA  1 
ATOM   316  C  C   . TYR A 1 43 ? -5.12269  0.89426   -9.86316  1.000 21.19483  ? 43  TYR A C   1 
ATOM   317  O  O   . TYR A 1 43 ? -4.82162  0.92006   -8.66560  1.000 19.35022  ? 43  TYR A O   1 
ATOM   318  C  CB  . TYR A 1 43 ? -6.29146  -1.22049  -10.53050 1.000 19.87479  ? 43  TYR A CB  1 
ATOM   319  C  CG  . TYR A 1 43 ? -7.60123  -1.93588  -10.36011 1.000 20.05150  ? 43  TYR A CG  1 
ATOM   320  C  CD1 . TYR A 1 43 ? -8.24890  -1.94097  -9.13306  1.000 23.21475  ? 43  TYR A CD1 1 
ATOM   321  C  CD2 . TYR A 1 43 ? -8.21760  -2.58106  -11.43354 1.000 20.36299  ? 43  TYR A CD2 1 
ATOM   322  C  CE1 . TYR A 1 43 ? -9.45327  -2.58583  -8.96779  1.000 22.08754  ? 43  TYR A CE1 1 
ATOM   323  C  CE2 . TYR A 1 43 ? -9.43152  -3.22555  -11.27895 1.000 20.22259  ? 43  TYR A CE2 1 
ATOM   324  C  CZ  . TYR A 1 43 ? -10.05284 -3.22738  -10.05023 1.000 21.89092  ? 43  TYR A CZ  1 
ATOM   325  O  OH  . TYR A 1 43 ? -11.26307 -3.86979  -9.91188  1.000 21.26340  ? 43  TYR A OH  1 
ATOM   326  N  N   . LYS A 1 44 ? -4.31616  1.38230   -10.80421 1.000 19.96986  ? 44  LYS A N   1 
ATOM   327  C  CA  . LYS A 1 44 ? -3.11229  2.09908   -10.40209 1.000 21.05125  ? 44  LYS A CA  1 
ATOM   328  C  C   . LYS A 1 44 ? -3.46371  3.31092   -9.54850  1.000 20.13051  ? 44  LYS A C   1 
ATOM   329  O  O   . LYS A 1 44 ? -2.81751  3.55841   -8.51718  1.000 18.21335  ? 44  LYS A O   1 
ATOM   330  C  CB  . LYS A 1 44 ? -2.29353  2.50300   -11.62708 1.000 22.33609  ? 44  LYS A CB  1 
ATOM   331  C  CG  . LYS A 1 44 ? -0.88555  2.95942   -11.27028 1.000 24.03849  ? 44  LYS A CG  1 
ATOM   332  C  CD  . LYS A 1 44 ? 0.04695   2.90362   -12.46548 1.000 25.55317  ? 44  LYS A CD  1 
ATOM   333  C  CE  . LYS A 1 44 ? -0.30426  3.96634   -13.49091 1.000 31.90812  ? 44  LYS A CE  1 
ATOM   334  N  NZ  . LYS A 1 44 ? 0.16514   5.32514   -13.09802 1.000 34.23412  ? 44  LYS A NZ  1 
ATOM   335  N  N   . ASN A 1 45 ? -4.49462  4.06288   -9.94527  1.000 22.13357  ? 45  ASN A N   1 
ATOM   336  C  CA  . ASN A 1 45 ? -4.91194  5.22194   -9.16075  1.000 20.53489  ? 45  ASN A CA  1 
ATOM   337  C  C   . ASN A 1 45 ? -5.44597  4.81263   -7.78714  1.000 20.62022  ? 45  ASN A C   1 
ATOM   338  O  O   . ASN A 1 45 ? -5.18957  5.50200   -6.78718  1.000 19.26550  ? 45  ASN A O   1 
ATOM   339  C  CB  . ASN A 1 45 ? -5.96160  6.02765   -9.92936  1.000 20.79458  ? 45  ASN A CB  1 
ATOM   340  C  CG  . ASN A 1 45 ? -5.38013  6.75462   -11.13192 1.000 29.26336  ? 45  ASN A CG  1 
ATOM   341  O  OD1 . ASN A 1 45 ? -4.17521  7.01703   -11.20062 1.000 30.87764  ? 45  ASN A OD1 1 
ATOM   342  N  ND2 . ASN A 1 45 ? -6.24265  7.08496   -12.09335 1.000 29.13343  ? 45  ASN A ND2 1 
ATOM   343  N  N   . LEU A 1 46 ? -6.18341  3.70203   -7.71109  1.000 19.14178  ? 46  LEU A N   1 
ATOM   344  C  CA  . LEU A 1 46 ? -6.66143  3.21435   -6.42102  1.000 17.95235  ? 46  LEU A CA  1 
ATOM   345  C  C   . LEU A 1 46 ? -5.49189  2.83765   -5.52667  1.000 20.71965  ? 46  LEU A C   1 
ATOM   346  O  O   . LEU A 1 46 ? -5.44516  3.22304   -4.35048  1.000 19.18572  ? 46  LEU A O   1 
ATOM   347  C  CB  . LEU A 1 46 ? -7.59201  2.01533   -6.61480  1.000 18.71848  ? 46  LEU A CB  1 
ATOM   348  C  CG  . LEU A 1 46 ? -8.02841  1.30846   -5.33395  1.000 17.56938  ? 46  LEU A CG  1 
ATOM   349  C  CD1 . LEU A 1 46 ? -8.81946  2.23538   -4.41957  1.000 25.29029  ? 46  LEU A CD1 1 
ATOM   350  C  CD2 . LEU A 1 46 ? -8.86857  0.07235   -5.68101  1.000 23.80329  ? 46  LEU A CD2 1 
ATOM   351  N  N   . ILE A 1 47 ? -4.52087  2.11721   -6.07812  1.000 17.74826  ? 47  ILE A N   1 
ATOM   352  C  CA  . ILE A 1 47 ? -3.35487  1.71906   -5.29380  1.000 20.99419  ? 47  ILE A CA  1 
ATOM   353  C  C   . ILE A 1 47 ? -2.59927  2.94347   -4.79590  1.000 20.57713  ? 47  ILE A C   1 
ATOM   354  O  O   . ILE A 1 47 ? -2.17273  2.99481   -3.63438  1.000 18.33305  ? 47  ILE A O   1 
ATOM   355  C  CB  . ILE A 1 47 ? -2.46252  0.78181   -6.12598  1.000 19.07945  ? 47  ILE A CB  1 
ATOM   356  C  CG1 . ILE A 1 47 ? -3.15365  -0.57266  -6.28987  1.000 22.12736  ? 47  ILE A CG1 1 
ATOM   357  C  CG2 . ILE A 1 47 ? -1.07673  0.61470   -5.48144  1.000 21.05943  ? 47  ILE A CG2 1 
ATOM   358  C  CD1 . ILE A 1 47 ? -2.48299  -1.47177  -7.32829  1.000 25.27208  ? 47  ILE A CD1 1 
ATOM   359  N  N   . SER A 1 48 ? -2.43657  3.95329   -5.65345  1.000 18.23988  ? 48  SER A N   1 
ATOM   360  C  CA  . SER A 1 48 ? -1.75675  5.17039   -5.24560  1.000 18.25815  ? 48  SER A CA  1 
ATOM   361  C  C   . SER A 1 48 ? -2.48780  5.83802   -4.08705  1.000 18.76866  ? 48  SER A C   1 
ATOM   362  O  O   . SER A 1 48 ? -1.85108  6.26661   -3.11461  1.000 18.28187  ? 48  SER A O   1 
ATOM   363  C  CB  . SER A 1 48 ? -1.63102  6.11344   -6.44517  1.000 21.45838  ? 48  SER A CB  1 
ATOM   364  O  OG  . SER A 1 48 ? -0.97005  7.32255   -6.08744  1.000 24.23042  ? 48  SER A OG  1 
ATOM   365  N  N   . LYS A 1 49 ? -3.82658  5.86895   -4.14049  1.000 18.48332  ? 49  LYS A N   1 
ATOM   366  C  CA  . LYS A 1 49 ? -4.60330  6.52734   -3.09253  1.000 17.72675  ? 49  LYS A CA  1 
ATOM   367  C  C   . LYS A 1 49 ? -4.56732  5.73304   -1.79215  1.000 18.62229  ? 49  LYS A C   1 
ATOM   368  O  O   . LYS A 1 49 ? -4.50806  6.31809   -0.70200  1.000 19.59566  ? 49  LYS A O   1 
ATOM   369  C  CB  . LYS A 1 49 ? -6.04132  6.73507   -3.56144  1.000 20.05703  ? 49  LYS A CB  1 
ATOM   370  C  CG  . LYS A 1 49 ? -6.17722  7.85859   -4.57092  1.000 27.32478  ? 49  LYS A CG  1 
ATOM   371  C  CD  . LYS A 1 49 ? -7.59984  8.36977   -4.61822  1.000 36.06144  ? 49  LYS A CD  1 
ATOM   372  C  CE  . LYS A 1 49 ? -7.73359  9.52420   -5.59835  1.000 43.17975  ? 49  LYS A CE  1 
ATOM   373  N  NZ  . LYS A 1 49 ? -6.65552  10.53472  -5.39166  1.000 53.57721  ? 49  LYS A NZ  1 
HETATM 374  N  N   . MSE A 1 50 ? -4.56211  4.41025   -1.88641  1.000 20.42025  ? 50  MSE A N   1 
HETATM 375  C  CA  . MSE A 1 50 ? -4.44578  3.57096   -0.70006  1.000 20.63580  ? 50  MSE A CA  1 
HETATM 376  C  C   . MSE A 1 50 ? -3.05635  3.73424   -0.07370  1.000 21.29942  ? 50  MSE A C   1 
HETATM 377  O  O   . MSE A 1 50 ? -2.93553  3.85741   1.14412   1.000 18.76237  ? 50  MSE A O   1 
HETATM 378  C  CB  . MSE A 1 50 ? -4.72188  2.11624   -1.04693  1.000 23.08002  ? 50  MSE A CB  1 
HETATM 379  C  CG  . MSE A 1 50 ? -6.16484  1.89460   -1.47044  1.000 27.45768  ? 50  MSE A CG  1 
HETATM 380  SE SE  . MSE A 1 50 ? -6.58353  -0.00385  -1.66116  1.000 62.10230  ? 50  MSE A SE  1 
HETATM 381  C  CE  . MSE A 1 50 ? -5.68369  -0.64854  -0.04260  1.000 48.92342  ? 50  MSE A CE  1 
HETATM 382  N  N   . MSE A 1 51 ? -2.01720  3.74409   -0.90523  1.000 19.61394  ? 51  MSE A N   1 
HETATM 383  C  CA  . MSE A 1 51 ? -0.66686  3.96289   -0.38102  1.000 20.34485  ? 51  MSE A CA  1 
HETATM 384  C  C   . MSE A 1 51 ? -0.57064  5.32401   0.29320   1.000 20.82405  ? 51  MSE A C   1 
HETATM 385  O  O   . MSE A 1 51 ? -0.01604  5.43666   1.39237   1.000 20.26771  ? 51  MSE A O   1 
HETATM 386  C  CB  . MSE A 1 51 ? 0.37432   3.82867   -1.49426  1.000 21.69034  ? 51  MSE A CB  1 
HETATM 387  C  CG  . MSE A 1 51 ? 0.47527   2.41947   -2.00475  1.000 19.35139  ? 51  MSE A CG  1 
HETATM 388  SE SE  . MSE A 1 51 ? 1.72244   2.24799   -3.50554  1.000 48.28887  ? 51  MSE A SE  1 
HETATM 389  C  CE  . MSE A 1 51 ? 3.23497   3.04269   -2.65973  1.000 27.91882  ? 51  MSE A CE  1 
ATOM   390  N  N   . ARG A 1 52 ? -1.10597  6.36317   -0.35045  1.000 17.80742  ? 52  ARG A N   1 
ATOM   391  C  CA  . ARG A 1 52 ? -1.01748  7.69672   0.23459   1.000 18.26593  ? 52  ARG A CA  1 
ATOM   392  C  C   . ARG A 1 52 ? -1.72824  7.75662   1.58378   1.000 21.79592  ? 52  ARG A C   1 
ATOM   393  O  O   . ARG A 1 52 ? -1.21042  8.35398   2.54250   1.000 19.99237  ? 52  ARG A O   1 
ATOM   394  C  CB  . ARG A 1 52 ? -1.58077  8.72964   -0.74309  1.000 23.69596  ? 52  ARG A CB  1 
ATOM   395  C  CG  . ARG A 1 52 ? -1.32026  10.15836  -0.32282  1.000 28.24255  ? 52  ARG A CG  1 
ATOM   396  C  CD  . ARG A 1 52 ? -1.94731  11.14244  -1.29515  1.000 27.22878  ? 52  ARG A CD  1 
ATOM   397  N  NE  . ARG A 1 52 ? -1.46102  11.01325  -2.66839  1.000 31.20136  ? 52  ARG A NE  1 
ATOM   398  C  CZ  . ARG A 1 52 ? -0.31316  11.52175  -3.11452  1.000 29.49321  ? 52  ARG A CZ  1 
ATOM   399  N  NH1 . ARG A 1 52 ? 0.49873   12.17830  -2.29192  1.000 31.72869  ? 52  ARG A NH1 1 
ATOM   400  N  NH2 . ARG A 1 52 ? 0.02899   11.37009  -4.38913  1.000 31.77698  ? 52  ARG A NH2 1 
ATOM   401  N  N   . SER A 1 53 ? -2.89212  7.10914   1.68890   1.000 18.38404  ? 53  SER A N   1 
ATOM   402  C  CA  . SER A 1 53 ? -3.62597  7.07813   2.95081   1.000 20.59988  ? 53  SER A CA  1 
ATOM   403  C  C   . SER A 1 53 ? -2.82816  6.33483   4.01519   1.000 21.22746  ? 53  SER A C   1 
ATOM   404  O  O   . SER A 1 53 ? -2.67096  6.81268   5.14818   1.000 19.63078  ? 53  SER A O   1 
ATOM   405  C  CB  . SER A 1 53 ? -4.99715  6.42052   2.74169   1.000 21.86724  ? 53  SER A CB  1 
ATOM   406  O  OG  . SER A 1 53 ? -5.52763  5.92243   3.96738   1.000 20.87469  ? 53  SER A OG  1 
ATOM   407  N  N   . LEU A 1 54 ? -2.29549  5.16933   3.66171   1.000 17.44555  ? 54  LEU A N   1 
ATOM   408  C  CA  . LEU A 1 54 ? -1.58122  4.35908   4.63853   1.000 20.09397  ? 54  LEU A CA  1 
ATOM   409  C  C   . LEU A 1 54 ? -0.31462  5.05320   5.12451   1.000 20.78333  ? 54  LEU A C   1 
ATOM   410  O  O   . LEU A 1 54 ? -0.04138  5.07270   6.32856   1.000 19.92063  ? 54  LEU A O   1 
ATOM   411  C  CB  . LEU A 1 54 ? -1.25414  2.98804   4.04705   1.000 19.43113  ? 54  LEU A CB  1 
ATOM   412  C  CG  . LEU A 1 54 ? -0.55818  2.02568   4.99695   1.000 20.08331  ? 54  LEU A CG  1 
ATOM   413  C  CD1 . LEU A 1 54 ? -1.34422  1.81157   6.28793   1.000 21.93376  ? 54  LEU A CD1 1 
ATOM   414  C  CD2 . LEU A 1 54 ? -0.34242  0.69404   4.29538   1.000 25.38991  ? 54  LEU A CD2 1 
ATOM   415  N  N   . ILE A 1 55 ? 0.49178   5.61264   4.21213   1.000 18.94279  ? 55  ILE A N   1 
ATOM   416  C  CA  . ILE A 1 55 ? 1.71190   6.28073   4.67996   1.000 19.56146  ? 55  ILE A CA  1 
ATOM   417  C  C   . ILE A 1 55 ? 1.36855   7.52078   5.49917   1.000 21.79701  ? 55  ILE A C   1 
ATOM   418  O  O   . ILE A 1 55 ? 2.15393   7.94074   6.35673   1.000 22.17537  ? 55  ILE A O   1 
ATOM   419  C  CB  . ILE A 1 55 ? 2.66443   6.61950   3.51449   1.000 23.39706  ? 55  ILE A CB  1 
ATOM   420  C  CG1 . ILE A 1 55 ? 2.09803   7.74582   2.65037   1.000 21.52779  ? 55  ILE A CG1 1 
ATOM   421  C  CG2 . ILE A 1 55 ? 2.95940   5.38671   2.68960   1.000 23.59073  ? 55  ILE A CG2 1 
ATOM   422  C  CD1 . ILE A 1 55 ? 2.98700   8.13757   1.43503   1.000 23.53853  ? 55  ILE A CD1 1 
ATOM   423  N  N   . GLY A 1 56 ? 0.21291   8.13799   5.25099   1.000 20.36768  ? 56  GLY A N   1 
ATOM   424  C  CA  . GLY A 1 56 ? -0.22118  9.23274   6.10507   1.000 23.31834  ? 56  GLY A CA  1 
ATOM   425  C  C   . GLY A 1 56 ? -0.50443  8.77313   7.52547   1.000 20.28698  ? 56  GLY A C   1 
ATOM   426  O  O   . GLY A 1 56 ? -0.10628  9.43180   8.49328   1.000 21.79896  ? 56  GLY A O   1 
ATOM   427  N  N   . GLN A 1 57 ? -1.17228  7.63172   7.66878   1.000 19.53695  ? 57  GLN A N   1 
ATOM   428  C  CA  . GLN A 1 57 ? -1.44959  7.08047   8.98757   1.000 19.08409  ? 57  GLN A CA  1 
ATOM   429  C  C   . GLN A 1 57 ? -0.16702  6.66118   9.67859   1.000 21.38437  ? 57  GLN A C   1 
ATOM   430  O  O   . GLN A 1 57 ? 0.01125   6.90903   10.87525  1.000 20.66473  ? 57  GLN A O   1 
ATOM   431  C  CB  . GLN A 1 57 ? -2.39672  5.88691   8.86567   1.000 21.00689  ? 57  GLN A CB  1 
ATOM   432  C  CG  . GLN A 1 57 ? -3.76377  6.24680   8.32375   1.000 21.13676  ? 57  GLN A CG  1 
ATOM   433  C  CD  . GLN A 1 57 ? -4.59038  7.05208   9.30484   1.000 26.69631  ? 57  GLN A CD  1 
ATOM   434  O  OE1 . GLN A 1 57 ? -4.32044  7.06147   10.51199  1.000 23.76757  ? 57  GLN A OE1 1 
ATOM   435  N  NE2 . GLN A 1 57 ? -5.60208  7.73921   8.78960   1.000 27.32039  ? 57  GLN A NE2 1 
ATOM   436  N  N   . ILE A 1 58 ? 0.74628   6.03429   8.93716   1.000 18.88270  ? 58  ILE A N   1 
ATOM   437  C  CA  . ILE A 1 58 ? 1.99398   5.56760   9.53161   1.000 19.51454  ? 58  ILE A CA  1 
ATOM   438  C  C   . ILE A 1 58 ? 2.87792   6.74828   9.91798   1.000 20.63959  ? 58  ILE A C   1 
ATOM   439  O  O   . ILE A 1 58 ? 3.45398   6.78061   11.01415  1.000 21.68948  ? 58  ILE A O   1 
ATOM   440  C  CB  . ILE A 1 58 ? 2.71835   4.61041   8.56566   1.000 18.94895  ? 58  ILE A CB  1 
ATOM   441  C  CG1 . ILE A 1 58 ? 1.93144   3.30798   8.41398   1.000 19.86310  ? 58  ILE A CG1 1 
ATOM   442  C  CG2 . ILE A 1 58 ? 4.18391   4.38697   9.02612   1.000 20.18384  ? 58  ILE A CG2 1 
ATOM   443  C  CD1 . ILE A 1 58 ? 2.43986   2.37261   7.28846   1.000 22.58842  ? 58  ILE A CD1 1 
ATOM   444  N  N   . GLY A 1 59 ? 3.01691   7.72896   9.02449   1.000 20.04252  ? 59  GLY A N   1 
ATOM   445  C  CA  . GLY A 1 59 ? 3.84892   8.88384   9.33791   1.000 18.62542  ? 59  GLY A CA  1 
ATOM   446  C  C   . GLY A 1 59 ? 3.30460   9.68928   10.50366  1.000 24.00286  ? 59  GLY A C   1 
ATOM   447  O  O   . GLY A 1 59 ? 4.07022   10.20568  11.32732  1.000 26.21505  ? 59  GLY A O   1 
ATOM   448  N  N   . ASN A 1 60 ? 1.97720   9.79134   10.60189  1.000 23.97472  ? 60  ASN A N   1 
ATOM   449  C  CA  . ASN A 1 60 ? 1.37210   10.48211  11.74161  1.000 26.28931  ? 60  ASN A CA  1 
ATOM   450  C  C   . ASN A 1 60 ? 1.67598   9.75697   13.04474  1.000 26.24090  ? 60  ASN A C   1 
ATOM   451  O  O   . ASN A 1 60 ? 2.02954   10.38725  14.05222  1.000 27.44847  ? 60  ASN A O   1 
ATOM   452  C  CB  . ASN A 1 60 ? -0.14194  10.58768  11.56282  1.000 24.32175  ? 60  ASN A CB  1 
ATOM   453  C  CG  . ASN A 1 60 ? -0.55893  11.71511  10.63979  1.000 37.82263  ? 60  ASN A CG  1 
ATOM   454  O  OD1 . ASN A 1 60 ? 0.26742   12.46974  10.13737  1.000 43.78449  ? 60  ASN A OD1 1 
ATOM   455  N  ND2 . ASN A 1 60 ? -1.86509  11.83411  10.41762  1.000 45.03848  ? 60  ASN A ND2 1 
ATOM   456  N  N   . LYS A 1 61 ? 1.53430   8.43304   13.04989  1.000 21.87519  ? 61  LYS A N   1 
ATOM   457  C  CA  . LYS A 1 61 ? 1.71871   7.67684   14.28436  1.000 20.96132  ? 61  LYS A CA  1 
ATOM   458  C  C   . LYS A 1 61 ? 3.16597   7.72290   14.74959  1.000 23.69565  ? 61  LYS A C   1 
ATOM   459  O  O   . LYS A 1 61 ? 3.43903   7.96639   15.92781  1.000 25.94704  ? 61  LYS A O   1 
ATOM   460  C  CB  . LYS A 1 61 ? 1.27656   6.23007   14.10277  1.000 19.38538  ? 61  LYS A CB  1 
ATOM   461  C  CG  . LYS A 1 61 ? 1.39370   5.40839   15.37749  1.000 21.71095  ? 61  LYS A CG  1 
ATOM   462  C  CD  . LYS A 1 61 ? 0.88976   3.99475   15.14776  1.000 20.99423  ? 61  LYS A CD  1 
ATOM   463  C  CE  . LYS A 1 61 ? 0.99830   3.13410   16.40507  1.000 23.76452  ? 61  LYS A CE  1 
ATOM   464  N  NZ  . LYS A 1 61 ? 0.13331   3.67910   17.49692  1.000 26.12948  ? 61  LYS A NZ  1 
ATOM   465  N  N   . TYR A 1 62 ? 4.11001   7.48725   13.84243  1.000 21.46089  ? 62  TYR A N   1 
ATOM   466  C  CA  . TYR A 1 62 ? 5.49987   7.30310   14.23692  1.000 20.92159  ? 62  TYR A CA  1 
ATOM   467  C  C   . TYR A 1 62 ? 6.33511   8.57541   14.13083  1.000 22.54552  ? 62  TYR A C   1 
ATOM   468  O  O   . TYR A 1 62 ? 7.48882   8.57849   14.58025  1.000 27.22054  ? 62  TYR A O   1 
ATOM   469  C  CB  . TYR A 1 62 ? 6.11712   6.18111   13.39808  1.000 22.37813  ? 62  TYR A CB  1 
ATOM   470  C  CG  . TYR A 1 62 ? 5.47717   4.82146   13.62738  1.000 21.58767  ? 62  TYR A CG  1 
ATOM   471  C  CD1 . TYR A 1 62 ? 5.21639   4.35100   14.91386  1.000 23.95499  ? 62  TYR A CD1 1 
ATOM   472  C  CD2 . TYR A 1 62 ? 5.13864   3.99875   12.55848  1.000 22.62742  ? 62  TYR A CD2 1 
ATOM   473  C  CE1 . TYR A 1 62 ? 4.64277   3.10355   15.11932  1.000 22.59703  ? 62  TYR A CE1 1 
ATOM   474  C  CE2 . TYR A 1 62 ? 4.56632   2.75014   12.75685  1.000 23.68027  ? 62  TYR A CE2 1 
ATOM   475  C  CZ  . TYR A 1 62 ? 4.30912   2.30505   14.03891  1.000 21.92881  ? 62  TYR A CZ  1 
ATOM   476  O  OH  . TYR A 1 62 ? 3.75660   1.06138   14.22351  1.000 22.26598  ? 62  TYR A OH  1 
ATOM   477  N  N   . GLY A 1 63 ? 5.79209   9.64137   13.55188  1.000 21.38177  ? 63  GLY A N   1 
ATOM   478  C  CA  . GLY A 1 63 ? 6.45970   10.92927  13.53430  1.000 23.55391  ? 63  GLY A CA  1 
ATOM   479  C  C   . GLY A 1 63 ? 7.48355   11.13059  12.43779  1.000 23.79442  ? 63  GLY A C   1 
ATOM   480  O  O   . GLY A 1 63 ? 8.52579   11.75740  12.67635  1.000 26.03339  ? 63  GLY A O   1 
ATOM   481  N  N   . TYR A 1 64 ? 7.20691   10.63038  11.22815  1.000 21.73065  ? 64  TYR A N   1 
ATOM   482  C  CA  . TYR A 1 64 ? 8.04985   10.82181  10.05870  1.000 22.32818  ? 64  TYR A CA  1 
ATOM   483  C  C   . TYR A 1 64 ? 7.20489   11.37221  8.92313   1.000 20.49541  ? 64  TYR A C   1 
ATOM   484  O  O   . TYR A 1 64 ? 6.05636   10.95011  8.74576   1.000 24.13524  ? 64  TYR A O   1 
ATOM   485  C  CB  . TYR A 1 64 ? 8.68866   9.49834   9.61156   1.000 21.57938  ? 64  TYR A CB  1 
ATOM   486  C  CG  . TYR A 1 64 ? 9.71096   8.98653   10.58625  1.000 21.29828  ? 64  TYR A CG  1 
ATOM   487  C  CD1 . TYR A 1 64 ? 11.02486  9.42806   10.53157  1.000 24.08174  ? 64  TYR A CD1 1 
ATOM   488  C  CD2 . TYR A 1 64 ? 9.35460   8.08033   11.57596  1.000 25.08063  ? 64  TYR A CD2 1 
ATOM   489  C  CE1 . TYR A 1 64 ? 11.97014  8.97386   11.43828  1.000 26.74907  ? 64  TYR A CE1 1 
ATOM   490  C  CE2 . TYR A 1 64 ? 10.29706  7.62433   12.49525  1.000 25.27638  ? 64  TYR A CE2 1 
ATOM   491  C  CZ  . TYR A 1 64 ? 11.59678  8.07090   12.40752  1.000 27.76275  ? 64  TYR A CZ  1 
ATOM   492  O  OH  . TYR A 1 64 ? 12.53082  7.61402   13.30709  1.000 32.65462  ? 64  TYR A OH  1 
ATOM   493  N  N   . ASP A 1 65 ? 7.77793   12.29813  8.15700   1.000 22.20187  ? 65  ASP A N   1 
ATOM   494  C  CA  . ASP A 1 65 ? 7.08508   12.90521  7.01279   1.000 22.95650  ? 65  ASP A CA  1 
ATOM   495  C  C   . ASP A 1 65 ? 7.26689   12.03141  5.76738   1.000 21.22850  ? 65  ASP A C   1 
ATOM   496  O  O   . ASP A 1 65 ? 7.93325   12.39231  4.79922   1.000 23.59994  ? 65  ASP A O   1 
ATOM   497  C  CB  . ASP A 1 65 ? 7.59534   14.32132  6.77172   1.000 27.89863  ? 65  ASP A CB  1 
ATOM   498  C  CG  . ASP A 1 65 ? 7.23091   15.27459  7.89684   1.000 34.54911  ? 65  ASP A CG  1 
ATOM   499  O  OD1 . ASP A 1 65 ? 6.16251   15.08035  8.51670   1.000 35.71315  ? 65  ASP A OD1 1 
ATOM   500  O  OD2 . ASP A 1 65 ? 8.01995   16.20921  8.15897   1.000 38.57026  ? 65  ASP A OD2 1 
ATOM   501  N  N   . ILE A 1 66 ? 6.68019   10.83557  5.82406   1.000 21.44122  ? 66  ILE A N   1 
ATOM   502  C  CA  . ILE A 1 66 ? 6.69426   9.93539   4.67036   1.000 19.85512  ? 66  ILE A CA  1 
ATOM   503  C  C   . ILE A 1 66 ? 5.83587   10.52501  3.56015   1.000 19.88373  ? 66  ILE A C   1 
ATOM   504  O  O   . ILE A 1 66 ? 4.74761   11.05360  3.82139   1.000 22.64978  ? 66  ILE A O   1 
ATOM   505  C  CB  . ILE A 1 66 ? 6.19421   8.54264   5.08769   1.000 18.22460  ? 66  ILE A CB  1 
ATOM   506  C  CG1 . ILE A 1 66 ? 7.02734   8.00336   6.25885   1.000 20.07888  ? 66  ILE A CG1 1 
ATOM   507  C  CG2 . ILE A 1 66 ? 6.22285   7.55740   3.90466   1.000 19.98347  ? 66  ILE A CG2 1 
ATOM   508  C  CD1 . ILE A 1 66 ? 6.42873   6.76127   6.88991   1.000 22.64543  ? 66  ILE A CD1 1 
ATOM   509  N  N   . ASP A 1 67 ? 6.32060   10.45789  2.31200   1.000 17.06756  ? 67  ASP A N   1 
ATOM   510  C  CA  . ASP A 1 67 ? 5.56200   11.03022  1.19976   1.000 18.73821  ? 67  ASP A CA  1 
ATOM   511  C  C   . ASP A 1 67 ? 5.55037   10.08831  0.00342   1.000 18.91048  ? 67  ASP A C   1 
ATOM   512  O  O   . ASP A 1 67 ? 6.34504   9.15187   -0.09542  1.000 19.90865  ? 67  ASP A O   1 
ATOM   513  C  CB  . ASP A 1 67 ? 6.11660   12.38625  0.76001   1.000 23.95593  ? 67  ASP A CB  1 
ATOM   514  C  CG  . ASP A 1 67 ? 5.04905   13.27235  0.11280   1.000 29.90281  ? 67  ASP A CG  1 
ATOM   515  O  OD1 . ASP A 1 67 ? 3.84801   12.88639  0.08317   1.000 28.43124  ? 67  ASP A OD1 1 
ATOM   516  O  OD2 . ASP A 1 67 ? 5.42133   14.36690  -0.36741  1.000 36.22057  ? 67  ASP A OD2 1 
ATOM   517  N  N   . LEU A 1 68 ? 4.64279   10.37133  -0.92325  1.000 19.18232  ? 68  LEU A N   1 
ATOM   518  C  CA  . LEU A 1 68 ? 4.44366   9.56619   -2.11632  1.000 17.99138  ? 68  LEU A CA  1 
ATOM   519  C  C   . LEU A 1 68 ? 4.61906   10.45280  -3.33721  1.000 19.53055  ? 68  LEU A C   1 
ATOM   520  O  O   . LEU A 1 68 ? 4.10446   11.57911  -3.36711  1.000 19.92662  ? 68  LEU A O   1 
ATOM   521  C  CB  . LEU A 1 68 ? 3.04579   8.94745   -2.11727  1.000 18.95492  ? 68  LEU A CB  1 
ATOM   522  C  CG  . LEU A 1 68 ? 2.62373   8.22493   -3.38434  1.000 21.39570  ? 68  LEU A CG  1 
ATOM   523  C  CD1 . LEU A 1 68 ? 3.39014   6.93515   -3.52506  1.000 23.22442  ? 68  LEU A CD1 1 
ATOM   524  C  CD2 . LEU A 1 68 ? 1.11063   7.99534   -3.33925  1.000 24.63890  ? 68  LEU A CD2 1 
ATOM   525  N  N   . PHE A 1 69 ? 5.35049   9.94863   -4.33066  1.000 17.32495  ? 69  PHE A N   1 
ATOM   526  C  CA  . PHE A 1 69 ? 5.54596   10.63336  -5.60678  1.000 16.94504  ? 69  PHE A CA  1 
ATOM   527  C  C   . PHE A 1 69 ? 4.89661   9.80716   -6.71136  1.000 18.77413  ? 69  PHE A C   1 
ATOM   528  O  O   . PHE A 1 69 ? 5.31683   8.67242   -6.98389  1.000 18.61242  ? 69  PHE A O   1 
ATOM   529  C  CB  . PHE A 1 69 ? 7.03671   10.87358  -5.87298  1.000 18.46193  ? 69  PHE A CB  1 
ATOM   530  C  CG  . PHE A 1 69 ? 7.66260   11.81548  -4.88739  1.000 20.00043  ? 69  PHE A CG  1 
ATOM   531  C  CD1 . PHE A 1 69 ? 7.55726   13.18348  -5.07446  1.000 24.32966  ? 69  PHE A CD1 1 
ATOM   532  C  CD2 . PHE A 1 69 ? 8.30494   11.35071  -3.76105  1.000 23.45719  ? 69  PHE A CD2 1 
ATOM   533  C  CE1 . PHE A 1 69 ? 8.10797   14.07371  -4.16210  1.000 27.10200  ? 69  PHE A CE1 1 
ATOM   534  C  CE2 . PHE A 1 69 ? 8.86450   12.23903  -2.84516  1.000 25.62595  ? 69  PHE A CE2 1 
ATOM   535  C  CZ  . PHE A 1 69 ? 8.75736   13.59795  -3.04517  1.000 26.04914  ? 69  PHE A CZ  1 
ATOM   536  N  N   . ASP A 1 70 ? 3.86498   10.37514  -7.33091  1.000 19.38278  ? 70  ASP A N   1 
ATOM   537  C  CA  . ASP A 1 70 ? 3.08743   9.72509   -8.37966  1.000 19.13954  ? 70  ASP A CA  1 
ATOM   538  C  C   . ASP A 1 70 ? 3.00246   10.69987  -9.54644  1.000 20.20627  ? 70  ASP A C   1 
ATOM   539  O  O   . ASP A 1 70 ? 2.48834   11.81098  -9.37894  1.000 20.39592  ? 70  ASP A O   1 
ATOM   540  C  CB  . ASP A 1 70 ? 1.69696   9.36545   -7.83266  1.000 18.41281  ? 70  ASP A CB  1 
ATOM   541  C  CG  . ASP A 1 70 ? 0.78450   8.73139   -8.85751  1.000 24.68846  ? 70  ASP A CG  1 
ATOM   542  O  OD1 . ASP A 1 70 ? 1.18169   8.52150   -10.01822 1.000 24.11132  ? 70  ASP A OD1 1 
ATOM   543  O  OD2 . ASP A 1 70 ? -0.36900  8.43550   -8.46456  1.000 28.04244  ? 70  ASP A OD2 1 
ATOM   544  N  N   . TYR A 1 71 ? 3.56215   10.31973  -10.70273 1.000 17.98489  ? 71  TYR A N   1 
ATOM   545  C  CA  . TYR A 1 71 ? 3.52162   11.16104  -11.89757 1.000 18.05622  ? 71  TYR A CA  1 
ATOM   546  C  C   . TYR A 1 71 ? 2.55362   10.62548  -12.94277 1.000 21.11503  ? 71  TYR A C   1 
ATOM   547  O  O   . TYR A 1 71 ? 2.61842   11.04044  -14.10669 1.000 22.60036  ? 71  TYR A O   1 
ATOM   548  C  CB  . TYR A 1 71 ? 4.91898   11.30428  -12.50113 1.000 20.26750  ? 71  TYR A CB  1 
ATOM   549  C  CG  . TYR A 1 71 ? 5.94516   11.74427  -11.48614 1.000 17.97580  ? 71  TYR A CG  1 
ATOM   550  C  CD1 . TYR A 1 71 ? 6.62925   10.80400  -10.71645 1.000 17.13783  ? 71  TYR A CD1 1 
ATOM   551  C  CD2 . TYR A 1 71 ? 6.21729   13.09626  -11.27197 1.000 17.18216  ? 71  TYR A CD2 1 
ATOM   552  C  CE1 . TYR A 1 71 ? 7.55006   11.18685  -9.77487  1.000 18.04999  ? 71  TYR A CE1 1 
ATOM   553  C  CE2 . TYR A 1 71 ? 7.17184   13.49062  -10.31014 1.000 17.44523  ? 71  TYR A CE2 1 
ATOM   554  C  CZ  . TYR A 1 71 ? 7.82200   12.52116  -9.57401  1.000 19.43231  ? 71  TYR A CZ  1 
ATOM   555  O  OH  . TYR A 1 71 ? 8.75785   12.84611  -8.61673  1.000 22.16986  ? 71  TYR A OH  1 
ATOM   556  N  N   . GLN A 1 72 ? 1.66886   9.70099   -12.54839 1.000 21.13996  ? 72  GLN A N   1 
ATOM   557  C  CA  . GLN A 1 72 ? 0.75980   9.00341   -13.45838 1.000 22.45136  ? 72  GLN A CA  1 
ATOM   558  C  C   . GLN A 1 72 ? 1.51944   8.36547   -14.62040 1.000 24.78305  ? 72  GLN A C   1 
ATOM   559  O  O   . GLN A 1 72 ? 1.14365   8.48237   -15.79190 1.000 28.93149  ? 72  GLN A O   1 
ATOM   560  C  CB  . GLN A 1 72 ? -0.34515  9.94863   -13.93874 1.000 25.20960  ? 72  GLN A CB  1 
ATOM   561  C  CG  . GLN A 1 72 ? -1.00381  10.64788  -12.75455 1.000 29.00530  ? 72  GLN A CG  1 
ATOM   562  C  CD  . GLN A 1 72 ? -2.49892  10.85799  -12.89925 1.000 36.88666  ? 72  GLN A CD  1 
ATOM   563  O  OE1 . GLN A 1 72 ? -3.00298  11.09883  -13.99645 1.000 40.12273  ? 72  GLN A OE1 1 
ATOM   564  N  NE2 . GLN A 1 72 ? -3.21696  10.78560  -11.77661 1.000 34.08098  ? 72  GLN A NE2 1 
ATOM   565  N  N   . GLY A 1 73 ? 2.59400   7.65847   -14.27526 1.000 21.08710  ? 73  GLY A N   1 
ATOM   566  C  CA  . GLY A 1 73 ? 3.43448   6.96103   -15.23285 1.000 21.25873  ? 73  GLY A CA  1 
ATOM   567  C  C   . GLY A 1 73 ? 3.59015   5.50608   -14.82777 1.000 19.98103  ? 73  GLY A C   1 
ATOM   568  O  O   . GLY A 1 73 ? 2.66264   4.88024   -14.29970 1.000 23.96119  ? 73  GLY A O   1 
ATOM   569  N  N   . ASP A 1 74 ? 4.77731   4.95281   -15.08514 1.000 19.30397  ? 74  ASP A N   1 
ATOM   570  C  CA  . ASP A 1 74 ? 4.97500   3.52067   -14.88737 1.000 20.90318  ? 74  ASP A CA  1 
ATOM   571  C  C   . ASP A 1 74 ? 5.59875   3.16114   -13.54188 1.000 21.46793  ? 74  ASP A C   1 
ATOM   572  O  O   . ASP A 1 74 ? 6.00174   2.00848   -13.35379 1.000 21.95363  ? 74  ASP A O   1 
ATOM   573  C  CB  . ASP A 1 74 ? 5.79990   2.90530   -16.03006 1.000 24.10967  ? 74  ASP A CB  1 
ATOM   574  C  CG  . ASP A 1 74 ? 7.17174   3.53090   -16.19924 1.000 37.35859  ? 74  ASP A CG  1 
ATOM   575  O  OD1 . ASP A 1 74 ? 7.81915   3.90938   -15.19872 1.000 41.93310  ? 74  ASP A OD1 1 
ATOM   576  O  OD2 . ASP A 1 74 ? 7.62279   3.60587   -17.36563 1.000 47.37328  ? 74  ASP A OD2 1 
ATOM   577  N  N   . PHE A 1 75 ? 5.67381   4.09343   -12.59943 1.000 18.44351  ? 75  PHE A N   1 
ATOM   578  C  CA  . PHE A 1 75 ? 6.17014   3.74820   -11.27210 1.000 18.33435  ? 75  PHE A CA  1 
ATOM   579  C  C   . PHE A 1 75 ? 5.46250   4.58356   -10.21104 1.000 21.24293  ? 75  PHE A C   1 
ATOM   580  O  O   . PHE A 1 75 ? 4.85347   5.61659   -10.49988 1.000 18.62058  ? 75  PHE A O   1 
ATOM   581  C  CB  . PHE A 1 75 ? 7.69338   3.92827   -11.16910 1.000 18.48000  ? 75  PHE A CB  1 
ATOM   582  C  CG  . PHE A 1 75 ? 8.14347   5.36412   -11.19952 1.000 18.48967  ? 75  PHE A CG  1 
ATOM   583  C  CD1 . PHE A 1 75 ? 8.25843   6.09407   -10.02949 1.000 22.93230  ? 75  PHE A CD1 1 
ATOM   584  C  CD2 . PHE A 1 75 ? 8.46757   5.96508   -12.40424 1.000 24.35467  ? 75  PHE A CD2 1 
ATOM   585  C  CE1 . PHE A 1 75 ? 8.69768   7.41206   -10.06237 1.000 20.70105  ? 75  PHE A CE1 1 
ATOM   586  C  CE2 . PHE A 1 75 ? 8.89080   7.27357   -12.44421 1.000 24.48187  ? 75  PHE A CE2 1 
ATOM   587  C  CZ  . PHE A 1 75 ? 9.00474   7.99602   -11.27538 1.000 24.31827  ? 75  PHE A CZ  1 
ATOM   588  N  N   . LEU A 1 76 ? 5.54304   4.10557   -8.97228  1.000 17.80219  ? 76  LEU A N   1 
ATOM   589  C  CA  . LEU A 1 76 ? 5.18407   4.86768   -7.77901  1.000 19.20705  ? 76  LEU A CA  1 
ATOM   590  C  C   . LEU A 1 76 ? 6.39003   4.87563   -6.85551  1.000 21.54187  ? 76  LEU A C   1 
ATOM   591  O  O   . LEU A 1 76 ? 7.10325   3.87424   -6.75352  1.000 21.14545  ? 76  LEU A O   1 
ATOM   592  C  CB  . LEU A 1 76 ? 3.97121   4.25937   -7.04560  1.000 18.50714  ? 76  LEU A CB  1 
ATOM   593  C  CG  . LEU A 1 76 ? 2.65406   4.26892   -7.84186  1.000 18.48111  ? 76  LEU A CG  1 
ATOM   594  C  CD1 . LEU A 1 76 ? 1.61951   3.30820   -7.25133  1.000 23.23057  ? 76  LEU A CD1 1 
ATOM   595  C  CD2 . LEU A 1 76 ? 2.10595   5.69818   -7.94084  1.000 19.83602  ? 76  LEU A CD2 1 
ATOM   596  N  N   . GLU A 1 77 ? 6.63057   5.99218   -6.18154  1.000 17.14219  ? 77  GLU A N   1 
ATOM   597  C  CA  . GLU A 1 77 ? 7.83333   6.12546   -5.36778  1.000 17.43553  ? 77  GLU A CA  1 
ATOM   598  C  C   . GLU A 1 77 ? 7.48911   6.67778   -3.99291  1.000 21.77719  ? 77  GLU A C   1 
ATOM   599  O  O   . GLU A 1 77 ? 6.78454   7.68411   -3.88322  1.000 19.77570  ? 77  GLU A O   1 
ATOM   600  C  CB  . GLU A 1 77 ? 8.84167   7.02877   -6.06711  1.000 20.06634  ? 77  GLU A CB  1 
ATOM   601  C  CG  . GLU A 1 77 ? 10.13496  7.20006   -5.32906  1.000 23.03795  ? 77  GLU A CG  1 
ATOM   602  C  CD  . GLU A 1 77 ? 11.11885  7.99621   -6.14716  1.000 27.71346  ? 77  GLU A CD  1 
ATOM   603  O  OE1 . GLU A 1 77 ? 11.98920  7.37552   -6.78005  1.000 29.25507  ? 77  GLU A OE1 1 
ATOM   604  O  OE2 . GLU A 1 77 ? 11.00579  9.24592   -6.17235  1.000 30.18884  ? 77  GLU A OE2 1 
ATOM   605  N  N   . VAL A 1 78 ? 7.97962   6.02290   -2.94306  1.000 17.75030  ? 78  VAL A N   1 
ATOM   606  C  CA  . VAL A 1 78 ? 7.75243   6.45284   -1.56585  1.000 17.43053  ? 78  VAL A CA  1 
ATOM   607  C  C   . VAL A 1 78 ? 9.05553   7.01566   -1.00723  1.000 20.00345  ? 78  VAL A C   1 
ATOM   608  O  O   . VAL A 1 78 ? 10.12514  6.42864   -1.21119  1.000 20.35582  ? 78  VAL A O   1 
ATOM   609  C  CB  . VAL A 1 78 ? 7.22956   5.29929   -0.69763  1.000 19.40185  ? 78  VAL A CB  1 
ATOM   610  C  CG1 . VAL A 1 78 ? 7.06723   5.73493   0.75357   1.000 22.65769  ? 78  VAL A CG1 1 
ATOM   611  C  CG2 . VAL A 1 78 ? 5.88606   4.80897   -1.23716  1.000 21.43860  ? 78  VAL A CG2 1 
ATOM   612  N  N   . PHE A 1 79 ? 8.97107   8.16611   -0.33020  1.000 17.35478  ? 79  PHE A N   1 
ATOM   613  C  CA  . PHE A 1 79 ? 10.11682  8.77829   0.33849   1.000 16.35851  ? 79  PHE A CA  1 
ATOM   614  C  C   . PHE A 1 79 ? 10.01904  8.55072   1.84333   1.000 16.72586  ? 79  PHE A C   1 
ATOM   615  O  O   . PHE A 1 79 ? 9.01509   8.90647   2.47449   1.000 18.15047  ? 79  PHE A O   1 
ATOM   616  C  CB  . PHE A 1 79 ? 10.20319  10.27358  0.02066   1.000 17.14692  ? 79  PHE A CB  1 
ATOM   617  C  CG  . PHE A 1 79 ? 11.25384  10.99492  0.79474   1.000 20.59149  ? 79  PHE A CG  1 
ATOM   618  C  CD1 . PHE A 1 79 ? 12.59587  10.84878  0.47205   1.000 21.19998  ? 79  PHE A CD1 1 
ATOM   619  C  CD2 . PHE A 1 79 ? 10.90307  11.82349  1.85445   1.000 22.44330  ? 79  PHE A CD2 1 
ATOM   620  C  CE1 . PHE A 1 79 ? 13.57390  11.52578  1.18238   1.000 23.68700  ? 79  PHE A CE1 1 
ATOM   621  C  CE2 . PHE A 1 79 ? 11.88778  12.50163  2.57712   1.000 24.46959  ? 79  PHE A CE2 1 
ATOM   622  C  CZ  . PHE A 1 79 ? 13.20266  12.35562  2.24551   1.000 22.56639  ? 79  PHE A CZ  1 
ATOM   623  N  N   . LEU A 1 80 ? 11.06155  7.95263   2.40731   1.000 16.70830  ? 80  LEU A N   1 
ATOM   624  C  CA  . LEU A 1 80 ? 11.13810  7.67781   3.83818   1.000 17.38315  ? 80  LEU A CA  1 
ATOM   625  C  C   . LEU A 1 80 ? 12.25098  8.52737   4.44240   1.000 19.59696  ? 80  LEU A C   1 
ATOM   626  O  O   . LEU A 1 80 ? 13.43408  8.20032   4.28197   1.000 18.65987  ? 80  LEU A O   1 
ATOM   627  C  CB  . LEU A 1 80 ? 11.41443  6.18836   4.07612   1.000 17.02050  ? 80  LEU A CB  1 
ATOM   628  C  CG  . LEU A 1 80 ? 10.50221  5.16022   3.38908   1.000 17.40495  ? 80  LEU A CG  1 
ATOM   629  C  CD1 . LEU A 1 80 ? 10.99897  3.75785   3.70808   1.000 19.46503  ? 80  LEU A CD1 1 
ATOM   630  C  CD2 . LEU A 1 80 ? 9.09310   5.32743   3.86506   1.000 19.89567  ? 80  LEU A CD2 1 
ATOM   631  N  N   . PRO A 1 81 ? 11.94323  9.61857   5.14094   1.000 18.07551  ? 81  PRO A N   1 
ATOM   632  C  CA  . PRO A 1 81 ? 13.01747  10.48154  5.65615   1.000 19.48151  ? 81  PRO A CA  1 
ATOM   633  C  C   . PRO A 1 81 ? 13.86400  9.78283   6.71427   1.000 21.00809  ? 81  PRO A C   1 
ATOM   634  O  O   . PRO A 1 81 ? 13.37187  8.96446   7.49731   1.000 19.96113  ? 81  PRO A O   1 
ATOM   635  C  CB  . PRO A 1 81 ? 12.26656  11.68347  6.24998   1.000 21.87412  ? 81  PRO A CB  1 
ATOM   636  C  CG  . PRO A 1 81 ? 10.85314  11.22619  6.44496   1.000 23.81330  ? 81  PRO A CG  1 
ATOM   637  C  CD  . PRO A 1 81 ? 10.59135  10.11328  5.45787   1.000 20.79916  ? 81  PRO A CD  1 
ATOM   638  N  N   . HIS A 1 82 ? 15.16369  10.12701  6.72986   1.000 22.22880  ? 82  HIS A N   1 
ATOM   639  C  CA  . HIS A 1 82 ? 16.04915  9.55737   7.74163   1.000 23.72188  ? 82  HIS A CA  1 
ATOM   640  C  C   . HIS A 1 82 ? 15.66787  10.03744  9.13652   1.000 23.47282  ? 82  HIS A C   1 
ATOM   641  O  O   . HIS A 1 82 ? 15.74366  9.27311   10.10406  1.000 26.05935  ? 82  HIS A O   1 
ATOM   642  C  CB  . HIS A 1 82 ? 17.51270  9.92247   7.47906   1.000 22.53010  ? 82  HIS A CB  1 
ATOM   643  C  CG  . HIS A 1 82 ? 18.06686  9.41893   6.17825   1.000 21.86375  ? 82  HIS A CG  1 
ATOM   644  N  ND1 . HIS A 1 82 ? 17.85311  8.13750   5.70983   1.000 23.53284  ? 82  HIS A ND1 1 
ATOM   645  C  CD2 . HIS A 1 82 ? 18.87125  10.01964  5.27054   1.000 24.47195  ? 82  HIS A CD2 1 
ATOM   646  C  CE1 . HIS A 1 82 ? 18.48129  7.98296   4.55718   1.000 23.82159  ? 82  HIS A CE1 1 
ATOM   647  N  NE2 . HIS A 1 82 ? 19.11081  9.10853   4.27058   1.000 25.66997  ? 82  HIS A NE2 1 
ATOM   648  N  N   . LYS A 1 83 ? 15.25519  11.29812  9.25459   1.000 26.24839  ? 83  LYS A N   1 
ATOM   649  C  CA  . LYS A 1 83 ? 15.04692  11.89278  10.57052  1.000 29.69414  ? 83  LYS A CA  1 
ATOM   650  C  C   . LYS A 1 83 ? 13.57156  12.19164  10.81417  1.000 29.07475  ? 83  LYS A C   1 
ATOM   651  O  O   . LYS A 1 83 ? 12.80897  12.38418  9.86501   1.000 26.85815  ? 83  LYS A O   1 
ATOM   652  C  CB  . LYS A 1 83 ? 15.86158  13.18449  10.71371  1.000 36.24180  ? 83  LYS A CB  1 
ATOM   653  C  CG  . LYS A 1 83 ? 17.30482  13.02637  10.26754  1.000 40.24725  ? 83  LYS A CG  1 
ATOM   654  C  CD  . LYS A 1 83 ? 18.05621  14.33859  10.30782  1.000 51.56057  ? 83  LYS A CD  1 
ATOM   655  C  CE  . LYS A 1 83 ? 19.39422  14.16987  11.00484  1.000 61.12157  ? 83  LYS A CE  1 
ATOM   656  N  NZ  . LYS A 1 83 ? 20.39271  15.14990  10.50122  1.000 68.11873  ? 83  LYS A NZ  1 
ATOM   657  N  N   . PRO A 1 84 ? 13.14144  12.23629  12.07306  1.000 28.11066  ? 84  PRO A N   1 
ATOM   658  C  CA  . PRO A 1 84 ? 11.72748  12.49568  12.36952  1.000 27.53031  ? 84  PRO A CA  1 
ATOM   659  C  C   . PRO A 1 84 ? 11.34010  13.92822  12.03880  1.000 30.70440  ? 84  PRO A C   1 
ATOM   660  O  O   . PRO A 1 84 ? 12.17714  14.80333  11.79742  1.000 32.22487  ? 84  PRO A O   1 
ATOM   661  C  CB  . PRO A 1 84 ? 11.61728  12.22656  13.87493  1.000 33.89035  ? 84  PRO A CB  1 
ATOM   662  C  CG  . PRO A 1 84 ? 12.85876  11.45879  14.23299  1.000 35.77237  ? 84  PRO A CG  1 
ATOM   663  C  CD  . PRO A 1 84 ? 13.91067  11.93996  13.29316  1.000 33.45020  ? 84  PRO A CD  1 
ATOM   664  N  N   . SER A 1 85 ? 10.03377  14.16889  12.05225  1.000 27.92188  ? 85  SER A N   1 
ATOM   665  C  CA  . SER A 1 85 ? 9.51473   15.49076  11.70030  1.000 30.63736  ? 85  SER A CA  1 
ATOM   666  C  C   . SER A 1 85 ? 9.94262   16.53413  12.72688  1.000 32.42808  ? 85  SER A C   1 
ATOM   667  O  O   . SER A 1 85 ? 10.04230  16.22571  13.91032  1.000 36.94633  ? 85  SER A O   1 
ATOM   668  C  CB  . SER A 1 85 ? 7.99162   15.45759  11.59124  1.000 33.77144  ? 85  SER A CB  1 
ATOM   669  O  OG  . SER A 1 85 ? 7.56233   14.22226  11.05447  1.000 37.61139  ? 85  SER A OG  1 
ATOM   670  N  N   . SER B 1 6  ? -15.17542 9.87698   -15.13882 1.000 85.61667  ? 6   SER B N   1 
ATOM   671  C  CA  . SER B 1 6  ? -15.20734 9.11117   -13.89913 1.000 79.85807  ? 6   SER B CA  1 
ATOM   672  C  C   . SER B 1 6  ? -14.09756 9.54868   -12.95190 1.000 73.66220  ? 6   SER B C   1 
ATOM   673  O  O   . SER B 1 6  ? -12.92430 9.55271   -13.32152 1.000 74.57570  ? 6   SER B O   1 
ATOM   674  C  CB  . SER B 1 6  ? -15.08694 7.61156   -14.19434 1.000 75.74515  ? 6   SER B CB  1 
ATOM   675  O  OG  . SER B 1 6  ? -15.51696 6.83095   -13.09120 1.000 72.64610  ? 6   SER B OG  1 
ATOM   676  N  N   . THR B 1 7  ? -14.47517 9.92012   -11.72709 1.000 68.88116  ? 7   THR B N   1 
ATOM   677  C  CA  . THR B 1 7  ? -13.48332 10.24514  -10.70816 1.000 63.95918  ? 7   THR B CA  1 
ATOM   678  C  C   . THR B 1 7  ? -12.79148 9.00286   -10.14878 1.000 54.40402  ? 7   THR B C   1 
ATOM   679  O  O   . THR B 1 7  ? -11.97658 9.12651   -9.22554  1.000 52.43805  ? 7   THR B O   1 
ATOM   680  C  CB  . THR B 1 7  ? -14.13591 11.05038  -9.57829  1.000 62.63959  ? 7   THR B CB  1 
ATOM   681  O  OG1 . THR B 1 7  ? -15.15812 11.89334  -10.12517 1.000 64.78467  ? 7   THR B OG1 1 
ATOM   682  C  CG2 . THR B 1 7  ? -13.10669 11.92721  -8.86142  1.000 62.17689  ? 7   THR B CG2 1 
ATOM   683  N  N   . GLY B 1 8  ? -13.08444 7.81937   -10.67675 1.000 41.10177  ? 8   GLY B N   1 
ATOM   684  C  CA  . GLY B 1 8  ? -12.33663 6.62211   -10.34799 1.000 32.23481  ? 8   GLY B CA  1 
ATOM   685  C  C   . GLY B 1 8  ? -13.20340 5.54967   -9.72100  1.000 26.17817  ? 8   GLY B C   1 
ATOM   686  O  O   . GLY B 1 8  ? -14.42552 5.67957   -9.59042  1.000 28.50767  ? 8   GLY B O   1 
ATOM   687  N  N   . ILE B 1 9  ? -12.53489 4.46484   -9.32242  1.000 23.73282  ? 9   ILE B N   1 
ATOM   688  C  CA  . ILE B 1 9  ? -13.22847 3.30432   -8.77866  1.000 23.11718  ? 9   ILE B CA  1 
ATOM   689  C  C   . ILE B 1 9  ? -14.03774 3.68835   -7.55074  1.000 22.45846  ? 9   ILE B C   1 
ATOM   690  O  O   . ILE B 1 9  ? -13.61159 4.50596   -6.72073  1.000 24.42906  ? 9   ILE B O   1 
ATOM   691  C  CB  . ILE B 1 9  ? -12.21286 2.19400   -8.46065  1.000 21.96707  ? 9   ILE B CB  1 
ATOM   692  C  CG1 . ILE B 1 9  ? -11.78002 1.49233   -9.75263  1.000 22.22521  ? 9   ILE B CG1 1 
ATOM   693  C  CG2 . ILE B 1 9  ? -12.79565 1.18016   -7.47844  1.000 22.97213  ? 9   ILE B CG2 1 
ATOM   694  C  CD1 . ILE B 1 9  ? -10.56608 0.63679   -9.57244  1.000 26.24678  ? 9   ILE B CD1 1 
ATOM   695  N  N   . ASP B 1 10 ? -15.22332 3.09606   -7.43153  1.000 21.46210  ? 10  ASP B N   1 
ATOM   696  C  CA  . ASP B 1 10 ? -16.10317 3.31395   -6.29057  1.000 24.05779  ? 10  ASP B CA  1 
ATOM   697  C  C   . ASP B 1 10 ? -16.07331 2.06387   -5.42696  1.000 25.40446  ? 10  ASP B C   1 
ATOM   698  O  O   . ASP B 1 10 ? -16.49030 0.98819   -5.87490  1.000 25.56066  ? 10  ASP B O   1 
ATOM   699  C  CB  . ASP B 1 10 ? -17.52679 3.62895   -6.75235  1.000 26.83706  ? 10  ASP B CB  1 
ATOM   700  C  CG  . ASP B 1 10 ? -18.39829 4.22763   -5.64296  1.000 34.30780  ? 10  ASP B CG  1 
ATOM   701  O  OD1 . ASP B 1 10 ? -18.06635 4.08446   -4.44424  1.000 29.32148  ? 10  ASP B OD1 1 
ATOM   702  O  OD2 . ASP B 1 10 ? -19.42958 4.85211   -5.97592  1.000 37.87726  ? 10  ASP B OD2 1 
ATOM   703  N  N   . LEU B 1 11 ? -15.56862 2.20877   -4.19786  1.000 23.01529  ? 11  LEU B N   1 
ATOM   704  C  CA  . LEU B 1 11 ? -15.53171 1.14605   -3.20356  1.000 25.79702  ? 11  LEU B CA  1 
ATOM   705  C  C   . LEU B 1 11 ? -16.71239 1.20224   -2.24298  1.000 29.46039  ? 11  LEU B C   1 
ATOM   706  O  O   . LEU B 1 11 ? -16.74541 0.43822   -1.27248  1.000 33.99213  ? 11  LEU B O   1 
ATOM   707  C  CB  . LEU B 1 11 ? -14.23972 1.23140   -2.39770  1.000 25.33122  ? 11  LEU B CB  1 
ATOM   708  C  CG  . LEU B 1 11 ? -12.93000 1.12129   -3.17531  1.000 25.05876  ? 11  LEU B CG  1 
ATOM   709  C  CD1 . LEU B 1 11 ? -11.77288 1.23147   -2.19505  1.000 29.75478  ? 11  LEU B CD1 1 
ATOM   710  C  CD2 . LEU B 1 11 ? -12.87893 -0.18441  -3.94821  1.000 28.14606  ? 11  LEU B CD2 1 
ATOM   711  N  N   . GLY B 1 12 ? -17.66415 2.10106   -2.47854  1.000 29.33709  ? 12  GLY B N   1 
ATOM   712  C  CA  . GLY B 1 12 ? -18.76603 2.32730   -1.56425  1.000 31.46510  ? 12  GLY B CA  1 
ATOM   713  C  C   . GLY B 1 12 ? -18.72368 3.65850   -0.84353  1.000 34.97625  ? 12  GLY B C   1 
ATOM   714  O  O   . GLY B 1 12 ? -19.66648 3.96982   -0.10595  1.000 36.69559  ? 12  GLY B O   1 
ATOM   715  N  N   . PHE B 1 13 ? -17.66544 4.45086   -1.01884  1.000 30.83305  ? 13  PHE B N   1 
ATOM   716  C  CA  . PHE B 1 13 ? -17.56858 5.77309   -0.41844  1.000 31.88143  ? 13  PHE B CA  1 
ATOM   717  C  C   . PHE B 1 13 ? -17.67220 6.89127   -1.44330  1.000 30.36190  ? 13  PHE B C   1 
ATOM   718  O  O   . PHE B 1 13 ? -17.54880 8.06679   -1.07873  1.000 35.81426  ? 13  PHE B O   1 
ATOM   719  C  CB  . PHE B 1 13 ? -16.25399 5.90948   0.36145   1.000 31.51605  ? 13  PHE B CB  1 
ATOM   720  C  CG  . PHE B 1 13 ? -16.06284 4.85545   1.41776   1.000 34.30804  ? 13  PHE B CG  1 
ATOM   721  C  CD1 . PHE B 1 13 ? -16.73105 4.94499   2.62716   1.000 37.13353  ? 13  PHE B CD1 1 
ATOM   722  C  CD2 . PHE B 1 13 ? -15.21894 3.77579   1.20112   1.000 33.50165  ? 13  PHE B CD2 1 
ATOM   723  C  CE1 . PHE B 1 13 ? -16.56603 3.97893   3.60420   1.000 35.30991  ? 13  PHE B CE1 1 
ATOM   724  C  CE2 . PHE B 1 13 ? -15.05097 2.80425   2.17378   1.000 35.42528  ? 13  PHE B CE2 1 
ATOM   725  C  CZ  . PHE B 1 13 ? -15.72637 2.90819   3.37615   1.000 34.82374  ? 13  PHE B CZ  1 
ATOM   726  N  N   . GLY B 1 14 ? -17.88766 6.56052   -2.71272  1.000 32.79279  ? 14  GLY B N   1 
ATOM   727  C  CA  . GLY B 1 14 ? -17.92156 7.54965   -3.76212  1.000 30.71767  ? 14  GLY B CA  1 
ATOM   728  C  C   . GLY B 1 14 ? -16.77072 7.35891   -4.72614  1.000 29.76671  ? 14  GLY B C   1 
ATOM   729  O  O   . GLY B 1 14 ? -15.78653 6.67532   -4.42754  1.000 26.74009  ? 14  GLY B O   1 
ATOM   730  N  N   . PRO B 1 15 ? -16.87996 7.95736   -5.91004  1.000 30.42299  ? 15  PRO B N   1 
ATOM   731  C  CA  . PRO B 1 15 ? -15.84136 7.78486   -6.93793  1.000 31.24650  ? 15  PRO B CA  1 
ATOM   732  C  C   . PRO B 1 15 ? -14.48137 8.26440   -6.45640  1.000 31.14688  ? 15  PRO B C   1 
ATOM   733  O  O   . PRO B 1 15 ? -14.30994 9.42403   -6.06377  1.000 31.75094  ? 15  PRO B O   1 
ATOM   734  C  CB  . PRO B 1 15 ? -16.35655 8.63974   -8.10294  1.000 36.64181  ? 15  PRO B CB  1 
ATOM   735  C  CG  . PRO B 1 15 ? -17.81878 8.75969   -7.87478  1.000 39.81026  ? 15  PRO B CG  1 
ATOM   736  C  CD  . PRO B 1 15 ? -18.01217 8.76642   -6.39146  1.000 36.73271  ? 15  PRO B CD  1 
ATOM   737  N  N   . GLY B 1 16 ? -13.50868 7.35778   -6.49242  1.000 23.75154  ? 16  GLY B N   1 
ATOM   738  C  CA  . GLY B 1 16 ? -12.13606 7.67399   -6.17394  1.000 27.49348  ? 16  GLY B CA  1 
ATOM   739  C  C   . GLY B 1 16 ? -11.82760 7.79702   -4.70035  1.000 26.21613  ? 16  GLY B C   1 
ATOM   740  O  O   . GLY B 1 16 ? -10.68855 8.13196   -4.35696  1.000 28.90453  ? 16  GLY B O   1 
ATOM   741  N  N   . ILE B 1 17 ? -12.78737 7.52961   -3.82160  1.000 27.05339  ? 17  ILE B N   1 
ATOM   742  C  CA  . ILE B 1 17 ? -12.60479 7.77178   -2.39275  1.000 26.52738  ? 17  ILE B CA  1 
ATOM   743  C  C   . ILE B 1 17 ? -12.08239 6.50894   -1.72594  1.000 26.17389  ? 17  ILE B C   1 
ATOM   744  O  O   . ILE B 1 17 ? -12.60770 5.40870   -1.94291  1.000 24.51441  ? 17  ILE B O   1 
ATOM   745  C  CB  . ILE B 1 17 ? -13.91349 8.23374   -1.73517  1.000 29.26571  ? 17  ILE B CB  1 
ATOM   746  C  CG1 . ILE B 1 17 ? -14.40766 9.53973   -2.36678  1.000 33.22077  ? 17  ILE B CG1 1 
ATOM   747  C  CG2 . ILE B 1 17 ? -13.70928 8.39816   -0.23015  1.000 31.82755  ? 17  ILE B CG2 1 
ATOM   748  C  CD1 . ILE B 1 17 ? -13.36607 10.63573  -2.39205  1.000 34.37494  ? 17  ILE B CD1 1 
ATOM   749  N  N   . VAL B 1 18 ? -11.04056 6.67704   -0.91567  1.000 26.15594  ? 18  VAL B N   1 
ATOM   750  C  CA  . VAL B 1 18 ? -10.51295 5.64098   -0.04203  1.000 26.04356  ? 18  VAL B CA  1 
ATOM   751  C  C   . VAL B 1 18 ? -10.64546 6.15599   1.38315   1.000 32.31984  ? 18  VAL B C   1 
ATOM   752  O  O   . VAL B 1 18 ? -10.23808 7.28562   1.68286   1.000 31.27638  ? 18  VAL B O   1 
ATOM   753  C  CB  . VAL B 1 18 ? -9.04787  5.31410   -0.38284  1.000 28.65658  ? 18  VAL B CB  1 
ATOM   754  C  CG1 . VAL B 1 18 ? -8.44849  4.37377   0.63928   1.000 30.52210  ? 18  VAL B CG1 1 
ATOM   755  C  CG2 . VAL B 1 18 ? -8.95662  4.72625   -1.77784  1.000 29.02887  ? 18  VAL B CG2 1 
HETATM 756  N  N   . MSE B 1 19 ? -11.23451 5.34531   2.24885   1.000 28.32725  ? 19  MSE B N   1 
HETATM 757  C  CA  . MSE B 1 19 ? -11.59306 5.80961   3.57848   1.000 29.92756  ? 19  MSE B CA  1 
HETATM 758  C  C   . MSE B 1 19 ? -11.36768 4.73409   4.62526   1.000 27.44812  ? 19  MSE B C   1 
HETATM 759  O  O   . MSE B 1 19 ? -12.29851 3.99543   4.94796   1.000 30.41771  ? 19  MSE B O   1 
HETATM 760  C  CB  . MSE B 1 19 ? -13.06185 6.24365   3.60102   1.000 34.12134  ? 19  MSE B CB  1 
HETATM 761  C  CG  . MSE B 1 19 ? -13.49293 6.88942   4.90217   1.000 37.97362  ? 19  MSE B CG  1 
HETATM 762  SE SE  . MSE B 1 19 ? -12.45090 8.49171   5.23127   1.000 83.19129  ? 19  MSE B SE  1 
HETATM 763  C  CE  . MSE B 1 19 ? -11.38307 7.88960   6.75050   1.000 52.21260  ? 19  MSE B CE  1 
ATOM   764  N  N   . PRO B 1 20 ? -10.16424 4.66524   5.19300   1.000 22.84169  ? 20  PRO B N   1 
ATOM   765  C  CA  . PRO B 1 20 ? -9.89758  3.63397   6.19647   1.000 20.69417  ? 20  PRO B CA  1 
ATOM   766  C  C   . PRO B 1 20 ? -10.59518 3.95046   7.50609   1.000 21.79843  ? 20  PRO B C   1 
ATOM   767  O  O   . PRO B 1 20 ? -10.96859 5.08909   7.78720   1.000 24.28381  ? 20  PRO B O   1 
ATOM   768  C  CB  . PRO B 1 20 ? -8.37737  3.68996   6.36003   1.000 25.57193  ? 20  PRO B CB  1 
ATOM   769  C  CG  . PRO B 1 20 ? -8.08202  5.15477   6.16861   1.000 26.79946  ? 20  PRO B CG  1 
ATOM   770  C  CD  . PRO B 1 20 ? -9.02494  5.59554   5.05939   1.000 28.59874  ? 20  PRO B CD  1 
ATOM   771  N  N   . SER B 1 21 ? -10.77078 2.91728   8.30903   1.000 19.20538  ? 21  SER B N   1 
ATOM   772  C  CA  . SER B 1 21 ? -11.16248 3.08402   9.69805   1.000 21.50285  ? 21  SER B CA  1 
ATOM   773  C  C   . SER B 1 21 ? -9.96076  2.76209   10.57518  1.000 22.43318  ? 21  SER B C   1 
ATOM   774  O  O   . SER B 1 21 ? -9.28266  1.74889   10.36792  1.000 23.74164  ? 21  SER B O   1 
ATOM   775  C  CB  . SER B 1 21 ? -12.34416 2.18459   10.03913  1.000 22.23127  ? 21  SER B CB  1 
ATOM   776  O  OG  . SER B 1 21 ? -12.06040 0.84945   9.68628   1.000 26.41977  ? 21  SER B OG  1 
ATOM   777  N  N   . VAL B 1 22 ? -9.69468  3.61659   11.54802  1.000 18.69341  ? 22  VAL B N   1 
ATOM   778  C  CA  . VAL B 1 22 ? -8.50856  3.50276   12.38411  1.000 18.92415  ? 22  VAL B CA  1 
ATOM   779  C  C   . VAL B 1 22 ? -8.95293  3.26787   13.81790  1.000 22.08317  ? 22  VAL B C   1 
ATOM   780  O  O   . VAL B 1 22 ? -9.76653  4.03522   14.34049  1.000 23.32884  ? 22  VAL B O   1 
ATOM   781  C  CB  . VAL B 1 22 ? -7.64705  4.77185   12.28460  1.000 19.35984  ? 22  VAL B CB  1 
ATOM   782  C  CG1 . VAL B 1 22 ? -6.40099  4.62189   13.10990  1.000 22.28566  ? 22  VAL B CG1 1 
ATOM   783  C  CG2 . VAL B 1 22 ? -7.29550  5.07503   10.80661  1.000 21.08713  ? 22  VAL B CG2 1 
ATOM   784  N  N   . SER B 1 23 ? -8.42161  2.21954   14.45543  1.000 20.26783  ? 23  SER B N   1 
ATOM   785  C  CA  . SER B 1 23 ? -8.81551  1.89531   15.82945  1.000 19.89859  ? 23  SER B CA  1 
ATOM   786  C  C   . SER B 1 23 ? -7.59967  1.58342   16.68991  1.000 23.37107  ? 23  SER B C   1 
ATOM   787  O  O   . SER B 1 23 ? -6.59755  1.04521   16.21357  1.000 22.84710  ? 23  SER B O   1 
ATOM   788  C  CB  . SER B 1 23 ? -9.81624  0.72333   15.86917  1.000 21.24855  ? 23  SER B CB  1 
ATOM   789  O  OG  . SER B 1 23 ? -9.29947  -0.45315  15.27635  1.000 23.91441  ? 23  SER B OG  1 
ATOM   790  N  N   . ASN B 1 24 ? -7.71616  1.92284   17.97405  1.000 21.49146  ? 24  ASN B N   1 
ATOM   791  C  CA  . ASN B 1 24 ? -6.62772  1.85367   18.93898  1.000 23.96539  ? 24  ASN B CA  1 
ATOM   792  C  C   . ASN B 1 24 ? -6.82587  0.63730   19.82663  1.000 24.28614  ? 24  ASN B C   1 
ATOM   793  O  O   . ASN B 1 24 ? -7.87626  0.49306   20.46211  1.000 24.63712  ? 24  ASN B O   1 
ATOM   794  C  CB  . ASN B 1 24 ? -6.59562  3.12008   19.79349  1.000 26.57503  ? 24  ASN B CB  1 
ATOM   795  C  CG  . ASN B 1 24 ? -5.50729  3.08249   20.84475  1.000 34.34998  ? 24  ASN B CG  1 
ATOM   796  O  OD1 . ASN B 1 24 ? -5.76356  2.84537   22.02995  1.000 34.77715  ? 24  ASN B OD1 1 
ATOM   797  N  ND2 . ASN B 1 24 ? -4.27918  3.30343   20.41229  1.000 26.86296  ? 24  ASN B ND2 1 
ATOM   798  N  N   . HIS B 1 25 ? -5.82337  -0.22060  19.88788  1.000 22.74852  ? 25  HIS B N   1 
ATOM   799  C  CA  . HIS B 1 25 ? -5.89833  -1.42658  20.69121  1.000 23.37141  ? 25  HIS B CA  1 
ATOM   800  C  C   . HIS B 1 25 ? -4.72941  -1.43083  21.66960  1.000 26.44166  ? 25  HIS B C   1 
ATOM   801  O  O   . HIS B 1 25 ? -3.90159  -0.52582  21.66947  1.000 24.86917  ? 25  HIS B O   1 
ATOM   802  C  CB  . HIS B 1 25 ? -5.91441  -2.65972  19.78899  1.000 24.50427  ? 25  HIS B CB  1 
ATOM   803  C  CG  . HIS B 1 25 ? -7.09066  -2.70252  18.86076  1.000 25.68118  ? 25  HIS B CG  1 
ATOM   804  N  ND1 . HIS B 1 25 ? -8.04697  -3.69107  18.91538  1.000 25.37807  ? 25  HIS B ND1 1 
ATOM   805  C  CD2 . HIS B 1 25 ? -7.47866  -1.85991  17.87160  1.000 27.20758  ? 25  HIS B CD2 1 
ATOM   806  C  CE1 . HIS B 1 25 ? -8.96611  -3.46776  17.99135  1.000 27.74227  ? 25  HIS B CE1 1 
ATOM   807  N  NE2 . HIS B 1 25 ? -8.64440  -2.36233  17.34394  1.000 26.81340  ? 25  HIS B NE2 1 
ATOM   808  N  N   . GLU B 1 26 ? -4.68730  -2.45216  22.53074  1.000 28.46632  ? 26  GLU B N   1 
ATOM   809  C  CA  . GLU B 1 26 ? -3.68372  -2.46092  23.59054  1.000 32.23266  ? 26  GLU B CA  1 
ATOM   810  C  C   . GLU B 1 26 ? -2.26899  -2.47258  23.02193  1.000 29.98265  ? 26  GLU B C   1 
ATOM   811  O  O   . GLU B 1 26 ? -1.38856  -1.77199  23.53383  1.000 30.50808  ? 26  GLU B O   1 
ATOM   812  C  CB  . GLU B 1 26 ? -3.89898  -3.65391  24.52027  1.000 40.02733  ? 26  GLU B CB  1 
ATOM   813  C  CG  . GLU B 1 26 ? -2.91645  -3.69039  25.68055  1.000 54.46442  ? 26  GLU B CG  1 
ATOM   814  C  CD  . GLU B 1 26 ? -3.46234  -4.41997  26.89106  1.000 68.40730  ? 26  GLU B CD  1 
ATOM   815  O  OE1 . GLU B 1 26 ? -3.91508  -5.57418  26.73788  1.000 71.72401  ? 26  GLU B OE1 1 
ATOM   816  O  OE2 . GLU B 1 26 ? -3.44055  -3.83482  27.99508  1.000 72.05872  ? 26  GLU B OE2 1 
ATOM   817  N  N   . GLY B 1 27 ? -2.04327  -3.22915  21.94610  1.000 25.75819  ? 27  GLY B N   1 
ATOM   818  C  CA  . GLY B 1 27 ? -0.70661  -3.39452  21.39691  1.000 27.17173  ? 27  GLY B CA  1 
ATOM   819  C  C   . GLY B 1 27 ? -0.36555  -2.54285  20.18829  1.000 26.58205  ? 27  GLY B C   1 
ATOM   820  O  O   . GLY B 1 27 ? 0.80731   -2.43777  19.81152  1.000 25.64886  ? 27  GLY B O   1 
ATOM   821  N  N   . GLY B 1 28 ? -1.36394  -1.92175  19.57410  1.000 24.39959  ? 28  GLY B N   1 
ATOM   822  C  CA  . GLY B 1 28 ? -1.08837  -1.10810  18.40612  1.000 23.94690  ? 28  GLY B CA  1 
ATOM   823  C  C   . GLY B 1 28 ? -2.36501  -0.57027  17.80241  1.000 22.24841  ? 28  GLY B C   1 
ATOM   824  O  O   . GLY B 1 28 ? -3.43510  -0.63129  18.40819  1.000 22.01579  ? 28  GLY B O   1 
ATOM   825  N  N   . THR B 1 29 ? -2.22313  -0.04107  16.58891  1.000 22.83845  ? 29  THR B N   1 
ATOM   826  C  CA  . THR B 1 29 ? -3.29050  0.62437   15.85323  1.000 21.30762  ? 29  THR B CA  1 
ATOM   827  C  C   . THR B 1 29 ? -3.63642  -0.22179  14.63750  1.000 19.46656  ? 29  THR B C   1 
ATOM   828  O  O   . THR B 1 29 ? -2.73211  -0.68075  13.92802  1.000 22.24418  ? 29  THR B O   1 
ATOM   829  C  CB  . THR B 1 29 ? -2.83829  2.01553   15.40599  1.000 22.10999  ? 29  THR B CB  1 
ATOM   830  O  OG1 . THR B 1 29 ? -2.53355  2.82329   16.55588  1.000 25.88480  ? 29  THR B OG1 1 
ATOM   831  C  CG2 . THR B 1 29 ? -3.89510  2.69735   14.55353  1.000 23.64675  ? 29  THR B CG2 1 
ATOM   832  N  N   . TYR B 1 30 ? -4.92416  -0.42886  14.39647  1.000 19.24865  ? 30  TYR B N   1 
ATOM   833  C  CA  . TYR B 1 30 ? -5.38586  -1.12496  13.20372  1.000 19.58037  ? 30  TYR B CA  1 
ATOM   834  C  C   . TYR B 1 30 ? -5.93297  -0.10333  12.22060  1.000 22.35920  ? 30  TYR B C   1 
ATOM   835  O  O   . TYR B 1 30 ? -6.71533  0.77520   12.59999  1.000 21.59563  ? 30  TYR B O   1 
ATOM   836  C  CB  . TYR B 1 30 ? -6.45061  -2.17827  13.53444  1.000 21.81561  ? 30  TYR B CB  1 
ATOM   837  C  CG  . TYR B 1 30 ? -5.88074  -3.44233  14.14317  1.000 26.23474  ? 30  TYR B CG  1 
ATOM   838  C  CD1 . TYR B 1 30 ? -5.74427  -3.56223  15.51476  1.000 27.60123  ? 30  TYR B CD1 1 
ATOM   839  C  CD2 . TYR B 1 30 ? -5.48115  -4.50943  13.34696  1.000 30.01827  ? 30  TYR B CD2 1 
ATOM   840  C  CE1 . TYR B 1 30 ? -5.22461  -4.70648  16.09059  1.000 32.56884  ? 30  TYR B CE1 1 
ATOM   841  C  CE2 . TYR B 1 30 ? -4.95799  -5.66487  13.91386  1.000 35.71827  ? 30  TYR B CE2 1 
ATOM   842  C  CZ  . TYR B 1 30 ? -4.83573  -5.75329  15.28729  1.000 36.01862  ? 30  TYR B CZ  1 
ATOM   843  O  OH  . TYR B 1 30 ? -4.31892  -6.88910  15.87122  1.000 41.60513  ? 30  TYR B OH  1 
ATOM   844  N  N   . VAL B 1 31 ? -5.49184  -0.20559  10.96544  1.000 18.99920  ? 31  VAL B N   1 
ATOM   845  C  CA  . VAL B 1 31 ? -5.98031  0.61329   9.85889   1.000 17.01105  ? 31  VAL B CA  1 
ATOM   846  C  C   . VAL B 1 31 ? -6.67477  -0.32410  8.87769   1.000 18.33052  ? 31  VAL B C   1 
ATOM   847  O  O   . VAL B 1 31 ? -6.01993  -1.15993  8.23992   1.000 20.35227  ? 31  VAL B O   1 
ATOM   848  C  CB  . VAL B 1 31 ? -4.84836  1.36742   9.15705   1.000 16.60249  ? 31  VAL B CB  1 
ATOM   849  C  CG1 . VAL B 1 31 ? -5.44292  2.31656   8.13238   1.000 21.29340  ? 31  VAL B CG1 1 
ATOM   850  C  CG2 . VAL B 1 31 ? -4.00118  2.12147   10.16369  1.000 21.27321  ? 31  VAL B CG2 1 
ATOM   851  N  N   . ARG B 1 32 ? -7.99486  -0.20537  8.75033   1.000 17.02017  ? 32  ARG B N   1 
ATOM   852  C  CA  . ARG B 1 32 ? -8.78479  -1.15035  7.97346   1.000 17.79172  ? 32  ARG B CA  1 
ATOM   853  C  C   . ARG B 1 32 ? -9.31584  -0.48148  6.71334   1.000 20.64314  ? 32  ARG B C   1 
ATOM   854  O  O   . ARG B 1 32 ? -9.91173  0.59918   6.78399   1.000 20.63663  ? 32  ARG B O   1 
ATOM   855  C  CB  . ARG B 1 32 ? -9.95220  -1.70407  8.79953   1.000 19.89914  ? 32  ARG B CB  1 
ATOM   856  C  CG  . ARG B 1 32 ? -10.93200 -2.54801  7.99049   1.000 22.40632  ? 32  ARG B CG  1 
ATOM   857  C  CD  . ARG B 1 32 ? -12.10958 -3.02628  8.85768   1.000 27.38845  ? 32  ARG B CD  1 
ATOM   858  N  NE  . ARG B 1 32 ? -11.64681 -4.03654  9.80127   1.000 29.70266  ? 32  ARG B NE  1 
ATOM   859  C  CZ  . ARG B 1 32 ? -12.13606 -5.27113  9.92360   1.000 25.79319  ? 32  ARG B CZ  1 
ATOM   860  N  NH1 . ARG B 1 32 ? -13.15598 -5.69274  9.18491   1.000 27.18539  ? 32  ARG B NH1 1 
ATOM   861  N  NH2 . ARG B 1 32 ? -11.59436 -6.08183  10.81897  1.000 30.42729  ? 32  ARG B NH2 1 
ATOM   862  N  N   . TYR B 1 33 ? -9.10457  -1.13797  5.56662   1.000 19.87532  ? 33  TYR B N   1 
ATOM   863  C  CA  . TYR B 1 33 ? -9.59374  -0.69366  4.25944   1.000 20.32495  ? 33  TYR B CA  1 
ATOM   864  C  C   . TYR B 1 33 ? -10.64718 -1.69089  3.80086   1.000 19.45394  ? 33  TYR B C   1 
ATOM   865  O  O   . TYR B 1 33 ? -10.31123 -2.83417  3.47187   1.000 21.99571  ? 33  TYR B O   1 
ATOM   866  C  CB  . TYR B 1 33 ? -8.45108  -0.62107  3.23597   1.000 21.60026  ? 33  TYR B CB  1 
ATOM   867  C  CG  . TYR B 1 33 ? -7.43808  0.44808   3.57103   1.000 18.42153  ? 33  TYR B CG  1 
ATOM   868  C  CD1 . TYR B 1 33 ? -6.36729  0.16663   4.40873   1.000 20.43853  ? 33  TYR B CD1 1 
ATOM   869  C  CD2 . TYR B 1 33 ? -7.59895  1.75425   3.12186   1.000 22.64786  ? 33  TYR B CD2 1 
ATOM   870  C  CE1 . TYR B 1 33 ? -5.45601  1.14705   4.75908   1.000 21.51996  ? 33  TYR B CE1 1 
ATOM   871  C  CE2 . TYR B 1 33 ? -6.69538  2.74958   3.47523   1.000 22.39600  ? 33  TYR B CE2 1 
ATOM   872  C  CZ  . TYR B 1 33 ? -5.62609  2.43043   4.29318   1.000 21.35330  ? 33  TYR B CZ  1 
ATOM   873  O  OH  . TYR B 1 33 ? -4.72709  3.39097   4.67239   1.000 22.25978  ? 33  TYR B OH  1 
ATOM   874  N  N   . ASN B 1 34 ? -11.91131 -1.27079  3.76580   1.000 21.86957  ? 34  ASN B N   1 
ATOM   875  C  CA  . ASN B 1 34 ? -12.95805 -2.18445  3.31996   1.000 22.39218  ? 34  ASN B CA  1 
ATOM   876  C  C   . ASN B 1 34 ? -13.47032 -1.79085  1.93639   1.000 23.88645  ? 34  ASN B C   1 
ATOM   877  O  O   . ASN B 1 34 ? -12.91105 -0.91900  1.26167   1.000 23.59252  ? 34  ASN B O   1 
ATOM   878  C  CB  . ASN B 1 34 ? -14.09492 -2.26238  4.34234   1.000 23.46782  ? 34  ASN B CB  1 
ATOM   879  C  CG  . ASN B 1 34 ? -14.93612 -1.02624  4.37433   1.000 25.02971  ? 34  ASN B CG  1 
ATOM   880  O  OD1 . ASN B 1 34 ? -14.53165 0.02901   3.88719   1.000 31.09763  ? 34  ASN B OD1 1 
ATOM   881  N  ND2 . ASN B 1 34 ? -16.12941 -1.13853  4.96130   1.000 32.14437  ? 34  ASN B ND2 1 
ATOM   882  N  N   . GLY B 1 35 ? -14.53253 -2.46657  1.50519   1.000 24.69907  ? 35  GLY B N   1 
ATOM   883  C  CA  . GLY B 1 35 ? -15.08974 -2.23358  0.19053   1.000 27.59050  ? 35  GLY B CA  1 
ATOM   884  C  C   . GLY B 1 35 ? -14.34658 -2.91350  -0.93257  1.000 27.06553  ? 35  GLY B C   1 
ATOM   885  O  O   . GLY B 1 35 ? -14.52773 -2.53725  -2.09700  1.000 29.71254  ? 35  GLY B O   1 
ATOM   886  N  N   . LEU B 1 36 ? -13.51391 -3.90516  -0.62718  1.000 24.83294  ? 36  LEU B N   1 
ATOM   887  C  CA  . LEU B 1 36 ? -12.70223 -4.57165  -1.63693  1.000 26.62833  ? 36  LEU B CA  1 
ATOM   888  C  C   . LEU B 1 36 ? -13.42335 -5.75175  -2.27077  1.000 30.57711  ? 36  LEU B C   1 
ATOM   889  O  O   . LEU B 1 36 ? -12.82805 -6.45561  -3.09123  1.000 31.08403  ? 36  LEU B O   1 
ATOM   890  C  CB  . LEU B 1 36 ? -11.37034 -5.01800  -1.02479  1.000 27.17889  ? 36  LEU B CB  1 
ATOM   891  C  CG  . LEU B 1 36 ? -10.58354 -3.84627  -0.42060  1.000 28.70279  ? 36  LEU B CG  1 
ATOM   892  C  CD1 . LEU B 1 36 ? -9.23767  -4.29826  0.14260   1.000 28.56978  ? 36  LEU B CD1 1 
ATOM   893  C  CD2 . LEU B 1 36 ? -10.39247 -2.75532  -1.45910  1.000 31.84262  ? 36  LEU B CD2 1 
ATOM   894  N  N   . GLY B 1 37 ? -14.69810 -5.96315  -1.92648  1.000 31.44544  ? 37  GLY B N   1 
ATOM   895  C  CA  . GLY B 1 37 ? -15.41313 -7.12941  -2.42422  1.000 36.58163  ? 37  GLY B CA  1 
ATOM   896  C  C   . GLY B 1 37 ? -15.56481 -7.14887  -3.93505  1.000 34.73882  ? 37  GLY B C   1 
ATOM   897  O  O   . GLY B 1 37 ? -15.46450 -8.20581  -4.56164  1.000 45.06621  ? 37  GLY B O   1 
ATOM   898  N  N   . ASN B 1 38 ? -15.81573 -5.98802  -4.54193  1.000 34.45677  ? 38  ASN B N   1 
ATOM   899  C  CA  . ASN B 1 38 ? -16.02993 -5.91080  -5.98277  1.000 43.06759  ? 38  ASN B CA  1 
ATOM   900  C  C   . ASN B 1 38 ? -14.76649 -5.52235  -6.74452  1.000 38.98986  ? 38  ASN B C   1 
ATOM   901  O  O   . ASN B 1 38 ? -14.85498 -4.99658  -7.85921  1.000 41.35058  ? 38  ASN B O   1 
ATOM   902  C  CB  . ASN B 1 38 ? -17.16567 -4.93978  -6.30544  1.000 48.32501  ? 38  ASN B CB  1 
ATOM   903  C  CG  . ASN B 1 38 ? -18.52671 -5.61382  -6.29064  1.000 59.22856  ? 38  ASN B CG  1 
ATOM   904  O  OD1 . ASN B 1 38 ? -19.39260 -5.26855  -5.48816  1.000 65.16853  ? 38  ASN B OD1 1 
ATOM   905  N  ND2 . ASN B 1 38 ? -18.71793 -6.58803  -7.17766  1.000 62.85303  ? 38  ASN B ND2 1 
ATOM   906  N  N   . VAL B 1 39 ? -13.60167 -5.76677  -6.16857  1.000 31.94305  ? 39  VAL B N   1 
ATOM   907  C  CA  . VAL B 1 39 ? -12.33031 -5.59947  -6.86206  1.000 25.77325  ? 39  VAL B CA  1 
ATOM   908  C  C   . VAL B 1 39 ? -12.03056 -6.86910  -7.65204  1.000 27.16305  ? 39  VAL B C   1 
ATOM   909  O  O   . VAL B 1 39 ? -12.25275 -7.98529  -7.17206  1.000 28.57665  ? 39  VAL B O   1 
ATOM   910  C  CB  . VAL B 1 39 ? -11.21282 -5.26956  -5.84985  1.000 26.61857  ? 39  VAL B CB  1 
ATOM   911  C  CG1 . VAL B 1 39 ? -9.83222  -5.39321  -6.48237  1.000 28.98119  ? 39  VAL B CG1 1 
ATOM   912  C  CG2 . VAL B 1 39 ? -11.42023 -3.86532  -5.29546  1.000 28.09692  ? 39  VAL B CG2 1 
ATOM   913  N  N   . ASP B 1 40 ? -11.57403 -6.69208  -8.89971  1.000 25.39350  ? 40  ASP B N   1 
ATOM   914  C  CA  . ASP B 1 40 ? -11.05977 -7.73259  -9.78936  1.000 25.80612  ? 40  ASP B CA  1 
ATOM   915  C  C   . ASP B 1 40 ? -10.13096 -8.68362  -9.03667  1.000 27.33704  ? 40  ASP B C   1 
ATOM   916  O  O   . ASP B 1 40 ? -9.23243  -8.21707  -8.33624  1.000 24.29935  ? 40  ASP B O   1 
ATOM   917  C  CB  . ASP B 1 40 ? -10.33162 -7.03699  -10.94518 1.000 25.38552  ? 40  ASP B CB  1 
ATOM   918  C  CG  . ASP B 1 40 ? -9.75650  -7.99119  -11.96025 1.000 28.37965  ? 40  ASP B CG  1 
ATOM   919  O  OD1 . ASP B 1 40 ? -8.93112  -8.86491  -11.61307 1.000 30.52014  ? 40  ASP B OD1 1 
ATOM   920  O  OD2 . ASP B 1 40 ? -10.10805 -7.83822  -13.13597 1.000 24.51498  ? 40  ASP B OD2 1 
ATOM   921  N  N   . PRO B 1 41 ? -10.29582 -10.00887 -9.15096  1.000 25.96303  ? 41  PRO B N   1 
ATOM   922  C  CA  . PRO B 1 41 ? -9.41648  -10.91505 -8.37944  1.000 28.19316  ? 41  PRO B CA  1 
ATOM   923  C  C   . PRO B 1 41 ? -7.92017  -10.71889 -8.62203  1.000 27.79561  ? 41  PRO B C   1 
ATOM   924  O  O   . PRO B 1 41 ? -7.13527  -10.77659 -7.66409  1.000 25.87816  ? 41  PRO B O   1 
ATOM   925  C  CB  . PRO B 1 41 ? -9.88923  -12.30642 -8.82354  1.000 32.39992  ? 41  PRO B CB  1 
ATOM   926  C  CG  . PRO B 1 41 ? -11.32736 -12.10443 -9.18823  1.000 34.91950  ? 41  PRO B CG  1 
ATOM   927  C  CD  . PRO B 1 41 ? -11.37422 -10.74403 -9.83850  1.000 29.66906  ? 41  PRO B CD  1 
ATOM   928  N  N   . ASN B 1 42 ? -7.49146  -10.48587 -9.86838  1.000 25.69274  ? 42  ASN B N   1 
ATOM   929  C  CA  . ASN B 1 42 ? -6.06816  -10.26911 -10.11675 1.000 25.72177  ? 42  ASN B CA  1 
ATOM   930  C  C   . ASN B 1 42 ? -5.58350  -9.00473  -9.42044  1.000 23.81130  ? 42  ASN B C   1 
ATOM   931  O  O   . ASN B 1 42 ? -4.44327  -8.94201  -8.93983  1.000 24.79290  ? 42  ASN B O   1 
ATOM   932  C  CB  . ASN B 1 42 ? -5.78869  -10.18498 -11.61901 1.000 26.51263  ? 42  ASN B CB  1 
ATOM   933  C  CG  . ASN B 1 42 ? -5.85997  -11.52855 -12.28955 1.000 40.09012  ? 42  ASN B CG  1 
ATOM   934  O  OD1 . ASN B 1 42 ? -5.41648  -12.52780 -11.73196 1.000 42.02054  ? 42  ASN B OD1 1 
ATOM   935  N  ND2 . ASN B 1 42 ? -6.43200  -11.56762 -13.48605 1.000 39.26305  ? 42  ASN B ND2 1 
ATOM   936  N  N   . TYR B 1 43 ? -6.43588  -7.98251  -9.35443  1.000 20.46359  ? 43  TYR B N   1 
ATOM   937  C  CA  . TYR B 1 43 ? -6.00846  -6.73508  -8.74456  1.000 21.45991  ? 43  TYR B CA  1 
ATOM   938  C  C   . TYR B 1 43 ? -6.18144  -6.75616  -7.23838  1.000 23.75021  ? 43  TYR B C   1 
ATOM   939  O  O   . TYR B 1 43 ? -5.44921  -6.04426  -6.54070  1.000 21.99483  ? 43  TYR B O   1 
ATOM   940  C  CB  . TYR B 1 43 ? -6.74072  -5.56084  -9.39527  1.000 22.60991  ? 43  TYR B CB  1 
ATOM   941  C  CG  . TYR B 1 43 ? -6.12170  -5.24546  -10.73166 1.000 23.26116  ? 43  TYR B CG  1 
ATOM   942  C  CD1 . TYR B 1 43 ? -5.06706  -4.34716  -10.84060 1.000 22.54164  ? 43  TYR B CD1 1 
ATOM   943  C  CD2 . TYR B 1 43 ? -6.54811  -5.90061  -11.87830 1.000 22.55512  ? 43  TYR B CD2 1 
ATOM   944  C  CE1 . TYR B 1 43 ? -4.47581  -4.07508  -12.07681 1.000 23.51183  ? 43  TYR B CE1 1 
ATOM   945  C  CE2 . TYR B 1 43 ? -5.96924  -5.64450  -13.10627 1.000 23.81880  ? 43  TYR B CE2 1 
ATOM   946  C  CZ  . TYR B 1 43 ? -4.93660  -4.73731  -13.20255 1.000 23.21270  ? 43  TYR B CZ  1 
ATOM   947  O  OH  . TYR B 1 43 ? -4.37607  -4.48574  -14.42889 1.000 24.75168  ? 43  TYR B OH  1 
ATOM   948  N  N   . LYS B 1 44 ? -7.09731  -7.57691  -6.71015  1.000 21.74614  ? 44  LYS B N   1 
ATOM   949  C  CA  . LYS B 1 44 ? -7.09627  -7.78508  -5.26168  1.000 22.54031  ? 44  LYS B CA  1 
ATOM   950  C  C   . LYS B 1 44 ? -5.75997  -8.35614  -4.81426  1.000 23.41673  ? 44  LYS B C   1 
ATOM   951  O  O   . LYS B 1 44 ? -5.19512  -7.91928  -3.79878  1.000 22.76199  ? 44  LYS B O   1 
ATOM   952  C  CB  . LYS B 1 44 ? -8.24627  -8.70656  -4.83700  1.000 26.57162  ? 44  LYS B CB  1 
ATOM   953  C  CG  . LYS B 1 44 ? -8.67280  -8.50755  -3.38591  1.000 36.12961  ? 44  LYS B CG  1 
ATOM   954  C  CD  . LYS B 1 44 ? -9.85388  -9.39135  -3.00355  1.000 41.77251  ? 44  LYS B CD  1 
ATOM   955  C  CE  . LYS B 1 44 ? -11.08855 -9.06819  -3.83168  1.000 42.93393  ? 44  LYS B CE  1 
ATOM   956  N  NZ  . LYS B 1 44 ? -12.29316 -9.79984  -3.34310  1.000 45.65026  ? 44  LYS B NZ  1 
ATOM   957  N  N   . ASN B 1 45 ? -5.20798  -9.29120  -5.59130  1.000 22.33787  ? 45  ASN B N   1 
ATOM   958  C  CA  . ASN B 1 45 ? -3.89365  -9.83777  -5.26776  1.000 24.47354  ? 45  ASN B CA  1 
ATOM   959  C  C   . ASN B 1 45 ? -2.81246  -8.76291  -5.36503  1.000 24.18768  ? 45  ASN B C   1 
ATOM   960  O  O   . ASN B 1 45 ? -1.97570  -8.62641  -4.46439  1.000 23.06879  ? 45  ASN B O   1 
ATOM   961  C  CB  . ASN B 1 45 ? -3.56743  -11.01502 -6.18847  1.000 27.52922  ? 45  ASN B CB  1 
ATOM   962  C  CG  . ASN B 1 45 ? -2.24641  -11.67281 -5.83950  1.000 39.02451  ? 45  ASN B CG  1 
ATOM   963  O  OD1 . ASN B 1 45 ? -2.09679  -12.25977 -4.76741  1.000 47.51767  ? 45  ASN B OD1 1 
ATOM   964  N  ND2 . ASN B 1 45 ? -1.27784  -11.57275 -6.74232  1.000 43.29168  ? 45  ASN B ND2 1 
ATOM   965  N  N   . LEU B 1 46 ? -2.82704  -7.97010  -6.43960  1.000 21.19078  ? 46  LEU B N   1 
ATOM   966  C  CA  . LEU B 1 46 ? -1.83254  -6.90951  -6.58728  1.000 21.41115  ? 46  LEU B CA  1 
ATOM   967  C  C   . LEU B 1 46 ? -1.91625  -5.89598  -5.45129  1.000 21.56209  ? 46  LEU B C   1 
ATOM   968  O  O   . LEU B 1 46 ? -0.88298  -5.45377  -4.93338  1.000 21.32667  ? 46  LEU B O   1 
ATOM   969  C  CB  . LEU B 1 46 ? -2.00241  -6.20485  -7.93548  1.000 21.73097  ? 46  LEU B CB  1 
ATOM   970  C  CG  . LEU B 1 46 ? -1.02548  -5.05533  -8.22604  1.000 20.94996  ? 46  LEU B CG  1 
ATOM   971  C  CD1 . LEU B 1 46 ? 0.40479   -5.56504  -8.25476  1.000 21.93201  ? 46  LEU B CD1 1 
ATOM   972  C  CD2 . LEU B 1 46 ? -1.36709  -4.32976  -9.53999  1.000 23.07026  ? 46  LEU B CD2 1 
ATOM   973  N  N   . ILE B 1 47 ? -3.13265  -5.49445  -5.06152  1.000 19.35711  ? 47  ILE B N   1 
ATOM   974  C  CA  . ILE B 1 47 ? -3.26732  -4.53395  -3.96715  1.000 21.25401  ? 47  ILE B CA  1 
ATOM   975  C  C   . ILE B 1 47 ? -2.64368  -5.09369  -2.69664  1.000 21.61690  ? 47  ILE B C   1 
ATOM   976  O  O   . ILE B 1 47 ? -1.90548  -4.40098  -1.98286  1.000 20.35453  ? 47  ILE B O   1 
ATOM   977  C  CB  . ILE B 1 47 ? -4.74528  -4.17578  -3.74802  1.000 21.36428  ? 47  ILE B CB  1 
ATOM   978  C  CG1 . ILE B 1 47 ? -5.25474  -3.28971  -4.88502  1.000 25.52809  ? 47  ILE B CG1 1 
ATOM   979  C  CG2 . ILE B 1 47 ? -4.93348  -3.48967  -2.39060  1.000 24.53606  ? 47  ILE B CG2 1 
ATOM   980  C  CD1 . ILE B 1 47 ? -6.76753  -3.24807  -4.99611  1.000 27.39792  ? 47  ILE B CD1 1 
ATOM   981  N  N   . SER B 1 48 ? -2.93668  -6.35732  -2.39643  1.000 19.42660  ? 48  SER B N   1 
ATOM   982  C  CA  . SER B 1 48 ? -2.42031  -6.96828  -1.17433  1.000 21.20884  ? 48  SER B CA  1 
ATOM   983  C  C   . SER B 1 48 ? -0.89805  -7.06714  -1.20601  1.000 22.54802  ? 48  SER B C   1 
ATOM   984  O  O   . SER B 1 48 ? -0.22446  -6.73296  -0.21900  1.000 21.26583  ? 48  SER B O   1 
ATOM   985  C  CB  . SER B 1 48 ? -3.05771  -8.34708  -0.97951  1.000 25.43102  ? 48  SER B CB  1 
ATOM   986  O  OG  . SER B 1 48 ? -2.69573  -8.90912  0.26999   1.000 34.74970  ? 48  SER B OG  1 
ATOM   987  N  N   . LYS B 1 49 ? -0.33142  -7.48261  -2.34370  1.000 21.21045  ? 49  LYS B N   1 
ATOM   988  C  CA  . LYS B 1 49 ? 1.11930   -7.62570  -2.45223  1.000 22.71253  ? 49  LYS B CA  1 
ATOM   989  C  C   . LYS B 1 49 ? 1.83129   -6.27732  -2.39021  1.000 21.19450  ? 49  LYS B C   1 
ATOM   990  O  O   . LYS B 1 49 ? 2.92999   -6.16920  -1.82524  1.000 20.14573  ? 49  LYS B O   1 
ATOM   991  C  CB  . LYS B 1 49 ? 1.47122   -8.35296  -3.75010  1.000 23.65301  ? 49  LYS B CB  1 
ATOM   992  C  CG  . LYS B 1 49 ? 0.99282   -9.78580  -3.80561  1.000 31.57115  ? 49  LYS B CG  1 
ATOM   993  C  CD  . LYS B 1 49 ? 1.76020   -10.65949 -2.83483  1.000 32.38739  ? 49  LYS B CD  1 
ATOM   994  C  CE  . LYS B 1 49 ? 1.33322   -12.11679 -2.96164  1.000 40.74605  ? 49  LYS B CE  1 
ATOM   995  N  NZ  . LYS B 1 49 ? 1.84107   -12.72412 -4.22278  1.000 45.35614  ? 49  LYS B NZ  1 
HETATM 996  N  N   . MSE B 1 50 ? 1.24331   -5.24555  -2.98314  1.000 18.26606  ? 50  MSE B N   1 
HETATM 997  C  CA  . MSE B 1 50 ? 1.82160   -3.91652  -2.92219  1.000 21.39047  ? 50  MSE B CA  1 
HETATM 998  C  C   . MSE B 1 50 ? 1.81393   -3.38520  -1.49843  1.000 20.63691  ? 50  MSE B C   1 
HETATM 999  O  O   . MSE B 1 50 ? 2.83386   -2.86659  -1.02616  1.000 18.84743  ? 50  MSE B O   1 
HETATM 1000 C  CB  . MSE B 1 50 ? 1.05164   -2.95686  -3.83315  1.000 24.99077  ? 50  MSE B CB  1 
HETATM 1001 C  CG  . MSE B 1 50 ? 1.38139   -3.03803  -5.31328  1.000 43.03338  ? 50  MSE B CG  1 
HETATM 1002 SE SE  . MSE B 1 50 ? 3.02530   -2.10843  -5.81865  1.000 82.10383  ? 50  MSE B SE  1 
HETATM 1003 C  CE  . MSE B 1 50 ? 3.28546   -0.99166  -4.23067  1.000 72.71311  ? 50  MSE B CE  1 
HETATM 1004 N  N   . MSE B 1 51 ? 0.67491   -3.50765  -0.80765  1.000 19.85942  ? 51  MSE B N   1 
HETATM 1005 C  CA  . MSE B 1 51 ? 0.63010   -3.04365  0.58089   1.000 22.59658  ? 51  MSE B CA  1 
HETATM 1006 C  C   . MSE B 1 51 ? 1.57008   -3.82796  1.47132   1.000 19.02029  ? 51  MSE B C   1 
HETATM 1007 O  O   . MSE B 1 51 ? 2.24277   -3.22676  2.32500   1.000 19.54128  ? 51  MSE B O   1 
HETATM 1008 C  CB  . MSE B 1 51 ? -0.78722  -3.09723  1.17211   1.000 23.86932  ? 51  MSE B CB  1 
HETATM 1009 C  CG  . MSE B 1 51 ? -1.83415  -2.35124  0.39421   1.000 24.67192  ? 51  MSE B CG  1 
HETATM 1010 SE SE  . MSE B 1 51 ? -1.50093  -0.41886  0.40331   1.000 48.70916  ? 51  MSE B SE  1 
HETATM 1011 C  CE  . MSE B 1 51 ? -1.79924  -0.15425  -1.48728  1.000 42.77886  ? 51  MSE B CE  1 
ATOM   1012 N  N   . ARG B 1 52 ? 1.66640   -5.14258  1.25373   1.000 17.84826  ? 52  ARG B N   1 
ATOM   1013 C  CA  . ARG B 1 52 ? 2.58352   -5.94967  2.05739   1.000 19.08737  ? 52  ARG B CA  1 
ATOM   1014 C  C   . ARG B 1 52 ? 4.03386   -5.52799  1.83768   1.000 20.23198  ? 52  ARG B C   1 
ATOM   1015 O  O   . ARG B 1 52 ? 4.82000   -5.41593  2.79130   1.000 19.72965  ? 52  ARG B O   1 
ATOM   1016 C  CB  . ARG B 1 52 ? 2.41673   -7.43223  1.73745   1.000 23.26719  ? 52  ARG B CB  1 
ATOM   1017 C  CG  . ARG B 1 52 ? 3.00654   -8.34007  2.80914   1.000 33.85760  ? 52  ARG B CG  1 
ATOM   1018 C  CD  . ARG B 1 52 ? 2.63760   -9.80993  2.59609   1.000 34.04117  ? 52  ARG B CD  1 
ATOM   1019 N  NE  . ARG B 1 52 ? 1.20216   -10.07491 2.69758   1.000 39.19867  ? 52  ARG B NE  1 
ATOM   1020 C  CZ  . ARG B 1 52 ? 0.55792   -10.30048 3.84229   1.000 38.89317  ? 52  ARG B CZ  1 
ATOM   1021 N  NH1 . ARG B 1 52 ? 1.21261   -10.26576 4.99693   1.000 35.74922  ? 52  ARG B NH1 1 
ATOM   1022 N  NH2 . ARG B 1 52 ? -0.74329  -10.54490 3.83809   1.000 40.69513  ? 52  ARG B NH2 1 
ATOM   1023 N  N   . SER B 1 53 ? 4.41660   -5.28970  0.58538   1.000 19.12495  ? 53  SER B N   1 
ATOM   1024 C  CA  . SER B 1 53 ? 5.77282   -4.84524  0.31074   1.000 19.25181  ? 53  SER B CA  1 
ATOM   1025 C  C   . SER B 1 53 ? 6.04256   -3.48259  0.95303   1.000 17.87275  ? 53  SER B C   1 
ATOM   1026 O  O   . SER B 1 53 ? 7.06993   -3.28138  1.60834   1.000 18.65432  ? 53  SER B O   1 
ATOM   1027 C  CB  . SER B 1 53 ? 5.98811   -4.79267  -1.20087  1.000 19.70817  ? 53  SER B CB  1 
ATOM   1028 O  OG  . SER B 1 53 ? 7.27059   -4.26927  -1.46708  1.000 19.06142  ? 53  SER B OG  1 
ATOM   1029 N  N   . LEU B 1 54 ? 5.11129   -2.53699  0.79332   1.000 17.01976  ? 54  LEU B N   1 
ATOM   1030 C  CA  . LEU B 1 54 ? 5.28856   -1.20345  1.35765   1.000 18.02028  ? 54  LEU B CA  1 
ATOM   1031 C  C   . LEU B 1 54 ? 5.51928   -1.25062  2.86595   1.000 18.27943  ? 54  LEU B C   1 
ATOM   1032 O  O   . LEU B 1 54 ? 6.45168   -0.61450  3.38441   1.000 17.77747  ? 54  LEU B O   1 
ATOM   1033 C  CB  . LEU B 1 54 ? 4.06350   -0.34656  1.02176   1.000 18.34773  ? 54  LEU B CB  1 
ATOM   1034 C  CG  . LEU B 1 54 ? 4.02012   1.04225   1.65278   1.000 21.67808  ? 54  LEU B CG  1 
ATOM   1035 C  CD1 . LEU B 1 54 ? 5.21269   1.87459   1.21283   1.000 25.78151  ? 54  LEU B CD1 1 
ATOM   1036 C  CD2 . LEU B 1 54 ? 2.70875   1.73241   1.27349   1.000 25.18541  ? 54  LEU B CD2 1 
ATOM   1037 N  N   . ILE B 1 55 ? 4.66460   -1.97744  3.59501   1.000 18.66611  ? 55  ILE B N   1 
ATOM   1038 C  CA  . ILE B 1 55 ? 4.84590   -1.98946  5.04420   1.000 18.43452  ? 55  ILE B CA  1 
ATOM   1039 C  C   . ILE B 1 55 ? 6.11192   -2.73801  5.43145   1.000 18.50981  ? 55  ILE B C   1 
ATOM   1040 O  O   . ILE B 1 55 ? 6.71682   -2.43542  6.47160   1.000 18.87318  ? 55  ILE B O   1 
ATOM   1041 C  CB  . ILE B 1 55 ? 3.61842   -2.56428  5.77950   1.000 18.81906  ? 55  ILE B CB  1 
ATOM   1042 C  CG1 . ILE B 1 55 ? 3.39477   -4.03162  5.44716   1.000 20.24571  ? 55  ILE B CG1 1 
ATOM   1043 C  CG2 . ILE B 1 55 ? 2.37515   -1.72033  5.48110   1.000 20.80093  ? 55  ILE B CG2 1 
ATOM   1044 C  CD1 . ILE B 1 55 ? 2.30984   -4.67059  6.29390   1.000 27.36136  ? 55  ILE B CD1 1 
ATOM   1045 N  N   . GLY B 1 56 ? 6.56981   -3.67970  4.60450   1.000 17.72202  ? 56  GLY B N   1 
ATOM   1046 C  CA  . GLY B 1 56 ? 7.84530   -4.31958  4.88342   1.000 18.69267  ? 56  GLY B CA  1 
ATOM   1047 C  C   . GLY B 1 56 ? 9.01506   -3.36520  4.71592   1.000 17.81864  ? 56  GLY B C   1 
ATOM   1048 O  O   . GLY B 1 56 ? 9.98428   -3.40081  5.48095   1.000 18.18131  ? 56  GLY B O   1 
ATOM   1049 N  N   . GLN B 1 57 ? 8.93586   -2.48120  3.72362   1.000 16.70489  ? 57  GLN B N   1 
ATOM   1050 C  CA  . GLN B 1 57 ? 9.98382   -1.49823  3.51950   1.000 17.71569  ? 57  GLN B CA  1 
ATOM   1051 C  C   . GLN B 1 57 ? 9.98502   -0.46895  4.63696   1.000 17.60984  ? 57  GLN B C   1 
ATOM   1052 O  O   . GLN B 1 57 ? 11.04845  -0.07990  5.12906   1.000 18.03890  ? 57  GLN B O   1 
ATOM   1053 C  CB  . GLN B 1 57 ? 9.79629   -0.82446  2.15578   1.000 16.34741  ? 57  GLN B CB  1 
ATOM   1054 C  CG  . GLN B 1 57 ? 9.85720   -1.82679  0.99693   1.000 18.80101  ? 57  GLN B CG  1 
ATOM   1055 C  CD  . GLN B 1 57 ? 11.19141  -2.55069  0.97247   1.000 22.70406  ? 57  GLN B CD  1 
ATOM   1056 O  OE1 . GLN B 1 57 ? 11.26368  -3.77963  1.10523   1.000 29.06819  ? 57  GLN B OE1 1 
ATOM   1057 N  NE2 . GLN B 1 57 ? 12.25002  -1.79439  0.84026   1.000 18.12205  ? 57  GLN B NE2 1 
ATOM   1058 N  N   . ILE B 1 58 ? 8.79592   -0.03228  5.06930   1.000 17.16965  ? 58  ILE B N   1 
ATOM   1059 C  CA  . ILE B 1 58 ? 8.73610   0.94801   6.14879   1.000 17.21679  ? 58  ILE B CA  1 
ATOM   1060 C  C   . ILE B 1 58 ? 9.21606   0.32436   7.45053   1.000 17.01185  ? 58  ILE B C   1 
ATOM   1061 O  O   . ILE B 1 58 ? 9.95850   0.95752   8.22071   1.000 18.27078  ? 58  ILE B O   1 
ATOM   1062 C  CB  . ILE B 1 58 ? 7.30722   1.51368   6.27470   1.000 17.95520  ? 58  ILE B CB  1 
ATOM   1063 C  CG1 . ILE B 1 58 ? 6.94523   2.30151   5.02104   1.000 19.37460  ? 58  ILE B CG1 1 
ATOM   1064 C  CG2 . ILE B 1 58 ? 7.18054   2.38955   7.52857   1.000 18.80086  ? 58  ILE B CG2 1 
ATOM   1065 C  CD1 . ILE B 1 58 ? 5.46069   2.69199   4.92104   1.000 21.01352  ? 58  ILE B CD1 1 
ATOM   1066 N  N   . GLY B 1 59 ? 8.80931   -0.92631  7.71064   1.000 19.10225  ? 59  GLY B N   1 
ATOM   1067 C  CA  . GLY B 1 59 ? 9.28899   -1.62661  8.89635   1.000 20.01811  ? 59  GLY B CA  1 
ATOM   1068 C  C   . GLY B 1 59 ? 10.79654  -1.83338  8.88555   1.000 19.58145  ? 59  GLY B C   1 
ATOM   1069 O  O   . GLY B 1 59 ? 11.46340  -1.65750  9.90991   1.000 20.99737  ? 59  GLY B O   1 
ATOM   1070 N  N   . ASN B 1 60 ? 11.35681  -2.19351  7.72192   1.000 19.36030  ? 60  ASN B N   1 
ATOM   1071 C  CA  . ASN B 1 60 ? 12.80809  -2.32613  7.57250   1.000 18.23341  ? 60  ASN B CA  1 
ATOM   1072 C  C   . ASN B 1 60 ? 13.53024  -1.03815  7.94532   1.000 19.00407  ? 60  ASN B C   1 
ATOM   1073 O  O   . ASN B 1 60 ? 14.58246  -1.06598  8.60085   1.000 21.37807  ? 60  ASN B O   1 
ATOM   1074 C  CB  . ASN B 1 60 ? 13.16664  -2.68420  6.12804   1.000 19.71258  ? 60  ASN B CB  1 
ATOM   1075 C  CG  . ASN B 1 60 ? 13.00515  -4.15275  5.81299   1.000 20.71985  ? 60  ASN B CG  1 
ATOM   1076 O  OD1 . ASN B 1 60 ? 12.76736  -4.98153  6.69089   1.000 22.50439  ? 60  ASN B OD1 1 
ATOM   1077 N  ND2 . ASN B 1 60 ? 13.12360  -4.48437  4.52564   1.000 20.70979  ? 60  ASN B ND2 1 
ATOM   1078 N  N   . LYS B 1 61 ? 12.99936  0.10051   7.50401   1.000 18.04796  ? 61  LYS B N   1 
ATOM   1079 C  CA  . LYS B 1 61 ? 13.66798  1.37938   7.71564   1.000 19.24425  ? 61  LYS B CA  1 
ATOM   1080 C  C   . LYS B 1 61 ? 13.57215  1.83588   9.16996   1.000 18.14931  ? 61  LYS B C   1 
ATOM   1081 O  O   . LYS B 1 61 ? 14.56313  2.29924   9.74957   1.000 23.14327  ? 61  LYS B O   1 
ATOM   1082 C  CB  . LYS B 1 61 ? 13.04952  2.41693   6.78222   1.000 21.15180  ? 61  LYS B CB  1 
ATOM   1083 C  CG  . LYS B 1 61 ? 13.40929  3.86030   7.07013   1.000 24.73705  ? 61  LYS B CG  1 
ATOM   1084 C  CD  . LYS B 1 61 ? 14.56193  4.27465   6.21531   1.000 22.23724  ? 61  LYS B CD  1 
ATOM   1085 C  CE  . LYS B 1 61 ? 14.97357  5.70669   6.45014   1.000 20.80499  ? 61  LYS B CE  1 
ATOM   1086 N  NZ  . LYS B 1 61 ? 16.39984  5.76562   6.09533   1.000 23.02873  ? 61  LYS B NZ  1 
ATOM   1087 N  N   . TYR B 1 62 ? 12.38729  1.73916   9.77435   1.000 17.40446  ? 62  TYR B N   1 
ATOM   1088 C  CA  . TYR B 1 62 ? 12.15718  2.38623   11.06481  1.000 18.72285  ? 62  TYR B CA  1 
ATOM   1089 C  C   . TYR B 1 62 ? 12.08541  1.42729   12.24944  1.000 21.35422  ? 62  TYR B C   1 
ATOM   1090 O  O   . TYR B 1 62 ? 12.02027  1.89778   13.39443  1.000 23.97564  ? 62  TYR B O   1 
ATOM   1091 C  CB  . TYR B 1 62 ? 10.87255  3.23125   11.00642  1.000 19.89380  ? 62  TYR B CB  1 
ATOM   1092 C  CG  . TYR B 1 62 ? 10.94072  4.36455   10.01196  1.000 18.28306  ? 62  TYR B CG  1 
ATOM   1093 C  CD1 . TYR B 1 62 ? 11.92581  5.34202   10.10345  1.000 18.85619  ? 62  TYR B CD1 1 
ATOM   1094 C  CD2 . TYR B 1 62 ? 10.01729  4.45662   8.96951   1.000 18.93935  ? 62  TYR B CD2 1 
ATOM   1095 C  CE1 . TYR B 1 62 ? 11.99745  6.38423   9.18547   1.000 19.88648  ? 62  TYR B CE1 1 
ATOM   1096 C  CE2 . TYR B 1 62 ? 10.07826  5.48794   8.05509   1.000 21.34544  ? 62  TYR B CE2 1 
ATOM   1097 C  CZ  . TYR B 1 62 ? 11.06843  6.45294   8.16841   1.000 18.97777  ? 62  TYR B CZ  1 
ATOM   1098 O  OH  . TYR B 1 62 ? 11.12715  7.48201   7.25233   1.000 19.88231  ? 62  TYR B OH  1 
ATOM   1099 N  N   . GLY B 1 63 ? 12.07949  0.11746   12.01870  1.000 19.10132  ? 63  GLY B N   1 
ATOM   1100 C  CA  . GLY B 1 63 ? 12.20374  -0.83344  13.11255  1.000 18.92565  ? 63  GLY B CA  1 
ATOM   1101 C  C   . GLY B 1 63 ? 10.91494  -1.15769  13.82686  1.000 25.95387  ? 63  GLY B C   1 
ATOM   1102 O  O   . GLY B 1 63 ? 10.92655  -1.41249  15.04111  1.000 25.50460  ? 63  GLY B O   1 
ATOM   1103 N  N   . TYR B 1 64 ? 9.79448   -1.12606  13.11680  1.000 21.71208  ? 64  TYR B N   1 
ATOM   1104 C  CA  . TYR B 1 64 ? 8.50288   -1.52637  13.65252  1.000 23.72015  ? 64  TYR B CA  1 
ATOM   1105 C  C   . TYR B 1 64 ? 8.00532   -2.73826  12.88430  1.000 23.56536  ? 64  TYR B C   1 
ATOM   1106 O  O   . TYR B 1 64 ? 8.13485   -2.80233  11.65533  1.000 25.84881  ? 64  TYR B O   1 
ATOM   1107 C  CB  . TYR B 1 64 ? 7.47112   -0.40475  13.54236  1.000 23.78964  ? 64  TYR B CB  1 
ATOM   1108 C  CG  . TYR B 1 64 ? 7.73506   0.77834   14.44082  1.000 23.63120  ? 64  TYR B CG  1 
ATOM   1109 C  CD1 . TYR B 1 64 ? 7.21223   0.82637   15.72695  1.000 27.73937  ? 64  TYR B CD1 1 
ATOM   1110 C  CD2 . TYR B 1 64 ? 8.50784   1.84602   14.00659  1.000 25.88122  ? 64  TYR B CD2 1 
ATOM   1111 C  CE1 . TYR B 1 64 ? 7.45008   1.90904   16.55378  1.000 29.28819  ? 64  TYR B CE1 1 
ATOM   1112 C  CE2 . TYR B 1 64 ? 8.75418   2.92871   14.82122  1.000 28.95655  ? 64  TYR B CE2 1 
ATOM   1113 C  CZ  . TYR B 1 64 ? 8.22337   2.95727   16.09537  1.000 30.97427  ? 64  TYR B CZ  1 
ATOM   1114 O  OH  . TYR B 1 64 ? 8.46237   4.03820   16.90795  1.000 35.35155  ? 64  TYR B OH  1 
ATOM   1115 N  N   . ASP B 1 65 ? 7.41609   -3.68541  13.61048  1.000 23.35838  ? 65  ASP B N   1 
ATOM   1116 C  CA  . ASP B 1 65 ? 6.90314   -4.92211  13.01989  1.000 24.45403  ? 65  ASP B CA  1 
ATOM   1117 C  C   . ASP B 1 65 ? 5.47456   -4.69648  12.51693  1.000 23.65741  ? 65  ASP B C   1 
ATOM   1118 O  O   . ASP B 1 65 ? 4.49344   -5.21320  13.05044  1.000 23.48068  ? 65  ASP B O   1 
ATOM   1119 C  CB  . ASP B 1 65 ? 6.96862   -6.06341  14.03105  1.000 25.27705  ? 65  ASP B CB  1 
ATOM   1120 C  CG  . ASP B 1 65 ? 8.39782   -6.47054  14.37134  1.000 33.73793  ? 65  ASP B CG  1 
ATOM   1121 O  OD1 . ASP B 1 65 ? 9.28095   -6.36921  13.49052  1.000 37.63022  ? 65  ASP B OD1 1 
ATOM   1122 O  OD2 . ASP B 1 65 ? 8.63254   -6.90417  15.52218  1.000 41.75414  ? 65  ASP B OD2 1 
ATOM   1123 N  N   . ILE B 1 66 ? 5.37694   -3.89127  11.46212  1.000 23.24188  ? 66  ILE B N   1 
ATOM   1124 C  CA  . ILE B 1 66 ? 4.08375   -3.63383  10.84146  1.000 21.15003  ? 66  ILE B CA  1 
ATOM   1125 C  C   . ILE B 1 66 ? 3.62394   -4.88191  10.10388  1.000 24.23970  ? 66  ILE B C   1 
ATOM   1126 O  O   . ILE B 1 66 ? 4.41718   -5.56085  9.42917   1.000 24.87634  ? 66  ILE B O   1 
ATOM   1127 C  CB  . ILE B 1 66 ? 4.19070   -2.42962  9.89404   1.000 20.68070  ? 66  ILE B CB  1 
ATOM   1128 C  CG1 . ILE B 1 66 ? 4.72194   -1.19209  10.62833  1.000 21.36064  ? 66  ILE B CG1 1 
ATOM   1129 C  CG2 . ILE B 1 66 ? 2.85404   -2.12215  9.25659   1.000 22.43467  ? 66  ILE B CG2 1 
ATOM   1130 C  CD1 . ILE B 1 66 ? 5.02568   -0.04043  9.70497   1.000 23.83578  ? 66  ILE B CD1 1 
ATOM   1131 N  N   . ASP B 1 67 ? 2.33926   -5.20245  10.22841  1.000 22.16241  ? 67  ASP B N   1 
ATOM   1132 C  CA  . ASP B 1 67 ? 1.80426   -6.44259  9.69073   1.000 24.46645  ? 67  ASP B CA  1 
ATOM   1133 C  C   . ASP B 1 67 ? 0.51659   -6.17105  8.92618   1.000 24.35307  ? 67  ASP B C   1 
ATOM   1134 O  O   . ASP B 1 67 ? -0.14396  -5.15564  9.13266   1.000 23.67799  ? 67  ASP B O   1 
ATOM   1135 C  CB  . ASP B 1 67 ? 1.54621   -7.46280  10.80341  1.000 27.36897  ? 67  ASP B CB  1 
ATOM   1136 C  CG  . ASP B 1 67 ? 1.74957   -8.88852  10.33439  1.000 42.04475  ? 67  ASP B CG  1 
ATOM   1137 O  OD1 . ASP B 1 67 ? 1.92557   -9.09028  9.11162   1.000 42.49037  ? 67  ASP B OD1 1 
ATOM   1138 O  OD2 . ASP B 1 67 ? 1.73401   -9.80354  11.18490  1.000 50.03680  ? 67  ASP B OD2 1 
ATOM   1139 N  N   . LEU B 1 68 ? 0.18196   -7.07580  8.00868   1.000 23.15879  ? 68  LEU B N   1 
ATOM   1140 C  CA  . LEU B 1 68 ? -1.01006  -6.94276  7.17772   1.000 25.47713  ? 68  LEU B CA  1 
ATOM   1141 C  C   . LEU B 1 68 ? -1.83977  -8.20822  7.28204   1.000 27.82576  ? 68  LEU B C   1 
ATOM   1142 O  O   . LEU B 1 68 ? -1.30498  -9.31771  7.18528   1.000 26.21214  ? 68  LEU B O   1 
ATOM   1143 C  CB  . LEU B 1 68 ? -0.64918  -6.67949  5.70913   1.000 25.84015  ? 68  LEU B CB  1 
ATOM   1144 C  CG  . LEU B 1 68 ? -1.83471  -6.27180  4.82858   1.000 28.40466  ? 68  LEU B CG  1 
ATOM   1145 C  CD1 . LEU B 1 68 ? -1.44372  -5.09157  3.93744   1.000 29.20298  ? 68  LEU B CD1 1 
ATOM   1146 C  CD2 . LEU B 1 68 ? -2.30963  -7.45000  4.01163   1.000 34.56047  ? 68  LEU B CD2 1 
ATOM   1147 N  N   . PHE B 1 69 ? -3.14471  -8.04585  7.45230   1.000 22.21518  ? 69  PHE B N   1 
ATOM   1148 C  CA  . PHE B 1 69 ? -4.05099  -9.18059  7.51471   1.000 27.87811  ? 69  PHE B CA  1 
ATOM   1149 C  C   . PHE B 1 69 ? -4.98409  -9.12402  6.31753   1.000 31.77684  ? 69  PHE B C   1 
ATOM   1150 O  O   . PHE B 1 69 ? -5.66876  -8.11743  6.09468   1.000 27.66491  ? 69  PHE B O   1 
ATOM   1151 C  CB  . PHE B 1 69 ? -4.78882  -9.19247  8.85222   1.000 31.43728  ? 69  PHE B CB  1 
ATOM   1152 C  CG  . PHE B 1 69 ? -3.84913  -9.23375  10.02443  1.000 39.49808  ? 69  PHE B CG  1 
ATOM   1153 C  CD1 . PHE B 1 69 ? -3.16477  -10.39850 10.33641  1.000 41.59346  ? 69  PHE B CD1 1 
ATOM   1154 C  CD2 . PHE B 1 69 ? -3.59389  -8.09479  10.77074  1.000 39.09591  ? 69  PHE B CD2 1 
ATOM   1155 C  CE1 . PHE B 1 69 ? -2.27885  -10.43747 11.39423  1.000 41.77300  ? 69  PHE B CE1 1 
ATOM   1156 C  CE2 . PHE B 1 69 ? -2.70499  -8.12603  11.82879  1.000 38.19534  ? 69  PHE B CE2 1 
ATOM   1157 C  CZ  . PHE B 1 69 ? -2.04958  -9.29741  12.14324  1.000 42.54730  ? 69  PHE B CZ  1 
ATOM   1158 N  N   . ASP B 1 70 ? -4.96086  -10.19537 5.52723   1.000 34.44471  ? 70  ASP B N   1 
ATOM   1159 C  CA  . ASP B 1 70 ? -5.71394  -10.34405 4.28822   1.000 45.35012  ? 70  ASP B CA  1 
ATOM   1160 C  C   . ASP B 1 70 ? -6.32741  -11.73641 4.35723   1.000 53.25413  ? 70  ASP B C   1 
ATOM   1161 O  O   . ASP B 1 70 ? -5.67921  -12.72901 4.01669   1.000 59.74242  ? 70  ASP B O   1 
ATOM   1162 C  CB  . ASP B 1 70 ? -4.80489  -10.17825 3.07093   1.000 48.80226  ? 70  ASP B CB  1 
ATOM   1163 C  CG  . ASP B 1 70 ? -5.50785  -10.49128 1.76279   1.000 60.50189  ? 70  ASP B CG  1 
ATOM   1164 O  OD1 . ASP B 1 70 ? -6.75374  -10.60951 1.75320   1.000 65.63370  ? 70  ASP B OD1 1 
ATOM   1165 O  OD2 . ASP B 1 70 ? -4.80458  -10.62184 0.73758   1.000 62.89140  ? 70  ASP B OD2 1 
ATOM   1166 N  N   . TYR B 1 71 ? -7.57157  -11.81036 4.81876   1.000 54.84628  ? 71  TYR B N   1 
ATOM   1167 C  CA  . TYR B 1 71 ? -8.30711  -13.06578 4.85803   1.000 63.02311  ? 71  TYR B CA  1 
ATOM   1168 C  C   . TYR B 1 71 ? -9.08647  -13.31320 3.57590   1.000 65.55606  ? 71  TYR B C   1 
ATOM   1169 O  O   . TYR B 1 71 ? -10.08954 -14.03964 3.58932   1.000 67.29759  ? 71  TYR B O   1 
ATOM   1170 C  CB  . TYR B 1 71 ? -9.21684  -13.08631 6.08532   1.000 62.94333  ? 71  TYR B CB  1 
ATOM   1171 C  CG  . TYR B 1 71 ? -8.43537  -12.83138 7.35474   1.000 65.25803  ? 71  TYR B CG  1 
ATOM   1172 C  CD1 . TYR B 1 71 ? -8.62577  -11.67258 8.09558   1.000 62.82101  ? 71  TYR B CD1 1 
ATOM   1173 C  CD2 . TYR B 1 71 ? -7.47636  -13.73615 7.78958   1.000 68.54845  ? 71  TYR B CD2 1 
ATOM   1174 C  CE1 . TYR B 1 71 ? -7.89959  -11.43488 9.24762   1.000 67.06769  ? 71  TYR B CE1 1 
ATOM   1175 C  CE2 . TYR B 1 71 ? -6.74549  -13.50747 8.93825   1.000 71.47722  ? 71  TYR B CE2 1 
ATOM   1176 C  CZ  . TYR B 1 71 ? -6.96024  -12.35632 9.66414   1.000 70.52862  ? 71  TYR B CZ  1 
ATOM   1177 O  OH  . TYR B 1 71 ? -6.23288  -12.12653 10.81073  1.000 72.75060  ? 71  TYR B OH  1 
ATOM   1178 N  N   . GLN B 1 72 ? -8.63476  -12.71766 2.46756   1.000 69.70860  ? 72  GLN B N   1 
ATOM   1179 C  CA  . GLN B 1 72 ? -9.20351  -12.93010 1.13618   1.000 73.19486  ? 72  GLN B CA  1 
ATOM   1180 C  C   . GLN B 1 72 ? -10.70375 -12.64029 1.11671   1.000 69.96566  ? 72  GLN B C   1 
ATOM   1181 O  O   . GLN B 1 72 ? -11.51442 -13.44769 0.65611   1.000 72.01650  ? 72  GLN B O   1 
ATOM   1182 C  CB  . GLN B 1 72 ? -8.89976  -14.34332 0.63298   1.000 82.86492  ? 72  GLN B CB  1 
ATOM   1183 C  CG  . GLN B 1 72 ? -7.43731  -14.73814 0.78715   1.000 87.95195  ? 72  GLN B CG  1 
ATOM   1184 C  CD  . GLN B 1 72 ? -7.26334  -16.12727 1.36453   1.000 96.72406  ? 72  GLN B CD  1 
ATOM   1185 O  OE1 . GLN B 1 72 ? -7.98788  -17.05583 1.00686   1.000 99.44384  ? 72  GLN B OE1 1 
ATOM   1186 N  NE2 . GLN B 1 72 ? -6.29989  -16.27685 2.26628   1.000 98.21878  ? 72  GLN B NE2 1 
ATOM   1187 N  N   . GLY B 1 73 ? -11.06901 -11.46401 1.61996   1.000 54.84782  ? 73  GLY B N   1 
ATOM   1188 C  CA  . GLY B 1 73 ? -12.46054 -11.06585 1.64581   1.000 45.48446  ? 73  GLY B CA  1 
ATOM   1189 C  C   . GLY B 1 73 ? -12.70626 -9.64205  1.19045   1.000 33.58123  ? 73  GLY B C   1 
ATOM   1190 O  O   . GLY B 1 73 ? -12.15721 -9.18846  0.17949   1.000 38.78955  ? 73  GLY B O   1 
ATOM   1191 N  N   . ASP B 1 74 ? -13.54072 -8.92936  1.93877   1.000 29.05391  ? 74  ASP B N   1 
ATOM   1192 C  CA  . ASP B 1 74 ? -13.95708 -7.57648  1.60766   1.000 27.39885  ? 74  ASP B CA  1 
ATOM   1193 C  C   . ASP B 1 74 ? -13.00988 -6.51082  2.14192   1.000 22.56959  ? 74  ASP B C   1 
ATOM   1194 O  O   . ASP B 1 74 ? -13.24928 -5.33150  1.89910   1.000 23.93621  ? 74  ASP B O   1 
ATOM   1195 C  CB  . ASP B 1 74 ? -15.37411 -7.31196  2.15185   1.000 30.18105  ? 74  ASP B CB  1 
ATOM   1196 C  CG  . ASP B 1 74 ? -15.96644 -5.97251  1.66590   1.000 41.69790  ? 74  ASP B CG  1 
ATOM   1197 O  OD1 . ASP B 1 74 ? -16.22475 -5.82965  0.44663   1.000 39.02396  ? 74  ASP B OD1 1 
ATOM   1198 O  OD2 . ASP B 1 74 ? -16.16992 -5.05065  2.50386   1.000 41.36795  ? 74  ASP B OD2 1 
ATOM   1199 N  N   . PHE B 1 75 ? -11.96826 -6.87844  2.88066   1.000 24.56172  ? 75  PHE B N   1 
ATOM   1200 C  CA  . PHE B 1 75 ? -11.16655 -5.84754  3.53535   1.000 21.76483  ? 75  PHE B CA  1 
ATOM   1201 C  C   . PHE B 1 75 ? -9.72257  -6.30303  3.71529   1.000 22.26615  ? 75  PHE B C   1 
ATOM   1202 O  O   . PHE B 1 75 ? -9.40237  -7.49621  3.65583   1.000 23.81156  ? 75  PHE B O   1 
ATOM   1203 C  CB  . PHE B 1 75 ? -11.76474 -5.45431  4.89843   1.000 22.37582  ? 75  PHE B CB  1 
ATOM   1204 C  CG  . PHE B 1 75 ? -11.59569 -6.50519  5.96416   1.000 22.24992  ? 75  PHE B CG  1 
ATOM   1205 C  CD1 . PHE B 1 75 ? -12.52680 -7.51790  6.09581   1.000 23.19052  ? 75  PHE B CD1 1 
ATOM   1206 C  CD2 . PHE B 1 75 ? -10.52443 -6.46974  6.83868   1.000 23.89440  ? 75  PHE B CD2 1 
ATOM   1207 C  CE1 . PHE B 1 75 ? -12.37674 -8.49391  7.08074   1.000 26.15270  ? 75  PHE B CE1 1 
ATOM   1208 C  CE2 . PHE B 1 75 ? -10.36598 -7.44118  7.81095   1.000 26.09918  ? 75  PHE B CE2 1 
ATOM   1209 C  CZ  . PHE B 1 75 ? -11.29264 -8.45570  7.92900   1.000 25.38383  ? 75  PHE B CZ  1 
ATOM   1210 N  N   . LEU B 1 76 ? -8.85610  -5.31261  3.94329   1.000 20.64171  ? 76  LEU B N   1 
ATOM   1211 C  CA  . LEU B 1 76 ? -7.48851  -5.50155  4.40331   1.000 22.66003  ? 76  LEU B CA  1 
ATOM   1212 C  C   . LEU B 1 76 ? -7.30799  -4.69982  5.67859   1.000 22.18086  ? 76  LEU B C   1 
ATOM   1213 O  O   . LEU B 1 76 ? -7.90819  -3.62844  5.83964   1.000 22.10573  ? 76  LEU B O   1 
ATOM   1214 C  CB  . LEU B 1 76 ? -6.44857  -5.01978  3.37321   1.000 27.00229  ? 76  LEU B CB  1 
ATOM   1215 C  CG  . LEU B 1 76 ? -6.36101  -5.64007  1.98205   1.000 36.61070  ? 76  LEU B CG  1 
ATOM   1216 C  CD1 . LEU B 1 76 ? -5.47675  -4.76791  1.10955   1.000 31.14948  ? 76  LEU B CD1 1 
ATOM   1217 C  CD2 . LEU B 1 76 ? -5.80352  -7.03797  2.07095   1.000 38.59792  ? 76  LEU B CD2 1 
ATOM   1218 N  N   . GLU B 1 77 ? -6.47352  -5.20646  6.58502   1.000 21.06687  ? 77  GLU B N   1 
ATOM   1219 C  CA  . GLU B 1 77 ? -6.19563  -4.49869  7.82915   1.000 20.38488  ? 77  GLU B CA  1 
ATOM   1220 C  C   . GLU B 1 77 ? -4.69395  -4.48251  8.07056   1.000 20.92541  ? 77  GLU B C   1 
ATOM   1221 O  O   . GLU B 1 77 ? -4.02632  -5.51510  7.93984   1.000 22.33155  ? 77  GLU B O   1 
ATOM   1222 C  CB  . GLU B 1 77 ? -6.92650  -5.14345  9.02071   1.000 26.37628  ? 77  GLU B CB  1 
ATOM   1223 C  CG  . GLU B 1 77 ? -7.41196  -4.14810  10.06665  1.000 33.75520  ? 77  GLU B CG  1 
ATOM   1224 C  CD  . GLU B 1 77 ? -8.46140  -4.73164  11.01267  1.000 39.97700  ? 77  GLU B CD  1 
ATOM   1225 O  OE1 . GLU B 1 77 ? -9.34313  -3.96417  11.48075  1.000 41.60682  ? 77  GLU B OE1 1 
ATOM   1226 O  OE2 . GLU B 1 77 ? -8.39584  -5.94794  11.29504  1.000 37.98407  ? 77  GLU B OE2 1 
ATOM   1227 N  N   . VAL B 1 78 ? -4.16808  -3.30534  8.37669   1.000 19.54049  ? 78  VAL B N   1 
ATOM   1228 C  CA  . VAL B 1 78 ? -2.75621  -3.11167  8.69195   1.000 19.03778  ? 78  VAL B CA  1 
ATOM   1229 C  C   . VAL B 1 78 ? -2.62177  -2.87911  10.19394  1.000 20.68458  ? 78  VAL B C   1 
ATOM   1230 O  O   . VAL B 1 78 ? -3.37767  -2.09106  10.77386  1.000 20.14475  ? 78  VAL B O   1 
ATOM   1231 C  CB  . VAL B 1 78 ? -2.16894  -1.93936  7.89123   1.000 19.95699  ? 78  VAL B CB  1 
ATOM   1232 C  CG1 . VAL B 1 78 ? -0.70057  -1.73271  8.24056   1.000 23.34107  ? 78  VAL B CG1 1 
ATOM   1233 C  CG2 . VAL B 1 78 ? -2.30387  -2.21396  6.40891   1.000 23.55803  ? 78  VAL B CG2 1 
ATOM   1234 N  N   . PHE B 1 79 ? -1.67523  -3.57547  10.82612  1.000 19.52224  ? 79  PHE B N   1 
ATOM   1235 C  CA  . PHE B 1 79 ? -1.38963  -3.42073  12.25095  1.000 21.08436  ? 79  PHE B CA  1 
ATOM   1236 C  C   . PHE B 1 79 ? -0.10165  -2.62480  12.44559  1.000 19.92094  ? 79  PHE B C   1 
ATOM   1237 O  O   . PHE B 1 79 ? 0.96346   -3.04493  11.98060  1.000 20.80970  ? 79  PHE B O   1 
ATOM   1238 C  CB  . PHE B 1 79 ? -1.25135  -4.78528  12.92851  1.000 21.72454  ? 79  PHE B CB  1 
ATOM   1239 C  CG  . PHE B 1 79 ? -0.90984  -4.70187  14.39765  1.000 23.89162  ? 79  PHE B CG  1 
ATOM   1240 C  CD1 . PHE B 1 79 ? -1.84550  -4.22564  15.31283  1.000 26.88857  ? 79  PHE B CD1 1 
ATOM   1241 C  CD2 . PHE B 1 79 ? 0.33205   -5.10632  14.86319  1.000 25.60745  ? 79  PHE B CD2 1 
ATOM   1242 C  CE1 . PHE B 1 79 ? -1.54661  -4.15085  16.68008  1.000 27.98677  ? 79  PHE B CE1 1 
ATOM   1243 C  CE2 . PHE B 1 79 ? 0.63857   -5.03135  16.23096  1.000 26.16056  ? 79  PHE B CE2 1 
ATOM   1244 C  CZ  . PHE B 1 79 ? -0.30371  -4.54970  17.12960  1.000 26.71117  ? 79  PHE B CZ  1 
ATOM   1245 N  N   . LEU B 1 80 ? -0.19925  -1.49086  13.14079  1.000 18.41663  ? 80  LEU B N   1 
ATOM   1246 C  CA  . LEU B 1 80 ? 0.93456   -0.63665  13.49361  1.000 19.27403  ? 80  LEU B CA  1 
ATOM   1247 C  C   . LEU B 1 80 ? 1.23723   -0.80466  14.97585  1.000 22.14131  ? 80  LEU B C   1 
ATOM   1248 O  O   . LEU B 1 80 ? 0.50916   -0.25749  15.82193  1.000 21.53977  ? 80  LEU B O   1 
ATOM   1249 C  CB  . LEU B 1 80 ? 0.62886   0.83180   13.18319  1.000 20.73576  ? 80  LEU B CB  1 
ATOM   1250 C  CG  . LEU B 1 80 ? 0.03516   1.10205   11.79523  1.000 18.97457  ? 80  LEU B CG  1 
ATOM   1251 C  CD1 . LEU B 1 80 ? -0.23090  2.59209   11.62881  1.000 20.38809  ? 80  LEU B CD1 1 
ATOM   1252 C  CD2 . LEU B 1 80 ? 0.95385   0.58972   10.70677  1.000 23.26939  ? 80  LEU B CD2 1 
ATOM   1253 N  N   . PRO B 1 81 ? 2.27888   -1.54231  15.34863  1.000 21.39843  ? 81  PRO B N   1 
ATOM   1254 C  CA  . PRO B 1 81 ? 2.59801   -1.68609  16.77826  1.000 22.00003  ? 81  PRO B CA  1 
ATOM   1255 C  C   . PRO B 1 81 ? 2.89355   -0.34263  17.42369  1.000 21.18017  ? 81  PRO B C   1 
ATOM   1256 O  O   . PRO B 1 81 ? 3.44821   0.56946   16.80655  1.000 22.02796  ? 81  PRO B O   1 
ATOM   1257 C  CB  . PRO B 1 81 ? 3.85048   -2.57346  16.78575  1.000 24.11828  ? 81  PRO B CB  1 
ATOM   1258 C  CG  . PRO B 1 81 ? 3.99265   -3.11121  15.40679  1.000 25.99783  ? 81  PRO B CG  1 
ATOM   1259 C  CD  . PRO B 1 81 ? 3.28270   -2.17458  14.47833  1.000 21.46492  ? 81  PRO B CD  1 
ATOM   1260 N  N   . HIS B 1 82 ? 2.52846   -0.22190  18.70268  1.000 22.03258  ? 82  HIS B N   1 
ATOM   1261 C  CA  . HIS B 1 82 ? 2.83316   1.00815   19.41973  1.000 22.90583  ? 82  HIS B CA  1 
ATOM   1262 C  C   . HIS B 1 82 ? 4.33060   1.17304   19.64145  1.000 23.89179  ? 82  HIS B C   1 
ATOM   1263 O  O   . HIS B 1 82 ? 4.83606   2.29830   19.62372  1.000 27.84256  ? 82  HIS B O   1 
ATOM   1264 C  CB  . HIS B 1 82 ? 2.12275   1.03038   20.77984  1.000 25.95300  ? 82  HIS B CB  1 
ATOM   1265 C  CG  . HIS B 1 82 ? 0.62745   1.16029   20.70350  1.000 26.98678  ? 82  HIS B CG  1 
ATOM   1266 N  ND1 . HIS B 1 82 ? -0.01076  2.01642   19.83178  1.000 27.18797  ? 82  HIS B ND1 1 
ATOM   1267 C  CD2 . HIS B 1 82 ? -0.35294  0.55635   21.41718  1.000 26.13961  ? 82  HIS B CD2 1 
ATOM   1268 C  CE1 . HIS B 1 82 ? -1.31855  1.92424   20.00060  1.000 27.76930  ? 82  HIS B CE1 1 
ATOM   1269 N  NE2 . HIS B 1 82 ? -1.55334  1.04584   20.95863  1.000 29.25645  ? 82  HIS B NE2 1 
ATOM   1270 N  N   . LYS B 1 83 ? 5.04091   0.06902   19.85255  1.000 26.96901  ? 83  LYS B N   1 
ATOM   1271 C  CA  . LYS B 1 83 ? 6.43699   0.03297   20.26412  1.000 30.26035  ? 83  LYS B CA  1 
ATOM   1272 C  C   . LYS B 1 83 ? 7.31401   -0.55095  19.16419  1.000 27.91645  ? 83  LYS B C   1 
ATOM   1273 O  O   . LYS B 1 83 ? 6.88015   -1.44447  18.42857  1.000 26.84365  ? 83  LYS B O   1 
ATOM   1274 C  CB  . LYS B 1 83 ? 6.60312   -0.81412  21.53200  1.000 36.53093  ? 83  LYS B CB  1 
ATOM   1275 C  CG  . LYS B 1 83 ? 6.12356   -0.13431  22.80761  1.000 39.08950  ? 83  LYS B CG  1 
ATOM   1276 C  CD  . LYS B 1 83 ? 6.30955   1.36982   22.73606  1.000 41.50598  ? 83  LYS B CD  1 
ATOM   1277 C  CE  . LYS B 1 83 ? 5.29581   2.09440   23.60723  1.000 54.89198  ? 83  LYS B CE  1 
ATOM   1278 N  NZ  . LYS B 1 83 ? 5.81891   3.41146   24.06453  1.000 59.64500  ? 83  LYS B NZ  1 
ATOM   1279 N  N   . PRO B 1 84 ? 8.55010   -0.07229  19.03530  1.000 29.54071  ? 84  PRO B N   1 
ATOM   1280 C  CA  . PRO B 1 84 ? 9.48899   -0.68300  18.08843  1.000 28.67258  ? 84  PRO B CA  1 
ATOM   1281 C  C   . PRO B 1 84 ? 9.85139   -2.09550  18.51168  1.000 34.00652  ? 84  PRO B C   1 
ATOM   1282 O  O   . PRO B 1 84 ? 9.69068   -2.49115  19.66766  1.000 35.33827  ? 84  PRO B O   1 
ATOM   1283 C  CB  . PRO B 1 84 ? 10.71159  0.24292   18.14023  1.000 33.97833  ? 84  PRO B CB  1 
ATOM   1284 C  CG  . PRO B 1 84 ? 10.57846  1.00526   19.41944  1.000 37.09016  ? 84  PRO B CG  1 
ATOM   1285 C  CD  . PRO B 1 84 ? 9.10986   1.11643   19.69936  1.000 31.54518  ? 84  PRO B CD  1 
ATOM   1286 N  N   . SER B 1 85 ? 10.34690  -2.86553  17.54116  1.000 31.33446  ? 85  SER B N   1 
ATOM   1287 C  CA  . SER B 1 85 ? 10.64391  -4.27086  17.79743  1.000 35.77076  ? 85  SER B CA  1 
ATOM   1288 C  C   . SER B 1 85 ? 11.78243  -4.43689  18.79571  1.000 43.79656  ? 85  SER B C   1 
ATOM   1289 O  O   . SER B 1 85 ? 11.79423  -5.40525  19.56361  1.000 49.59611  ? 85  SER B O   1 
ATOM   1290 C  CB  . SER B 1 85 ? 10.97473  -4.98427  16.48800  1.000 37.33319  ? 85  SER B CB  1 
ATOM   1291 O  OG  . SER B 1 85 ? 11.93185  -4.26060  15.74228  1.000 42.09149  ? 85  SER B OG  1 
ATOM   1292 N  N   . LYS B 1 86 ? 12.73478  -3.51052  18.81188  1.000 43.04056  ? 86  LYS B N   1 
ATOM   1293 C  CA  . LYS B 1 86 ? 13.84817  -3.58916  19.75447  1.000 59.04588  ? 86  LYS B CA  1 
ATOM   1294 C  C   . LYS B 1 86 ? 13.74107  -2.50649  20.82342  1.000 66.89193  ? 86  LYS B C   1 
ATOM   1295 O  O   . LYS B 1 86 ? 13.32441  -2.77385  21.95114  1.000 75.50753  ? 86  LYS B O   1 
ATOM   1296 C  CB  . LYS B 1 86 ? 15.18589  -3.47369  19.02131  1.000 62.48782  ? 86  LYS B CB  1 
ATOM   1297 C  CG  . LYS B 1 86 ? 15.41587  -2.12836  18.35179  1.000 68.28424  ? 86  LYS B CG  1 
ATOM   1298 C  CD  . LYS B 1 86 ? 16.59843  -2.18651  17.39649  1.000 67.70538  ? 86  LYS B CD  1 
ATOM   1299 C  CE  . LYS B 1 86 ? 17.45667  -0.93626  17.50251  1.000 62.69151  ? 86  LYS B CE  1 
ATOM   1300 N  NZ  . LYS B 1 86 ? 16.96237  0.15041   16.61020  1.000 59.74415  ? 86  LYS B NZ  1 
HETATM 1301 O  O   . HOH C 2 .  ? 14.21972  6.17564   -6.77639  1.000 32.79796  ? 101 HOH A O   1 
HETATM 1302 O  O   . HOH C 2 .  ? 2.65718   -3.24647  -15.76388 1.000 27.81863  ? 102 HOH A O   1 
HETATM 1303 O  O   . HOH C 2 .  ? 10.06431  5.15067   -15.44157 1.000 41.82955  ? 103 HOH A O   1 
HETATM 1304 O  O   . HOH C 2 .  ? 10.58430  -1.81015  -8.33015  1.000 26.89421  ? 104 HOH A O   1 
HETATM 1305 O  O   . HOH C 2 .  ? 11.84938  4.03747   -12.86207 1.000 27.95023  ? 105 HOH A O   1 
HETATM 1306 O  O   . HOH C 2 .  ? 2.21766   -5.93658  -16.43832 1.000 33.17637  ? 106 HOH A O   1 
HETATM 1307 O  O   . HOH C 2 .  ? 4.79238   14.50990  -2.93557  1.000 22.99952  ? 107 HOH A O   1 
HETATM 1308 O  O   . HOH C 2 .  ? -11.34305 -1.61883  -15.70978 1.000 27.80433  ? 108 HOH A O   1 
HETATM 1309 O  O   . HOH C 2 .  ? 15.57418  13.41243  6.90484   1.000 32.32842  ? 109 HOH A O   1 
HETATM 1310 O  O   . HOH C 2 .  ? 6.13063   -9.04760  -11.12395 1.000 26.32148  ? 110 HOH A O   1 
HETATM 1311 O  O   . HOH C 2 .  ? 9.17572   14.49107  3.68252   1.000 33.41732  ? 111 HOH A O   1 
HETATM 1312 O  O   . HOH C 2 .  ? 2.16351   6.18679   -11.51450 1.000 26.82606  ? 112 HOH A O   1 
HETATM 1313 O  O   . HOH C 2 .  ? -5.65435  8.70278   -0.16505  1.000 30.56305  ? 113 HOH A O   1 
HETATM 1314 O  O   . HOH C 2 .  ? -9.58619  4.59591   -9.63496  1.000 26.46090  ? 114 HOH A O   1 
HETATM 1315 O  O   . HOH C 2 .  ? 8.67874   12.98036  15.13112  1.000 38.33664  ? 115 HOH A O   1 
HETATM 1316 O  O   . HOH C 2 .  ? 19.53457  -0.24189  -1.56663  1.000 22.87790  ? 116 HOH A O   1 
HETATM 1317 O  O   . HOH C 2 .  ? 12.57792  14.24498  -4.22758  1.000 28.08456  ? 117 HOH A O   1 
HETATM 1318 O  O   . HOH C 2 .  ? 4.79587   7.84655   -12.14675 1.000 23.63283  ? 118 HOH A O   1 
HETATM 1319 O  O   . HOH C 2 .  ? 3.52136   10.48741  6.25122   1.000 26.62485  ? 119 HOH A O   1 
HETATM 1320 O  O   . HOH C 2 .  ? 14.93990  4.19832   -5.42329  1.000 27.17011  ? 120 HOH A O   1 
HETATM 1321 O  O   . HOH C 2 .  ? 0.20276   10.76926  2.76366   1.000 32.01467  ? 121 HOH A O   1 
HETATM 1322 O  O   . HOH C 2 .  ? -2.40379  9.31791   -4.71628  1.000 31.86173  ? 122 HOH A O   1 
HETATM 1323 O  O   . HOH C 2 .  ? 10.27267  13.37010  8.94555   1.000 23.79353  ? 123 HOH A O   1 
HETATM 1324 O  O   . HOH C 2 .  ? -2.16447  -5.85072  -17.71972 1.000 32.55398  ? 124 HOH A O   1 
HETATM 1325 O  O   . HOH C 2 .  ? 8.97980   1.45853   -14.32803 1.000 34.63039  ? 125 HOH A O   1 
HETATM 1326 O  O   . HOH C 2 .  ? -8.98393  6.21380   -12.10054 1.000 33.00221  ? 126 HOH A O   1 
HETATM 1327 O  O   . HOH C 2 .  ? 6.10679   -0.71921  -16.93608 1.000 29.58774  ? 127 HOH A O   1 
HETATM 1328 O  O   . HOH C 2 .  ? 6.80159   6.63610   -16.29115 1.000 32.04023  ? 128 HOH A O   1 
HETATM 1329 O  O   . HOH C 2 .  ? 21.54646  4.79079   -3.13559  1.000 35.36775  ? 129 HOH A O   1 
HETATM 1330 O  O   . HOH C 2 .  ? -1.03915  6.44099   -10.63087 1.000 30.42872  ? 130 HOH A O   1 
HETATM 1331 O  O   . HOH C 2 .  ? 12.73416  -2.20525  -10.10490 1.000 29.91814  ? 131 HOH A O   1 
HETATM 1332 O  O   . HOH C 2 .  ? 14.43254  2.25674   -9.90777  1.000 32.24932  ? 132 HOH A O   1 
HETATM 1333 O  O   . HOH C 2 .  ? -7.86409  8.89346   10.37942  1.000 31.76894  ? 133 HOH A O   1 
HETATM 1334 O  O   . HOH C 2 .  ? 7.04140   -2.95069  -8.29566  1.000 26.53999  ? 134 HOH A O   1 
HETATM 1335 O  O   . HOH C 2 .  ? -4.47299  -2.54484  -18.14044 1.000 30.81194  ? 135 HOH A O   1 
HETATM 1336 O  O   . HOH C 2 .  ? 0.20243   -9.53974  -16.24601 1.000 35.70806  ? 136 HOH A O   1 
HETATM 1337 O  O   . HOH C 2 .  ? 12.41967  -3.12687  -12.40905 1.000 43.75990  ? 137 HOH A O   1 
HETATM 1338 O  O   . HOH C 2 .  ? 0.19009   -7.19993  -17.52087 1.000 34.51302  ? 138 HOH A O   1 
HETATM 1339 O  O   . HOH D 2 .  ? -12.68566 1.35033   4.83795   1.000 30.46559  ? 101 HOH B O   1 
HETATM 1340 O  O   . HOH D 2 .  ? 3.48980   -6.89084  14.76982  1.000 33.49379  ? 102 HOH B O   1 
HETATM 1341 O  O   . HOH D 2 .  ? -15.14019 4.67406   -2.83172  1.000 25.42003  ? 103 HOH B O   1 
HETATM 1342 O  O   . HOH D 2 .  ? -4.65126  -6.10848  -16.53056 1.000 33.54542  ? 104 HOH B O   1 
HETATM 1343 O  O   . HOH D 2 .  ? 8.66267   6.55943   16.00330  1.000 39.84671  ? 105 HOH B O   1 
HETATM 1344 O  O   . HOH D 2 .  ? -6.75327  -4.22104  22.64002  1.000 36.84044  ? 106 HOH B O   1 
HETATM 1345 O  O   . HOH D 2 .  ? 17.19017  2.48875   9.03648   1.000 26.86548  ? 107 HOH B O   1 
HETATM 1346 O  O   . HOH D 2 .  ? 17.23128  -0.33990  8.61794   1.000 24.90991  ? 108 HOH B O   1 
HETATM 1347 O  O   . HOH D 2 .  ? -13.37234 0.35615   7.29881   1.000 31.20062  ? 109 HOH B O   1 
HETATM 1348 O  O   . HOH D 2 .  ? 12.88682  -5.83121  9.34307   1.000 36.75442  ? 110 HOH B O   1 
HETATM 1349 O  O   . HOH D 2 .  ? -13.25671 6.18461   8.98225   1.000 24.84848  ? 111 HOH B O   1 
HETATM 1350 O  O   . HOH D 2 .  ? 9.08032   -6.31836  -0.80532  1.000 29.54090  ? 112 HOH B O   1 
HETATM 1351 O  O   . HOH D 2 .  ? -11.61261 4.31090   -4.74788  1.000 26.04365  ? 113 HOH B O   1 
HETATM 1352 O  O   . HOH D 2 .  ? 7.27247   -3.45834  16.47464  1.000 25.69842  ? 114 HOH B O   1 
HETATM 1353 O  O   . HOH D 2 .  ? 4.46659   -8.54045  -1.47736  1.000 27.43901  ? 115 HOH B O   1 
HETATM 1354 O  O   . HOH D 2 .  ? -15.09401 -4.15869  7.76005   1.000 35.80653  ? 116 HOH B O   1 
HETATM 1355 O  O   . HOH D 2 .  ? 6.95425   -4.32336  8.60034   1.000 26.01128  ? 117 HOH B O   1 
HETATM 1356 O  O   . HOH D 2 .  ? -9.93777  3.60338   18.77571  1.000 25.38485  ? 118 HOH B O   1 
HETATM 1357 O  O   . HOH D 2 .  ? 3.64983   -2.59905  20.58064  1.000 36.15233  ? 119 HOH B O   1 
HETATM 1358 O  O   . HOH D 2 .  ? -1.75239  -10.12391 -9.28160  1.000 37.15916  ? 120 HOH B O   1 
HETATM 1359 O  O   . HOH D 2 .  ? 14.47994  -2.95086  10.91196  1.000 35.61584  ? 121 HOH B O   1 
HETATM 1360 O  O   . HOH D 2 .  ? 13.53853  -5.72791  0.70813   1.000 27.14253  ? 122 HOH B O   1 
HETATM 1361 O  O   . HOH D 2 .  ? 8.96273   -5.65510  1.89193   1.000 28.19943  ? 123 HOH B O   1 
HETATM 1362 O  O   . HOH D 2 .  ? -3.51240  -5.41068  20.39293  1.000 41.60249  ? 124 HOH B O   1 
# 
